data_8G0W
#
_entry.id   8G0W
#
_cell.length_a   103.511
_cell.length_b   90.675
_cell.length_c   107.212
_cell.angle_alpha   90.000
_cell.angle_beta   113.260
_cell.angle_gamma   90.000
#
_symmetry.space_group_name_H-M   'P 1 21 1'
#
loop_
_entity.id
_entity.type
_entity.pdbx_description
1 polymer VP1
2 polymer 'Nanobody M4'
3 water water
#
loop_
_entity_poly.entity_id
_entity_poly.type
_entity_poly.pdbx_seq_one_letter_code
_entity_poly.pdbx_strand_id
1 'polypeptide(L)'
;ESRTKPFSVPVLTVEEMTNSRFPIPLEKLFTGPSSAFVVQPQNGRCTTDGVLLGTTQLSPVNICTFRGDVTHITGSRNYT
MNLASQNWNDYDPTEEIPAPLGTPDFVGKIQGVLTQTTRTDGSTRGHKATVYTGSADFAPKLGRVQFETDTDRDFEANQN
TKFTPVGVIQDGGTTHRNEPQQWVLPSYSGRNTHNVHLAPAVAPTFPGEQLLFFRSTMPGCSGYPNMDLDCLLPQEWVQY
FYQEAAPAQSDVALLRFVNPDTGRVLFECKLHKSGYVTVAHTGQHDLVIPPNGYFRFDSWVNQFYTLAPMG
;
A,B,E,F
2 'polypeptide(L)'
;QVKLQQSGGGLVQPGGSLRLSCAASESTISINTLGWYRQAPGNQRELVATITTGGTTNYADSVKGRFTISRDNAKNTVYL
QMNNLEPGDTAVYYCNLKRRDLQSRFGGYWGQGTQVTVSS
;
C,D,G,H
#
# COMPACT_ATOMS: atom_id res chain seq x y z
N PRO A 6 24.13 -37.43 -1.26
CA PRO A 6 23.67 -38.04 -0.02
C PRO A 6 23.02 -37.02 0.92
N PHE A 7 22.23 -37.51 1.88
CA PHE A 7 21.53 -36.67 2.82
C PHE A 7 22.17 -36.74 4.19
N SER A 8 22.06 -35.65 4.94
CA SER A 8 22.58 -35.58 6.30
C SER A 8 21.98 -34.37 7.00
N VAL A 9 22.07 -34.38 8.32
CA VAL A 9 21.66 -33.23 9.14
C VAL A 9 22.91 -32.70 9.85
N PRO A 10 23.00 -31.41 10.11
CA PRO A 10 24.22 -30.87 10.74
C PRO A 10 24.39 -31.37 12.17
N VAL A 11 25.64 -31.59 12.55
CA VAL A 11 25.98 -32.05 13.90
C VAL A 11 25.92 -30.87 14.86
N LEU A 12 24.76 -30.66 15.48
CA LEU A 12 24.57 -29.54 16.40
C LEU A 12 23.63 -29.97 17.51
N THR A 13 23.89 -29.48 18.72
CA THR A 13 22.99 -29.71 19.83
C THR A 13 21.76 -28.80 19.72
N VAL A 14 20.72 -29.15 20.48
CA VAL A 14 19.47 -28.40 20.42
C VAL A 14 19.71 -26.94 20.82
N GLU A 15 20.47 -26.72 21.89
CA GLU A 15 20.71 -25.38 22.40
C GLU A 15 21.68 -24.57 21.55
N GLU A 16 22.27 -25.16 20.51
CA GLU A 16 23.15 -24.44 19.61
C GLU A 16 22.44 -23.95 18.35
N MET A 17 21.17 -24.30 18.17
CA MET A 17 20.41 -23.95 16.98
C MET A 17 19.40 -22.85 17.28
N THR A 18 18.82 -22.30 16.22
CA THR A 18 17.98 -21.13 16.29
C THR A 18 16.55 -21.47 15.87
N ASN A 19 15.58 -20.90 16.58
CA ASN A 19 14.18 -21.03 16.18
C ASN A 19 13.97 -20.39 14.82
N SER A 20 13.22 -21.06 13.96
CA SER A 20 12.98 -20.59 12.61
C SER A 20 11.77 -19.68 12.49
N ARG A 21 10.98 -19.52 13.55
CA ARG A 21 9.83 -18.64 13.54
C ARG A 21 10.04 -17.36 14.35
N PHE A 22 11.17 -17.26 15.07
CA PHE A 22 11.54 -16.05 15.81
C PHE A 22 13.04 -16.09 16.00
N PRO A 23 13.74 -14.96 15.84
CA PRO A 23 15.20 -14.99 15.98
C PRO A 23 15.65 -15.17 17.43
N ILE A 24 15.49 -16.38 17.95
CA ILE A 24 15.93 -16.70 19.31
C ILE A 24 16.47 -18.12 19.33
N PRO A 25 17.39 -18.41 20.25
CA PRO A 25 17.93 -19.76 20.35
C PRO A 25 16.87 -20.77 20.77
N LEU A 26 17.02 -21.99 20.27
CA LEU A 26 16.16 -23.08 20.70
C LEU A 26 16.48 -23.48 22.14
N GLU A 27 15.48 -23.99 22.84
CA GLU A 27 15.65 -24.33 24.24
C GLU A 27 15.40 -25.79 24.56
N LYS A 28 14.33 -26.39 24.02
CA LYS A 28 14.05 -27.79 24.36
C LYS A 28 13.32 -28.46 23.21
N LEU A 29 13.01 -29.74 23.42
CA LEU A 29 12.20 -30.53 22.51
C LEU A 29 10.89 -30.89 23.20
N PHE A 30 9.78 -30.75 22.48
CA PHE A 30 8.46 -31.02 23.03
C PHE A 30 7.71 -31.96 22.11
N THR A 31 6.75 -32.69 22.67
CA THR A 31 5.88 -33.53 21.87
C THR A 31 4.51 -33.58 22.55
N GLY A 32 3.46 -33.56 21.74
CA GLY A 32 2.12 -33.55 22.25
C GLY A 32 1.09 -33.77 21.17
N PRO A 33 -0.15 -34.06 21.57
CA PRO A 33 -1.23 -34.19 20.59
C PRO A 33 -1.54 -32.85 19.94
N SER A 34 -1.91 -32.91 18.66
CA SER A 34 -2.15 -31.71 17.88
C SER A 34 -3.51 -31.76 17.18
N SER A 35 -4.46 -32.50 17.75
CA SER A 35 -5.79 -32.57 17.14
C SER A 35 -6.64 -31.37 17.49
N ALA A 36 -6.41 -30.76 18.66
CA ALA A 36 -7.20 -29.62 19.11
C ALA A 36 -6.77 -28.31 18.48
N PHE A 37 -5.83 -28.32 17.53
CA PHE A 37 -5.42 -27.11 16.84
C PHE A 37 -4.83 -27.50 15.49
N VAL A 38 -4.80 -26.54 14.58
CA VAL A 38 -4.26 -26.75 13.24
C VAL A 38 -2.83 -26.24 13.23
N VAL A 39 -1.89 -27.12 12.88
CA VAL A 39 -0.48 -26.79 12.83
C VAL A 39 -0.15 -26.47 11.38
N GLN A 40 -0.09 -25.18 11.06
CA GLN A 40 0.20 -24.73 9.69
C GLN A 40 1.07 -23.47 9.74
N PRO A 41 2.27 -23.56 10.30
CA PRO A 41 3.15 -22.40 10.31
C PRO A 41 3.73 -22.16 8.93
N GLN A 42 4.01 -20.88 8.64
CA GLN A 42 4.55 -20.49 7.34
C GLN A 42 6.00 -20.08 7.39
N ASN A 43 6.64 -20.18 8.55
CA ASN A 43 8.08 -20.00 8.69
C ASN A 43 8.69 -21.29 9.25
N GLY A 44 9.93 -21.55 8.86
CA GLY A 44 10.53 -22.83 9.17
C GLY A 44 9.94 -23.99 8.40
N ARG A 45 9.54 -23.74 7.14
CA ARG A 45 9.01 -24.78 6.27
C ARG A 45 9.96 -24.96 5.09
N CYS A 46 10.36 -26.21 4.86
CA CYS A 46 11.30 -26.53 3.79
C CYS A 46 11.35 -28.03 3.59
N THR A 47 11.27 -28.49 2.34
CA THR A 47 11.40 -29.91 2.06
C THR A 47 12.83 -30.36 2.30
N THR A 48 13.01 -31.69 2.38
CA THR A 48 14.34 -32.23 2.64
C THR A 48 15.30 -32.01 1.49
N ASP A 49 14.80 -31.85 0.26
CA ASP A 49 15.66 -31.60 -0.89
C ASP A 49 15.91 -30.11 -1.12
N GLY A 50 15.64 -29.27 -0.12
CA GLY A 50 16.05 -27.88 -0.18
C GLY A 50 15.11 -26.95 -0.93
N VAL A 51 13.81 -27.06 -0.69
CA VAL A 51 12.82 -26.23 -1.36
C VAL A 51 12.04 -25.48 -0.29
N LEU A 52 12.19 -24.16 -0.26
CA LEU A 52 11.53 -23.34 0.75
C LEU A 52 10.04 -23.24 0.48
N LEU A 53 9.24 -23.37 1.53
CA LEU A 53 7.79 -23.29 1.46
C LEU A 53 7.29 -22.12 2.29
N GLY A 54 6.07 -21.67 1.98
CA GLY A 54 5.47 -20.60 2.75
C GLY A 54 6.25 -19.30 2.64
N THR A 55 6.31 -18.57 3.75
CA THR A 55 7.03 -17.31 3.86
C THR A 55 8.42 -17.51 4.45
N THR A 56 9.09 -18.60 4.12
CA THR A 56 10.37 -18.96 4.73
C THR A 56 11.53 -18.50 3.86
N GLN A 57 12.52 -17.90 4.49
CA GLN A 57 13.78 -17.55 3.83
C GLN A 57 14.96 -18.08 4.62
N LEU A 58 16.17 -17.59 4.32
CA LEU A 58 17.38 -18.20 4.88
C LEU A 58 17.99 -17.41 6.03
N SER A 59 17.77 -16.11 6.10
CA SER A 59 18.42 -15.29 7.13
C SER A 59 17.80 -15.57 8.50
N PRO A 60 18.59 -15.96 9.50
CA PRO A 60 18.03 -16.20 10.84
C PRO A 60 17.85 -14.94 11.66
N VAL A 61 18.44 -13.82 11.27
CA VAL A 61 18.23 -12.56 11.96
C VAL A 61 17.06 -11.78 11.36
N ASN A 62 16.76 -12.00 10.08
CA ASN A 62 15.70 -11.27 9.38
C ASN A 62 14.36 -11.99 9.46
N ILE A 63 14.03 -12.55 10.62
CA ILE A 63 12.72 -13.15 10.87
C ILE A 63 11.94 -12.20 11.77
N CYS A 64 10.71 -11.89 11.37
CA CYS A 64 9.83 -10.94 12.06
C CYS A 64 10.36 -9.51 12.05
N THR A 65 11.28 -9.20 11.14
CA THR A 65 11.74 -7.83 10.98
C THR A 65 10.91 -7.12 9.92
N PHE A 66 11.03 -5.79 9.89
CA PHE A 66 10.25 -5.02 8.94
C PHE A 66 11.07 -3.86 8.39
N ARG A 67 11.06 -3.66 7.07
CA ARG A 67 11.88 -2.62 6.46
C ARG A 67 11.05 -1.81 5.48
N GLY A 68 11.24 -0.50 5.49
CA GLY A 68 10.59 0.30 4.46
C GLY A 68 10.66 1.78 4.77
N ASP A 69 9.57 2.47 4.41
CA ASP A 69 9.43 3.89 4.75
C ASP A 69 8.16 4.12 5.53
N VAL A 70 8.14 5.20 6.29
CA VAL A 70 7.05 5.45 7.22
C VAL A 70 6.32 6.72 6.84
N THR A 71 5.04 6.76 7.22
CA THR A 71 4.17 7.91 7.07
C THR A 71 3.38 8.08 8.36
N HIS A 72 3.25 9.32 8.81
CA HIS A 72 2.64 9.58 10.11
C HIS A 72 1.13 9.62 10.02
N ILE A 73 0.47 9.01 10.99
CA ILE A 73 -0.96 9.16 11.19
C ILE A 73 -1.16 10.31 12.18
N THR A 74 -1.65 11.43 11.67
CA THR A 74 -1.73 12.64 12.48
C THR A 74 -2.74 12.48 13.61
N GLY A 75 -2.47 13.14 14.73
CA GLY A 75 -3.28 13.03 15.92
C GLY A 75 -3.04 11.78 16.74
N SER A 76 -2.06 10.97 16.38
CA SER A 76 -1.77 9.73 17.08
C SER A 76 -0.26 9.56 17.22
N ARG A 77 0.14 8.53 17.96
CA ARG A 77 1.52 8.08 18.01
C ARG A 77 1.77 6.92 17.07
N ASN A 78 0.83 6.62 16.17
CA ASN A 78 0.94 5.49 15.26
C ASN A 78 1.60 5.92 13.95
N TYR A 79 2.19 4.93 13.27
CA TYR A 79 2.81 5.17 11.97
C TYR A 79 2.42 4.05 11.03
N THR A 80 2.51 4.34 9.73
CA THR A 80 2.18 3.40 8.67
C THR A 80 3.42 3.18 7.83
N MET A 81 3.94 1.95 7.80
CA MET A 81 5.13 1.66 7.01
C MET A 81 4.75 0.93 5.74
N ASN A 82 5.21 1.47 4.61
CA ASN A 82 5.21 0.79 3.33
C ASN A 82 6.48 -0.05 3.23
N LEU A 83 6.31 -1.31 2.84
CA LEU A 83 7.33 -2.33 2.98
C LEU A 83 8.28 -2.35 1.79
N ALA A 84 9.55 -2.58 2.07
CA ALA A 84 10.56 -2.90 1.07
C ALA A 84 11.12 -4.27 1.35
N SER A 85 11.56 -4.97 0.31
CA SER A 85 12.16 -6.27 0.49
C SER A 85 13.47 -6.14 1.25
N GLN A 86 13.95 -7.27 1.76
CA GLN A 86 15.17 -7.28 2.57
C GLN A 86 16.37 -6.74 1.81
N ASN A 87 16.34 -6.77 0.47
CA ASN A 87 17.36 -6.17 -0.36
C ASN A 87 17.13 -4.69 -0.62
N TRP A 88 16.21 -4.06 0.13
CA TRP A 88 15.75 -2.68 -0.02
C TRP A 88 15.00 -2.45 -1.33
N ASN A 89 14.76 -3.50 -2.13
CA ASN A 89 13.87 -3.35 -3.27
C ASN A 89 12.42 -3.37 -2.80
N ASP A 90 11.51 -3.13 -3.74
CA ASP A 90 10.10 -3.15 -3.40
C ASP A 90 9.63 -4.57 -3.13
N TYR A 91 8.63 -4.69 -2.26
CA TYR A 91 7.91 -5.95 -2.13
C TYR A 91 6.94 -6.06 -3.31
N ASP A 92 7.09 -7.14 -4.09
CA ASP A 92 6.24 -7.35 -5.25
C ASP A 92 5.13 -8.33 -4.87
N PRO A 93 3.90 -7.88 -4.65
CA PRO A 93 2.83 -8.81 -4.23
C PRO A 93 2.44 -9.82 -5.30
N THR A 94 2.97 -9.70 -6.52
CA THR A 94 2.70 -10.73 -7.53
C THR A 94 3.42 -12.03 -7.22
N GLU A 95 4.45 -11.99 -6.38
CA GLU A 95 5.14 -13.21 -5.97
C GLU A 95 4.17 -14.19 -5.35
N GLU A 96 4.18 -15.43 -5.84
CA GLU A 96 3.25 -16.46 -5.39
C GLU A 96 3.65 -16.98 -4.01
N ILE A 97 3.73 -16.06 -3.05
CA ILE A 97 4.03 -16.39 -1.65
C ILE A 97 2.91 -15.82 -0.78
N PRO A 98 2.66 -16.39 0.41
CA PRO A 98 1.57 -15.85 1.24
C PRO A 98 1.77 -14.42 1.66
N ALA A 99 3.02 -13.98 1.84
CA ALA A 99 3.35 -12.67 2.37
C ALA A 99 4.85 -12.46 2.18
N PRO A 100 5.38 -11.25 2.40
CA PRO A 100 6.83 -11.06 2.30
C PRO A 100 7.58 -12.05 3.19
N LEU A 101 8.70 -12.56 2.68
CA LEU A 101 9.46 -13.57 3.41
C LEU A 101 9.90 -13.04 4.76
N GLY A 102 9.75 -13.89 5.79
CA GLY A 102 10.04 -13.49 7.15
C GLY A 102 8.87 -12.89 7.90
N THR A 103 7.70 -12.82 7.28
CA THR A 103 6.53 -12.24 7.94
C THR A 103 6.16 -13.07 9.16
N PRO A 104 5.78 -12.44 10.27
CA PRO A 104 5.23 -13.19 11.40
C PRO A 104 4.09 -14.08 10.95
N ASP A 105 4.09 -15.33 11.45
CA ASP A 105 3.10 -16.32 11.06
C ASP A 105 2.21 -16.72 12.24
N PHE A 106 1.92 -15.76 13.13
CA PHE A 106 1.05 -16.00 14.27
C PHE A 106 0.38 -14.71 14.66
N VAL A 107 -0.69 -14.82 15.45
CA VAL A 107 -1.44 -13.66 15.91
C VAL A 107 -0.90 -13.24 17.28
N GLY A 108 -0.63 -11.96 17.43
CA GLY A 108 -0.12 -11.44 18.67
C GLY A 108 0.50 -10.06 18.46
N LYS A 109 0.92 -9.47 19.58
CA LYS A 109 1.55 -8.16 19.59
C LYS A 109 3.06 -8.34 19.76
N ILE A 110 3.82 -7.92 18.76
CA ILE A 110 5.27 -8.05 18.76
C ILE A 110 5.87 -6.70 19.09
N GLN A 111 6.64 -6.64 20.17
CA GLN A 111 7.32 -5.42 20.56
C GLN A 111 8.74 -5.41 20.01
N GLY A 112 9.26 -4.22 19.81
CA GLY A 112 10.57 -4.07 19.24
C GLY A 112 10.95 -2.62 19.15
N VAL A 113 11.93 -2.34 18.30
CA VAL A 113 12.44 -1.00 18.13
C VAL A 113 12.37 -0.61 16.65
N LEU A 114 11.88 0.60 16.39
CA LEU A 114 11.91 1.22 15.08
C LEU A 114 13.06 2.21 15.05
N THR A 115 14.01 1.99 14.14
CA THR A 115 15.17 2.85 13.97
C THR A 115 15.16 3.48 12.59
N GLN A 116 15.56 4.74 12.52
CA GLN A 116 15.56 5.51 11.28
C GLN A 116 16.84 6.32 11.19
N THR A 117 17.33 6.47 9.95
CA THR A 117 18.53 7.24 9.66
C THR A 117 18.25 8.18 8.50
N THR A 118 18.69 9.43 8.64
CA THR A 118 18.63 10.40 7.56
C THR A 118 19.92 10.34 6.76
N ARG A 119 19.80 10.25 5.43
CA ARG A 119 20.96 9.96 4.60
C ARG A 119 21.90 11.17 4.51
N THR A 120 21.36 12.38 4.43
CA THR A 120 22.17 13.54 4.08
C THR A 120 23.16 13.89 5.18
N ASP A 121 22.73 13.82 6.45
CA ASP A 121 23.57 14.25 7.57
C ASP A 121 23.93 13.14 8.55
N GLY A 122 23.22 12.01 8.54
CA GLY A 122 23.53 10.94 9.46
C GLY A 122 22.77 11.00 10.77
N SER A 123 21.70 11.79 10.86
CA SER A 123 20.87 11.79 12.04
C SER A 123 20.18 10.45 12.19
N THR A 124 20.16 9.93 13.42
CA THR A 124 19.58 8.63 13.71
C THR A 124 18.64 8.73 14.90
N ARG A 125 17.58 7.93 14.86
CA ARG A 125 16.61 7.89 15.94
C ARG A 125 16.12 6.47 16.15
N GLY A 126 15.79 6.16 17.40
CA GLY A 126 15.22 4.87 17.74
C GLY A 126 14.06 5.03 18.71
N HIS A 127 13.01 4.23 18.54
CA HIS A 127 11.82 4.39 19.36
C HIS A 127 11.17 3.04 19.60
N LYS A 128 10.57 2.91 20.79
CA LYS A 128 9.80 1.72 21.14
C LYS A 128 8.60 1.58 20.21
N ALA A 129 8.47 0.43 19.57
CA ALA A 129 7.38 0.20 18.63
C ALA A 129 6.79 -1.18 18.88
N THR A 130 5.54 -1.35 18.46
CA THR A 130 4.90 -2.66 18.48
C THR A 130 4.05 -2.79 17.23
N VAL A 131 3.90 -4.03 16.77
CA VAL A 131 3.05 -4.35 15.62
C VAL A 131 2.09 -5.47 16.03
N TYR A 132 0.81 -5.27 15.75
CA TYR A 132 -0.23 -6.24 16.07
C TYR A 132 -0.58 -6.99 14.79
N THR A 133 -0.30 -8.29 14.77
CA THR A 133 -0.56 -9.12 13.59
C THR A 133 -2.03 -9.48 13.43
N GLY A 134 -2.84 -9.29 14.45
CA GLY A 134 -4.27 -9.50 14.35
C GLY A 134 -5.08 -8.27 14.06
N SER A 135 -4.42 -7.14 13.81
CA SER A 135 -5.10 -5.88 13.61
C SER A 135 -5.65 -5.77 12.19
N ALA A 136 -6.64 -4.89 12.03
CA ALA A 136 -7.25 -4.69 10.72
C ALA A 136 -6.27 -4.07 9.73
N ASP A 137 -5.31 -3.29 10.23
CA ASP A 137 -4.36 -2.59 9.38
C ASP A 137 -3.05 -3.37 9.20
N PHE A 138 -3.02 -4.63 9.61
CA PHE A 138 -1.87 -5.51 9.39
C PHE A 138 -2.10 -6.24 8.08
N ALA A 139 -1.64 -5.64 6.98
CA ALA A 139 -1.84 -6.18 5.63
C ALA A 139 -0.51 -6.26 4.90
N PRO A 140 0.39 -7.16 5.32
CA PRO A 140 1.70 -7.25 4.66
C PRO A 140 1.61 -7.68 3.21
N LYS A 141 0.68 -8.58 2.87
CA LYS A 141 0.54 -9.03 1.49
C LYS A 141 0.23 -7.86 0.55
N LEU A 142 -0.39 -6.80 1.07
CA LEU A 142 -0.64 -5.60 0.29
C LEU A 142 0.49 -4.58 0.41
N GLY A 143 1.52 -4.88 1.19
CA GLY A 143 2.68 -4.02 1.29
C GLY A 143 2.62 -2.94 2.34
N ARG A 144 1.84 -3.14 3.40
CA ARG A 144 1.61 -2.11 4.39
C ARG A 144 1.43 -2.73 5.76
N VAL A 145 2.10 -2.16 6.78
CA VAL A 145 1.84 -2.53 8.16
C VAL A 145 1.76 -1.26 9.00
N GLN A 146 1.21 -1.40 10.20
CA GLN A 146 1.05 -0.28 11.11
C GLN A 146 1.83 -0.55 12.40
N PHE A 147 2.40 0.52 12.97
CA PHE A 147 3.21 0.42 14.18
C PHE A 147 2.71 1.37 15.23
N GLU A 148 2.62 0.87 16.46
CA GLU A 148 2.31 1.67 17.64
C GLU A 148 3.62 2.16 18.24
N THR A 149 3.81 3.48 18.25
CA THR A 149 5.06 4.08 18.70
C THR A 149 4.83 4.92 19.95
N ASP A 150 5.93 5.39 20.52
CA ASP A 150 5.92 6.29 21.67
C ASP A 150 6.21 7.73 21.28
N THR A 151 6.15 8.05 19.99
CA THR A 151 6.45 9.39 19.51
C THR A 151 5.41 9.81 18.49
N ASP A 152 5.30 11.13 18.28
CA ASP A 152 4.40 11.70 17.30
C ASP A 152 5.09 12.76 16.45
N ARG A 153 6.42 12.84 16.52
CA ARG A 153 7.16 13.94 15.90
C ARG A 153 8.50 13.54 15.28
N ASP A 154 9.08 12.40 15.64
CA ASP A 154 10.48 12.15 15.35
C ASP A 154 10.72 11.50 13.99
N PHE A 155 9.93 10.49 13.62
CA PHE A 155 10.21 9.74 12.41
C PHE A 155 9.87 10.56 11.16
N GLU A 156 10.79 10.56 10.20
CA GLU A 156 10.67 11.38 9.00
C GLU A 156 10.18 10.55 7.82
N ALA A 157 9.93 11.25 6.72
CA ALA A 157 9.45 10.63 5.48
C ALA A 157 10.60 10.43 4.50
N ASN A 158 10.38 9.51 3.55
CA ASN A 158 11.38 9.15 2.54
C ASN A 158 12.70 8.69 3.19
N GLN A 159 12.63 8.20 4.42
CA GLN A 159 13.83 7.77 5.12
C GLN A 159 13.69 6.30 5.50
N ASN A 160 14.76 5.55 5.25
CA ASN A 160 14.78 4.12 5.52
C ASN A 160 14.53 3.87 7.00
N THR A 161 13.61 2.94 7.29
CA THR A 161 13.24 2.61 8.66
C THR A 161 13.22 1.10 8.82
N LYS A 162 13.77 0.64 9.95
CA LYS A 162 13.85 -0.76 10.32
C LYS A 162 13.10 -1.02 11.61
N PHE A 163 12.39 -2.14 11.67
CA PHE A 163 11.78 -2.63 12.90
C PHE A 163 12.43 -3.96 13.25
N THR A 164 13.13 -3.97 14.40
CA THR A 164 13.77 -5.17 14.96
C THR A 164 12.93 -5.69 16.11
N PRO A 165 12.55 -6.96 16.10
CA PRO A 165 11.70 -7.51 17.17
C PRO A 165 12.51 -7.87 18.40
N VAL A 166 11.80 -7.95 19.53
CA VAL A 166 12.39 -8.28 20.83
C VAL A 166 11.55 -9.36 21.51
N GLY A 167 10.24 -9.17 21.51
CA GLY A 167 9.37 -10.14 22.15
C GLY A 167 7.91 -9.84 21.92
N VAL A 168 7.07 -10.46 22.74
CA VAL A 168 5.63 -10.33 22.64
C VAL A 168 5.07 -9.76 23.95
N ILE A 169 3.84 -9.24 23.86
CA ILE A 169 3.15 -8.71 25.02
C ILE A 169 2.06 -9.67 25.48
N PRO A 180 -0.65 -14.42 23.00
CA PRO A 180 -0.64 -14.64 21.55
C PRO A 180 -1.06 -16.06 21.16
N GLN A 181 -1.80 -16.18 20.07
CA GLN A 181 -2.25 -17.47 19.55
C GLN A 181 -1.17 -18.00 18.60
N GLN A 182 -0.37 -18.94 19.09
CA GLN A 182 0.80 -19.39 18.36
C GLN A 182 0.43 -20.17 17.09
N TRP A 183 -0.70 -20.87 17.10
CA TRP A 183 -1.10 -21.71 15.98
C TRP A 183 -2.21 -21.10 15.14
N VAL A 184 -2.35 -19.77 15.16
CA VAL A 184 -3.36 -19.07 14.38
C VAL A 184 -2.64 -18.12 13.44
N LEU A 185 -2.90 -18.28 12.13
CA LEU A 185 -2.24 -17.45 11.14
C LEU A 185 -2.94 -16.09 11.02
N PRO A 186 -2.19 -15.04 10.72
CA PRO A 186 -2.82 -13.73 10.48
C PRO A 186 -3.51 -13.70 9.12
N SER A 187 -4.32 -12.66 8.94
CA SER A 187 -4.97 -12.41 7.65
C SER A 187 -4.04 -11.50 6.85
N TYR A 188 -3.27 -12.10 5.95
CA TYR A 188 -2.12 -11.41 5.35
C TYR A 188 -2.53 -10.19 4.53
N SER A 189 -3.72 -10.21 3.93
CA SER A 189 -4.21 -9.05 3.21
C SER A 189 -5.30 -8.31 3.98
N GLY A 190 -5.51 -8.65 5.25
CA GLY A 190 -6.53 -8.03 6.07
C GLY A 190 -7.77 -8.87 6.17
N ARG A 191 -8.78 -8.29 6.82
CA ARG A 191 -10.06 -8.96 7.03
C ARG A 191 -10.87 -9.11 5.75
N ASN A 192 -10.33 -8.70 4.60
CA ASN A 192 -11.06 -8.75 3.34
C ASN A 192 -10.93 -10.11 2.65
N THR A 193 -9.71 -10.51 2.32
CA THR A 193 -9.48 -11.69 1.51
C THR A 193 -9.06 -12.87 2.39
N HIS A 194 -8.71 -13.97 1.74
CA HIS A 194 -8.12 -15.15 2.37
C HIS A 194 -6.64 -15.22 1.99
N ASN A 195 -5.90 -16.00 2.77
CA ASN A 195 -4.48 -16.18 2.50
C ASN A 195 -4.28 -17.21 1.38
N VAL A 196 -3.17 -17.04 0.65
CA VAL A 196 -2.92 -17.81 -0.56
C VAL A 196 -1.52 -18.42 -0.49
N HIS A 197 -1.34 -19.52 -1.22
CA HIS A 197 -0.04 -20.19 -1.38
C HIS A 197 0.53 -20.62 -0.03
N LEU A 198 -0.35 -21.05 0.87
CA LEU A 198 0.09 -21.47 2.19
C LEU A 198 0.80 -22.83 2.12
N ALA A 199 1.82 -22.99 2.95
CA ALA A 199 2.40 -24.31 3.15
C ALA A 199 1.36 -25.20 3.82
N PRO A 200 1.28 -26.47 3.44
CA PRO A 200 0.22 -27.33 3.96
C PRO A 200 0.40 -27.60 5.45
N ALA A 201 -0.73 -27.85 6.13
CA ALA A 201 -0.69 -28.23 7.53
C ALA A 201 -0.18 -29.65 7.67
N VAL A 202 0.54 -29.91 8.76
CA VAL A 202 1.13 -31.21 9.01
C VAL A 202 0.42 -31.87 10.19
N ALA A 203 0.42 -33.20 10.20
CA ALA A 203 -0.22 -33.98 11.24
C ALA A 203 0.32 -35.39 11.17
N PRO A 204 0.34 -36.12 12.29
CA PRO A 204 0.81 -37.52 12.26
C PRO A 204 -0.21 -38.40 11.56
N THR A 205 0.23 -39.10 10.53
CA THR A 205 -0.61 -40.02 9.77
C THR A 205 -0.39 -41.48 10.16
N PHE A 206 0.48 -41.74 11.14
CA PHE A 206 0.80 -43.07 11.62
C PHE A 206 0.29 -43.27 13.04
N PRO A 207 -0.29 -44.43 13.35
CA PRO A 207 -0.87 -44.62 14.69
C PRO A 207 0.20 -44.63 15.77
N GLY A 208 -0.15 -44.04 16.92
CA GLY A 208 0.76 -43.97 18.05
C GLY A 208 1.86 -42.95 17.95
N GLU A 209 1.83 -42.07 16.95
CA GLU A 209 2.87 -41.10 16.71
C GLU A 209 2.37 -39.69 17.00
N GLN A 210 3.29 -38.83 17.42
CA GLN A 210 3.01 -37.43 17.67
C GLN A 210 4.05 -36.58 16.96
N LEU A 211 3.76 -35.29 16.84
CA LEU A 211 4.72 -34.35 16.25
C LEU A 211 5.83 -34.03 17.23
N LEU A 212 7.00 -33.72 16.70
CA LEU A 212 8.17 -33.34 17.49
C LEU A 212 8.47 -31.87 17.23
N PHE A 213 8.27 -31.04 18.25
CA PHE A 213 8.43 -29.60 18.15
C PHE A 213 9.78 -29.18 18.72
N PHE A 214 10.46 -28.27 18.01
CA PHE A 214 11.64 -27.59 18.54
C PHE A 214 11.16 -26.31 19.22
N ARG A 215 11.29 -26.26 20.55
CA ARG A 215 10.54 -25.32 21.37
C ARG A 215 11.46 -24.25 21.97
N SER A 216 11.02 -23.00 21.89
CA SER A 216 11.67 -21.87 22.52
C SER A 216 10.65 -21.11 23.37
N THR A 217 11.16 -20.25 24.24
CA THR A 217 10.34 -19.35 25.05
C THR A 217 10.59 -17.92 24.57
N MET A 218 9.53 -17.26 24.10
CA MET A 218 9.69 -15.92 23.56
C MET A 218 9.85 -14.92 24.70
N PRO A 219 10.71 -13.91 24.54
CA PRO A 219 10.80 -12.86 25.56
C PRO A 219 9.48 -12.10 25.69
N GLY A 220 9.19 -11.68 26.90
CA GLY A 220 8.01 -10.89 27.20
C GLY A 220 8.42 -9.52 27.72
N CYS A 221 7.73 -8.48 27.25
CA CYS A 221 8.03 -7.12 27.66
C CYS A 221 6.91 -6.49 28.48
N SER A 222 5.74 -7.10 28.55
CA SER A 222 4.62 -6.59 29.33
C SER A 222 3.56 -7.67 29.42
N GLY A 223 2.76 -7.60 30.48
CA GLY A 223 1.65 -8.53 30.65
C GLY A 223 2.11 -9.93 31.04
N TYR A 224 1.25 -10.90 30.75
CA TYR A 224 1.49 -12.31 31.04
C TYR A 224 1.28 -13.13 29.77
N PRO A 225 2.12 -12.97 28.76
CA PRO A 225 1.90 -13.66 27.50
C PRO A 225 2.34 -15.11 27.55
N ASN A 226 1.69 -15.93 26.72
CA ASN A 226 2.10 -17.32 26.53
C ASN A 226 3.30 -17.32 25.58
N MET A 227 4.47 -17.64 26.10
CA MET A 227 5.72 -17.43 25.39
C MET A 227 6.26 -18.68 24.72
N ASP A 228 5.49 -19.77 24.71
CA ASP A 228 5.92 -20.99 24.03
C ASP A 228 5.80 -20.82 22.52
N LEU A 229 6.89 -21.15 21.81
CA LEU A 229 6.89 -21.09 20.35
C LEU A 229 7.59 -22.32 19.81
N ASP A 230 6.87 -23.13 19.04
CA ASP A 230 7.37 -24.37 18.50
C ASP A 230 7.58 -24.24 16.99
N CYS A 231 8.72 -24.73 16.52
CA CYS A 231 9.00 -24.78 15.09
C CYS A 231 9.19 -26.23 14.66
N LEU A 232 8.90 -26.48 13.38
CA LEU A 232 8.96 -27.83 12.82
C LEU A 232 10.37 -28.22 12.41
N LEU A 233 11.18 -27.24 12.01
CA LEU A 233 12.58 -27.45 11.67
C LEU A 233 13.38 -26.29 12.24
N PRO A 234 14.55 -26.55 12.82
CA PRO A 234 15.44 -25.45 13.18
C PRO A 234 15.90 -24.73 11.92
N GLN A 235 16.17 -23.43 12.06
CA GLN A 235 16.59 -22.63 10.91
C GLN A 235 17.88 -23.17 10.30
N GLU A 236 18.76 -23.72 11.13
CA GLU A 236 19.99 -24.33 10.62
C GLU A 236 19.68 -25.53 9.73
N TRP A 237 18.67 -26.32 10.10
CA TRP A 237 18.24 -27.42 9.23
C TRP A 237 17.74 -26.90 7.89
N VAL A 238 17.02 -25.77 7.90
CA VAL A 238 16.52 -25.19 6.66
C VAL A 238 17.68 -24.76 5.78
N GLN A 239 18.64 -24.03 6.35
CA GLN A 239 19.83 -23.63 5.60
C GLN A 239 20.56 -24.84 5.03
N TYR A 240 20.71 -25.90 5.84
CA TYR A 240 21.45 -27.08 5.41
C TYR A 240 20.75 -27.77 4.26
N PHE A 241 19.44 -28.00 4.38
CA PHE A 241 18.68 -28.65 3.31
C PHE A 241 18.74 -27.82 2.04
N TYR A 242 18.63 -26.49 2.16
CA TYR A 242 18.70 -25.63 0.99
C TYR A 242 20.07 -25.71 0.33
N GLN A 243 21.13 -25.83 1.12
CA GLN A 243 22.47 -25.82 0.55
C GLN A 243 22.79 -27.17 -0.11
N GLU A 244 22.43 -28.28 0.53
CA GLU A 244 22.85 -29.58 0.03
C GLU A 244 21.98 -30.07 -1.13
N ALA A 245 20.69 -29.73 -1.12
CA ALA A 245 19.77 -30.06 -2.21
C ALA A 245 19.78 -31.56 -2.52
N ALA A 246 19.61 -32.37 -1.47
CA ALA A 246 19.69 -33.81 -1.61
C ALA A 246 18.30 -34.39 -1.83
N PRO A 247 18.06 -35.15 -2.89
CA PRO A 247 16.69 -35.59 -3.19
C PRO A 247 16.25 -36.70 -2.24
N ALA A 248 14.99 -36.60 -1.81
CA ALA A 248 14.42 -37.60 -0.92
C ALA A 248 14.28 -38.93 -1.65
N GLN A 249 14.98 -39.96 -1.17
CA GLN A 249 14.90 -41.29 -1.72
C GLN A 249 13.77 -42.12 -1.12
N SER A 250 13.07 -41.58 -0.14
CA SER A 250 11.96 -42.27 0.49
C SER A 250 11.01 -41.24 1.10
N ASP A 251 9.86 -41.73 1.56
CA ASP A 251 8.92 -40.83 2.23
C ASP A 251 9.41 -40.43 3.61
N VAL A 252 10.24 -41.24 4.26
CA VAL A 252 10.69 -40.95 5.62
C VAL A 252 12.21 -41.09 5.69
N ALA A 253 12.84 -40.17 6.42
CA ALA A 253 14.27 -40.25 6.72
C ALA A 253 14.43 -40.59 8.19
N LEU A 254 15.04 -41.73 8.48
CA LEU A 254 15.21 -42.19 9.86
C LEU A 254 16.35 -41.42 10.51
N LEU A 255 16.04 -40.61 11.51
CA LEU A 255 17.03 -39.92 12.31
C LEU A 255 17.18 -40.61 13.67
N ARG A 256 18.35 -40.43 14.26
CA ARG A 256 18.64 -40.95 15.59
C ARG A 256 19.28 -39.85 16.43
N PHE A 257 18.72 -39.60 17.60
CA PHE A 257 19.35 -38.72 18.57
C PHE A 257 20.40 -39.52 19.33
N VAL A 258 21.65 -39.05 19.27
CA VAL A 258 22.79 -39.81 19.77
C VAL A 258 23.55 -38.98 20.80
N ASN A 259 24.02 -39.64 21.85
CA ASN A 259 24.93 -39.03 22.81
C ASN A 259 26.36 -39.21 22.31
N PRO A 260 27.09 -38.14 21.98
CA PRO A 260 28.44 -38.33 21.43
C PRO A 260 29.46 -38.87 22.42
N ASP A 261 29.23 -38.71 23.72
CA ASP A 261 30.18 -39.22 24.70
C ASP A 261 30.23 -40.73 24.69
N THR A 262 29.06 -41.39 24.77
CA THR A 262 28.98 -42.83 24.80
C THR A 262 28.64 -43.46 23.45
N GLY A 263 28.00 -42.71 22.55
CA GLY A 263 27.49 -43.27 21.32
C GLY A 263 26.14 -43.91 21.43
N ARG A 264 25.51 -43.88 22.60
CA ARG A 264 24.23 -44.53 22.81
C ARG A 264 23.10 -43.74 22.17
N VAL A 265 22.19 -44.46 21.52
CA VAL A 265 21.02 -43.84 20.90
C VAL A 265 19.95 -43.62 21.97
N LEU A 266 19.48 -42.37 22.08
CA LEU A 266 18.42 -42.04 23.02
C LEU A 266 17.05 -42.43 22.48
N PHE A 267 16.72 -41.96 21.28
CA PHE A 267 15.46 -42.29 20.62
C PHE A 267 15.66 -42.14 19.12
N GLU A 268 14.63 -42.50 18.36
CA GLU A 268 14.61 -42.29 16.92
C GLU A 268 13.35 -41.55 16.53
N CYS A 269 13.40 -40.85 15.41
CA CYS A 269 12.28 -40.07 14.93
C CYS A 269 12.26 -40.11 13.41
N LYS A 270 11.14 -39.69 12.83
CA LYS A 270 10.90 -39.79 11.40
C LYS A 270 10.85 -38.39 10.81
N LEU A 271 11.83 -38.08 9.97
CA LEU A 271 11.86 -36.81 9.23
C LEU A 271 11.19 -37.03 7.88
N HIS A 272 9.98 -36.49 7.73
CA HIS A 272 9.25 -36.61 6.47
C HIS A 272 9.82 -35.65 5.44
N LYS A 273 9.71 -36.03 4.17
CA LYS A 273 10.29 -35.24 3.11
C LYS A 273 9.62 -33.87 2.96
N SER A 274 8.39 -33.73 3.45
CA SER A 274 7.72 -32.42 3.37
C SER A 274 8.30 -31.44 4.39
N GLY A 275 8.78 -31.93 5.53
CA GLY A 275 9.49 -31.07 6.46
C GLY A 275 8.95 -31.02 7.87
N TYR A 276 8.73 -32.18 8.49
CA TYR A 276 8.35 -32.24 9.88
C TYR A 276 8.81 -33.56 10.47
N VAL A 277 8.81 -33.64 11.80
CA VAL A 277 9.36 -34.78 12.53
C VAL A 277 8.27 -35.38 13.41
N THR A 278 8.28 -36.70 13.54
CA THR A 278 7.34 -37.41 14.39
C THR A 278 8.09 -38.38 15.30
N VAL A 279 7.50 -38.66 16.46
CA VAL A 279 8.06 -39.58 17.43
C VAL A 279 6.97 -40.55 17.88
N ALA A 280 7.40 -41.64 18.49
CA ALA A 280 6.51 -42.66 19.04
C ALA A 280 6.27 -42.33 20.51
N HIS A 281 5.19 -41.60 20.77
CA HIS A 281 4.85 -41.18 22.12
C HIS A 281 3.34 -41.01 22.22
N THR A 282 2.86 -40.87 23.46
CA THR A 282 1.45 -40.66 23.73
C THR A 282 1.33 -39.71 24.92
N GLY A 283 0.89 -38.50 24.66
CA GLY A 283 0.72 -37.50 25.70
C GLY A 283 1.78 -36.41 25.63
N GLN A 284 1.49 -35.29 26.26
CA GLN A 284 2.43 -34.18 26.32
C GLN A 284 3.63 -34.54 27.17
N HIS A 285 4.83 -34.15 26.70
CA HIS A 285 6.05 -34.44 27.43
C HIS A 285 7.16 -33.55 26.89
N ASP A 286 7.91 -32.93 27.81
CA ASP A 286 9.14 -32.21 27.47
C ASP A 286 10.29 -33.20 27.54
N LEU A 287 10.92 -33.46 26.41
CA LEU A 287 11.94 -34.51 26.32
C LEU A 287 13.14 -34.18 27.20
N VAL A 288 13.57 -35.16 27.99
CA VAL A 288 14.80 -35.05 28.77
C VAL A 288 15.92 -35.64 27.94
N ILE A 289 16.88 -34.81 27.56
CA ILE A 289 17.92 -35.20 26.61
C ILE A 289 19.29 -34.81 27.16
N PRO A 290 20.37 -35.50 26.77
CA PRO A 290 21.69 -35.04 27.17
C PRO A 290 22.03 -33.73 26.48
N PRO A 291 22.80 -32.86 27.14
CA PRO A 291 23.06 -31.54 26.55
C PRO A 291 23.89 -31.59 25.28
N ASN A 292 24.72 -32.62 25.09
CA ASN A 292 25.58 -32.72 23.93
C ASN A 292 24.98 -33.53 22.80
N GLY A 293 23.76 -34.04 22.96
CA GLY A 293 23.18 -34.90 21.95
C GLY A 293 22.88 -34.15 20.65
N TYR A 294 22.82 -34.91 19.57
CA TYR A 294 22.57 -34.36 18.25
C TYR A 294 21.78 -35.36 17.42
N PHE A 295 21.12 -34.85 16.39
CA PHE A 295 20.38 -35.68 15.44
C PHE A 295 21.31 -36.17 14.36
N ARG A 296 21.16 -37.44 13.98
CA ARG A 296 22.01 -38.07 12.99
C ARG A 296 21.15 -38.83 11.99
N PHE A 297 21.43 -38.64 10.70
CA PHE A 297 20.73 -39.37 9.66
C PHE A 297 21.34 -40.74 9.47
N ASP A 298 20.50 -41.76 9.34
CA ASP A 298 20.96 -43.14 9.22
C ASP A 298 20.56 -43.78 7.91
N SER A 299 19.29 -43.71 7.52
CA SER A 299 18.84 -44.33 6.29
C SER A 299 17.51 -43.73 5.87
N TRP A 300 17.04 -44.14 4.69
CA TRP A 300 15.74 -43.76 4.18
C TRP A 300 14.80 -44.95 4.35
N VAL A 301 13.72 -44.74 5.10
CA VAL A 301 12.72 -45.79 5.32
C VAL A 301 11.36 -45.29 4.88
N ASN A 302 10.45 -46.25 4.70
CA ASN A 302 9.12 -45.98 4.19
C ASN A 302 8.26 -45.31 5.27
N GLN A 303 7.02 -44.99 4.89
CA GLN A 303 6.14 -44.25 5.77
C GLN A 303 5.57 -45.14 6.88
N PHE A 304 5.49 -46.45 6.65
CA PHE A 304 4.91 -47.39 7.60
C PHE A 304 5.96 -48.06 8.47
N TYR A 305 7.01 -47.31 8.83
CA TYR A 305 8.08 -47.80 9.67
C TYR A 305 7.74 -47.53 11.13
N THR A 306 7.74 -48.58 11.94
CA THR A 306 7.37 -48.48 13.35
C THR A 306 8.59 -48.09 14.18
N LEU A 307 8.53 -46.91 14.78
CA LEU A 307 9.61 -46.46 15.66
C LEU A 307 9.54 -47.18 17.00
N ALA A 308 10.71 -47.36 17.60
CA ALA A 308 10.75 -47.83 18.98
C ALA A 308 10.19 -46.74 19.90
N PRO A 309 9.53 -47.13 20.99
CA PRO A 309 8.96 -46.12 21.89
C PRO A 309 10.02 -45.18 22.44
N MET A 310 9.65 -43.91 22.58
CA MET A 310 10.57 -42.86 22.98
C MET A 310 10.40 -42.57 24.47
N GLY A 311 11.51 -42.61 25.20
CA GLY A 311 11.48 -42.34 26.62
C GLY A 311 11.26 -40.88 26.94
N SER B 2 44.40 -39.89 5.41
CA SER B 2 43.52 -40.51 4.43
C SER B 2 43.11 -39.51 3.34
N ARG B 3 42.05 -39.84 2.60
CA ARG B 3 41.66 -39.02 1.46
C ARG B 3 41.06 -37.69 1.92
N THR B 4 41.47 -36.61 1.27
CA THR B 4 41.09 -35.27 1.70
C THR B 4 39.64 -34.98 1.34
N LYS B 5 38.95 -34.32 2.27
CA LYS B 5 37.60 -33.82 2.01
C LYS B 5 37.69 -32.52 1.21
N PRO B 6 36.94 -32.38 0.11
CA PRO B 6 37.02 -31.15 -0.68
C PRO B 6 36.52 -29.94 0.09
N PHE B 7 37.08 -28.79 -0.24
CA PHE B 7 36.72 -27.52 0.38
C PHE B 7 35.61 -26.85 -0.40
N SER B 8 34.71 -26.17 0.32
CA SER B 8 33.58 -25.51 -0.33
C SER B 8 33.19 -24.28 0.47
N VAL B 9 32.46 -23.39 -0.20
CA VAL B 9 31.90 -22.18 0.38
C VAL B 9 30.40 -22.21 0.12
N PRO B 10 29.56 -21.77 1.05
CA PRO B 10 28.11 -21.80 0.80
C PRO B 10 27.74 -20.97 -0.42
N VAL B 11 26.77 -21.47 -1.18
CA VAL B 11 26.24 -20.73 -2.32
C VAL B 11 25.19 -19.74 -1.80
N LEU B 12 25.63 -18.52 -1.51
CA LEU B 12 24.76 -17.49 -0.97
C LEU B 12 25.23 -16.13 -1.46
N THR B 13 24.30 -15.24 -1.80
CA THR B 13 24.73 -13.92 -2.18
C THR B 13 25.12 -13.12 -0.94
N VAL B 14 25.72 -11.94 -1.17
CA VAL B 14 26.17 -11.11 -0.07
C VAL B 14 25.00 -10.73 0.84
N GLU B 15 23.84 -10.44 0.25
CA GLU B 15 22.68 -9.99 1.00
C GLU B 15 21.90 -11.13 1.65
N GLU B 16 22.25 -12.39 1.43
CA GLU B 16 21.65 -13.53 2.11
C GLU B 16 22.42 -13.99 3.33
N MET B 17 23.63 -13.48 3.55
CA MET B 17 24.44 -13.89 4.69
C MET B 17 24.31 -12.87 5.82
N THR B 18 24.87 -13.23 6.97
CA THR B 18 24.74 -12.47 8.19
C THR B 18 26.11 -11.93 8.60
N ASN B 19 26.13 -10.71 9.15
CA ASN B 19 27.35 -10.20 9.75
C ASN B 19 27.66 -11.00 11.01
N SER B 20 28.94 -11.31 11.18
CA SER B 20 29.37 -12.14 12.31
C SER B 20 29.83 -11.31 13.50
N ARG B 21 29.78 -9.99 13.42
CA ARG B 21 30.11 -9.12 14.55
C ARG B 21 28.90 -8.40 15.12
N PHE B 22 27.74 -8.50 14.48
CA PHE B 22 26.47 -8.01 14.98
C PHE B 22 25.37 -8.82 14.32
N PRO B 23 24.26 -9.07 15.02
CA PRO B 23 23.17 -9.88 14.43
C PRO B 23 22.34 -9.09 13.43
N ILE B 24 22.96 -8.72 12.31
CA ILE B 24 22.27 -8.04 11.21
C ILE B 24 22.74 -8.64 9.89
N PRO B 25 21.93 -8.52 8.84
CA PRO B 25 22.36 -9.02 7.53
C PRO B 25 23.50 -8.20 6.96
N LEU B 26 24.25 -8.84 6.07
CA LEU B 26 25.31 -8.15 5.34
C LEU B 26 24.72 -7.32 4.21
N GLU B 27 25.41 -6.24 3.87
CA GLU B 27 24.90 -5.30 2.89
C GLU B 27 25.81 -5.12 1.69
N LYS B 28 27.12 -4.96 1.88
CA LYS B 28 27.98 -4.71 0.73
C LYS B 28 29.36 -5.33 0.98
N LEU B 29 30.20 -5.24 -0.05
CA LEU B 29 31.60 -5.60 0.03
C LEU B 29 32.44 -4.34 -0.06
N PHE B 30 33.34 -4.15 0.89
CA PHE B 30 34.18 -2.96 0.94
C PHE B 30 35.64 -3.36 0.91
N THR B 31 36.49 -2.48 0.38
CA THR B 31 37.93 -2.69 0.40
C THR B 31 38.62 -1.36 0.67
N GLY B 32 39.68 -1.41 1.47
CA GLY B 32 40.38 -0.22 1.86
C GLY B 32 41.64 -0.55 2.64
N PRO B 33 42.59 0.38 2.65
CA PRO B 33 43.86 0.14 3.36
C PRO B 33 43.62 -0.01 4.85
N SER B 34 44.38 -0.94 5.46
CA SER B 34 44.20 -1.28 6.87
C SER B 34 45.48 -1.09 7.68
N SER B 35 46.44 -0.32 7.16
CA SER B 35 47.68 -0.11 7.88
C SER B 35 47.56 0.96 8.97
N ALA B 36 46.60 1.87 8.85
CA ALA B 36 46.43 2.94 9.81
C ALA B 36 45.72 2.50 11.08
N PHE B 37 45.18 1.28 11.12
CA PHE B 37 44.47 0.79 12.30
C PHE B 37 44.73 -0.69 12.46
N VAL B 38 44.42 -1.20 13.66
CA VAL B 38 44.63 -2.60 14.00
C VAL B 38 43.33 -3.35 13.79
N VAL B 39 43.33 -4.30 12.85
CA VAL B 39 42.17 -5.13 12.56
C VAL B 39 42.32 -6.41 13.39
N GLN B 40 41.63 -6.46 14.52
CA GLN B 40 41.69 -7.62 15.42
C GLN B 40 40.31 -7.90 16.00
N PRO B 41 39.33 -8.23 15.16
CA PRO B 41 38.02 -8.61 15.70
C PRO B 41 38.09 -9.97 16.37
N GLN B 42 37.29 -10.12 17.43
CA GLN B 42 37.23 -11.38 18.15
C GLN B 42 35.96 -12.17 17.84
N ASN B 43 35.14 -11.69 16.91
CA ASN B 43 33.99 -12.42 16.42
C ASN B 43 34.13 -12.63 14.92
N GLY B 44 33.48 -13.68 14.42
CA GLY B 44 33.64 -14.05 13.03
C GLY B 44 35.04 -14.52 12.70
N ARG B 45 35.74 -15.12 13.65
CA ARG B 45 37.10 -15.60 13.47
C ARG B 45 37.08 -17.13 13.48
N CYS B 46 37.47 -17.72 12.35
CA CYS B 46 37.49 -19.17 12.22
C CYS B 46 38.42 -19.53 11.08
N THR B 47 39.24 -20.56 11.27
CA THR B 47 40.09 -21.02 10.19
C THR B 47 39.26 -21.79 9.17
N THR B 48 39.87 -22.04 8.00
CA THR B 48 39.14 -22.64 6.89
C THR B 48 38.77 -24.10 7.15
N ASP B 49 39.46 -24.78 8.07
CA ASP B 49 39.15 -26.16 8.40
C ASP B 49 38.22 -26.28 9.61
N GLY B 50 37.58 -25.20 10.03
CA GLY B 50 36.53 -25.27 11.02
C GLY B 50 36.96 -25.20 12.45
N VAL B 51 37.90 -24.31 12.76
CA VAL B 51 38.40 -24.11 14.12
C VAL B 51 38.08 -22.68 14.53
N LEU B 52 37.22 -22.54 15.54
CA LEU B 52 36.80 -21.22 16.00
C LEU B 52 37.90 -20.55 16.81
N LEU B 53 38.03 -19.24 16.63
CA LEU B 53 39.04 -18.44 17.30
C LEU B 53 38.37 -17.31 18.09
N GLY B 54 39.11 -16.75 19.04
CA GLY B 54 38.61 -15.62 19.79
C GLY B 54 37.35 -15.96 20.56
N THR B 55 36.36 -15.07 20.47
CA THR B 55 35.06 -15.25 21.09
C THR B 55 33.99 -15.68 20.10
N THR B 56 34.38 -16.44 19.07
CA THR B 56 33.47 -16.79 17.99
C THR B 56 32.75 -18.10 18.29
N GLN B 57 31.43 -18.09 18.16
CA GLN B 57 30.63 -19.30 18.27
C GLN B 57 29.76 -19.47 17.04
N LEU B 58 28.76 -20.34 17.12
CA LEU B 58 27.98 -20.73 15.94
C LEU B 58 26.65 -20.00 15.83
N SER B 59 26.00 -19.69 16.94
CA SER B 59 24.66 -19.11 16.89
C SER B 59 24.72 -17.66 16.43
N PRO B 60 24.05 -17.30 15.33
CA PRO B 60 24.08 -15.89 14.87
C PRO B 60 23.17 -14.97 15.65
N VAL B 61 22.27 -15.51 16.47
CA VAL B 61 21.38 -14.65 17.26
C VAL B 61 22.06 -14.21 18.55
N ASN B 62 22.88 -15.07 19.15
CA ASN B 62 23.56 -14.77 20.41
C ASN B 62 24.82 -13.94 20.24
N ILE B 63 24.81 -12.99 19.30
CA ILE B 63 25.91 -12.05 19.12
C ILE B 63 25.53 -10.73 19.77
N CYS B 64 26.39 -10.23 20.65
CA CYS B 64 26.16 -9.01 21.43
C CYS B 64 24.96 -9.14 22.36
N THR B 65 24.54 -10.36 22.67
CA THR B 65 23.44 -10.59 23.60
C THR B 65 23.99 -10.75 25.01
N PHE B 66 23.08 -10.64 25.99
CA PHE B 66 23.48 -10.83 27.37
C PHE B 66 22.40 -11.58 28.13
N ARG B 67 22.80 -12.39 29.10
CA ARG B 67 21.84 -13.17 29.87
C ARG B 67 22.32 -13.31 31.31
N GLY B 68 21.38 -13.23 32.24
CA GLY B 68 21.71 -13.50 33.63
C GLY B 68 20.78 -12.88 34.66
N ASP B 69 21.36 -12.44 35.77
CA ASP B 69 20.64 -11.82 36.86
C ASP B 69 21.19 -10.42 37.11
N VAL B 70 20.33 -9.54 37.58
CA VAL B 70 20.61 -8.10 37.55
C VAL B 70 20.32 -7.48 38.90
N THR B 71 21.19 -6.58 39.34
CA THR B 71 21.09 -5.89 40.61
C THR B 71 21.11 -4.38 40.37
N HIS B 72 20.19 -3.66 41.01
CA HIS B 72 20.08 -2.21 40.80
C HIS B 72 21.21 -1.48 41.50
N ILE B 73 21.78 -0.49 40.80
CA ILE B 73 22.74 0.43 41.40
C ILE B 73 21.95 1.61 41.95
N THR B 74 21.91 1.71 43.29
CA THR B 74 21.01 2.64 43.95
C THR B 74 21.39 4.09 43.64
N GLY B 75 20.37 4.94 43.50
CA GLY B 75 20.56 6.32 43.12
C GLY B 75 20.66 6.55 41.62
N SER B 76 20.64 5.50 40.82
CA SER B 76 20.78 5.60 39.38
C SER B 76 19.72 4.74 38.70
N ARG B 77 19.61 4.91 37.38
CA ARG B 77 18.82 4.02 36.56
C ARG B 77 19.66 2.88 35.97
N ASN B 78 20.84 2.65 36.52
CA ASN B 78 21.75 1.62 36.04
C ASN B 78 21.60 0.33 36.85
N TYR B 79 22.03 -0.76 36.22
CA TYR B 79 21.85 -2.10 36.73
C TYR B 79 23.07 -2.93 36.33
N THR B 80 23.44 -3.87 37.19
CA THR B 80 24.62 -4.70 37.00
C THR B 80 24.17 -6.13 36.74
N MET B 81 24.60 -6.68 35.60
CA MET B 81 24.24 -8.04 35.22
C MET B 81 25.43 -8.97 35.47
N ASN B 82 25.17 -10.07 36.18
CA ASN B 82 26.14 -11.14 36.35
C ASN B 82 25.92 -12.18 35.26
N LEU B 83 26.99 -12.47 34.52
CA LEU B 83 26.87 -13.26 33.31
C LEU B 83 26.85 -14.76 33.60
N ALA B 84 26.00 -15.47 32.85
CA ALA B 84 25.91 -16.92 32.96
C ALA B 84 26.25 -17.56 31.63
N TYR B 91 29.40 -18.85 33.91
CA TYR B 91 30.65 -18.52 33.23
C TYR B 91 31.87 -19.02 33.99
N ASP B 92 32.68 -19.84 33.34
CA ASP B 92 34.00 -20.20 33.90
C ASP B 92 35.06 -19.25 33.37
N PRO B 93 35.71 -18.45 34.22
CA PRO B 93 36.81 -17.60 33.72
C PRO B 93 38.03 -18.38 33.29
N THR B 94 38.07 -19.69 33.53
CA THR B 94 39.26 -20.50 33.29
C THR B 94 39.40 -20.94 31.84
N GLU B 95 38.32 -20.94 31.06
CA GLU B 95 38.44 -21.30 29.64
C GLU B 95 39.38 -20.33 28.94
N GLU B 96 40.28 -20.88 28.13
CA GLU B 96 41.34 -20.11 27.49
C GLU B 96 40.79 -19.30 26.31
N ILE B 97 39.89 -18.38 26.63
CA ILE B 97 39.29 -17.47 25.65
C ILE B 97 39.40 -16.05 26.18
N PRO B 98 39.39 -15.05 25.29
CA PRO B 98 39.53 -13.66 25.76
C PRO B 98 38.36 -13.18 26.60
N ALA B 99 37.16 -13.69 26.34
CA ALA B 99 35.96 -13.21 26.99
C ALA B 99 34.86 -14.23 26.75
N PRO B 100 33.71 -14.09 27.41
CA PRO B 100 32.58 -14.95 27.09
C PRO B 100 32.27 -14.95 25.60
N LEU B 101 31.90 -16.12 25.08
CA LEU B 101 31.59 -16.25 23.66
C LEU B 101 30.44 -15.34 23.28
N GLY B 102 30.63 -14.58 22.20
CA GLY B 102 29.65 -13.63 21.76
C GLY B 102 29.78 -12.24 22.33
N THR B 103 30.83 -11.98 23.09
CA THR B 103 31.04 -10.65 23.66
C THR B 103 31.29 -9.64 22.55
N PRO B 104 30.75 -8.43 22.66
CA PRO B 104 31.07 -7.39 21.66
C PRO B 104 32.57 -7.16 21.58
N ASP B 105 33.07 -7.07 20.35
CA ASP B 105 34.50 -6.91 20.08
C ASP B 105 34.81 -5.53 19.50
N PHE B 106 34.09 -4.51 19.93
CA PHE B 106 34.40 -3.15 19.55
C PHE B 106 33.98 -2.20 20.67
N VAL B 107 34.61 -1.03 20.67
CA VAL B 107 34.35 -0.01 21.69
C VAL B 107 33.21 0.88 21.22
N GLY B 108 32.19 1.04 22.06
CA GLY B 108 31.06 1.87 21.71
C GLY B 108 29.92 1.65 22.68
N LYS B 109 28.85 2.42 22.45
CA LYS B 109 27.64 2.36 23.27
C LYS B 109 26.56 1.65 22.46
N ILE B 110 26.16 0.47 22.93
CA ILE B 110 25.19 -0.38 22.25
C ILE B 110 23.84 -0.22 22.95
N GLN B 111 22.83 0.16 22.19
CA GLN B 111 21.47 0.28 22.70
C GLN B 111 20.71 -1.02 22.45
N GLY B 112 19.71 -1.26 23.29
CA GLY B 112 18.92 -2.47 23.14
C GLY B 112 17.83 -2.53 24.18
N VAL B 113 17.29 -3.74 24.37
CA VAL B 113 16.15 -3.95 25.26
C VAL B 113 16.53 -4.96 26.32
N LEU B 114 16.28 -4.62 27.59
CA LEU B 114 16.41 -5.50 28.72
C LEU B 114 15.03 -6.06 29.06
N THR B 115 14.87 -7.38 28.95
CA THR B 115 13.60 -8.05 29.23
C THR B 115 13.80 -9.03 30.37
N GLN B 116 12.93 -8.96 31.37
CA GLN B 116 13.01 -9.80 32.55
C GLN B 116 11.74 -10.61 32.73
N THR B 117 11.89 -11.82 33.28
CA THR B 117 10.74 -12.65 33.60
C THR B 117 10.76 -13.05 35.06
N THR B 118 9.59 -12.95 35.71
CA THR B 118 9.43 -13.36 37.10
C THR B 118 8.87 -14.78 37.12
N ARG B 119 9.63 -15.69 37.74
CA ARG B 119 9.29 -17.11 37.69
C ARG B 119 7.98 -17.42 38.41
N THR B 120 7.75 -16.81 39.58
CA THR B 120 6.68 -17.22 40.47
C THR B 120 5.31 -17.22 39.78
N ASP B 121 5.07 -16.27 38.88
CA ASP B 121 3.78 -16.11 38.25
C ASP B 121 3.83 -15.91 36.74
N GLY B 122 4.98 -15.59 36.17
CA GLY B 122 5.08 -15.36 34.75
C GLY B 122 4.98 -13.91 34.33
N SER B 123 5.22 -12.97 35.24
CA SER B 123 5.25 -11.57 34.85
C SER B 123 6.41 -11.29 33.93
N THR B 124 6.19 -10.38 32.97
CA THR B 124 7.21 -10.02 32.01
C THR B 124 7.42 -8.51 32.03
N ARG B 125 8.66 -8.10 31.78
CA ARG B 125 9.04 -6.69 31.83
C ARG B 125 10.04 -6.40 30.73
N GLY B 126 9.98 -5.17 30.21
CA GLY B 126 10.90 -4.74 29.17
C GLY B 126 11.23 -3.27 29.22
N HIS B 127 12.51 -2.91 29.06
CA HIS B 127 12.92 -1.52 29.21
C HIS B 127 14.13 -1.22 28.33
N LYS B 128 14.25 0.04 27.93
CA LYS B 128 15.37 0.48 27.11
C LYS B 128 16.65 0.43 27.93
N ALA B 129 17.63 -0.35 27.46
CA ALA B 129 18.91 -0.47 28.12
C ALA B 129 20.03 -0.11 27.15
N THR B 130 21.17 0.23 27.71
CA THR B 130 22.36 0.54 26.93
C THR B 130 23.56 0.00 27.68
N VAL B 131 24.57 -0.45 26.94
CA VAL B 131 25.82 -0.93 27.52
C VAL B 131 26.98 -0.23 26.82
N TYR B 132 27.89 0.35 27.61
CA TYR B 132 29.09 0.97 27.07
C TYR B 132 30.24 -0.01 27.26
N THR B 133 30.74 -0.55 26.14
CA THR B 133 31.82 -1.53 26.21
C THR B 133 33.15 -0.90 26.61
N GLY B 134 33.32 0.40 26.38
CA GLY B 134 34.52 1.07 26.83
C GLY B 134 34.46 1.58 28.26
N SER B 135 33.42 1.22 29.00
CA SER B 135 33.25 1.70 30.37
C SER B 135 34.17 0.96 31.32
N ALA B 136 34.54 1.63 32.41
CA ALA B 136 35.37 1.01 33.44
C ALA B 136 34.64 -0.12 34.15
N ASP B 137 33.31 -0.15 34.07
CA ASP B 137 32.50 -1.20 34.69
C ASP B 137 32.13 -2.30 33.71
N PHE B 138 32.80 -2.38 32.57
CA PHE B 138 32.58 -3.42 31.56
C PHE B 138 33.66 -4.47 31.74
N ALA B 139 33.35 -5.51 32.51
CA ALA B 139 34.28 -6.61 32.79
C ALA B 139 33.60 -7.94 32.47
N PRO B 140 33.41 -8.25 31.18
CA PRO B 140 32.77 -9.54 30.84
C PRO B 140 33.63 -10.73 31.20
N LYS B 141 34.95 -10.62 31.05
CA LYS B 141 35.84 -11.71 31.43
C LYS B 141 35.73 -12.04 32.91
N LEU B 142 35.33 -11.07 33.73
CA LEU B 142 35.16 -11.28 35.16
C LEU B 142 33.73 -11.65 35.54
N GLY B 143 32.79 -11.58 34.60
CA GLY B 143 31.46 -12.08 34.83
C GLY B 143 30.38 -11.05 35.13
N ARG B 144 30.62 -9.77 34.88
CA ARG B 144 29.63 -8.75 35.16
C ARG B 144 29.76 -7.61 34.18
N VAL B 145 28.62 -7.01 33.83
CA VAL B 145 28.57 -5.86 32.94
C VAL B 145 27.52 -4.88 33.47
N GLN B 146 27.51 -3.68 32.90
CA GLN B 146 26.67 -2.58 33.39
C GLN B 146 25.76 -2.08 32.27
N PHE B 147 24.49 -1.88 32.61
CA PHE B 147 23.50 -1.34 31.69
C PHE B 147 22.86 -0.11 32.32
N GLU B 148 22.62 0.93 31.53
CA GLU B 148 21.84 2.08 32.00
C GLU B 148 20.44 1.98 31.39
N THR B 149 19.44 1.95 32.25
CA THR B 149 18.06 1.75 31.84
C THR B 149 17.24 3.02 32.09
N ASP B 150 15.92 2.87 32.07
CA ASP B 150 14.99 3.97 32.31
C ASP B 150 14.13 3.72 33.54
N THR B 151 14.55 2.83 34.44
CA THR B 151 13.78 2.49 35.62
C THR B 151 14.69 2.38 36.84
N ASP B 152 14.08 2.50 38.01
CA ASP B 152 14.78 2.40 39.27
C ASP B 152 14.28 1.28 40.17
N ARG B 153 13.19 0.59 39.80
CA ARG B 153 12.55 -0.33 40.71
C ARG B 153 11.92 -1.50 39.98
N ASP B 154 11.88 -1.43 38.65
CA ASP B 154 11.10 -2.41 37.89
C ASP B 154 11.79 -3.77 37.86
N PHE B 155 13.08 -3.81 37.54
CA PHE B 155 13.77 -5.10 37.45
C PHE B 155 13.97 -5.70 38.84
N GLU B 156 13.48 -6.92 39.04
CA GLU B 156 13.62 -7.59 40.32
C GLU B 156 15.02 -8.20 40.45
N ALA B 157 15.30 -8.71 41.65
CA ALA B 157 16.60 -9.29 41.96
C ALA B 157 16.61 -10.78 41.62
N ASN B 158 17.72 -11.22 41.00
CA ASN B 158 17.95 -12.63 40.69
C ASN B 158 16.81 -13.22 39.87
N GLN B 159 16.31 -12.44 38.91
CA GLN B 159 15.32 -12.90 37.96
C GLN B 159 15.95 -12.97 36.58
N ASN B 160 15.54 -13.96 35.80
CA ASN B 160 16.15 -14.19 34.50
C ASN B 160 15.92 -12.99 33.58
N THR B 161 17.03 -12.37 33.15
CA THR B 161 17.01 -11.14 32.37
C THR B 161 17.88 -11.34 31.13
N LYS B 162 17.41 -10.79 30.01
CA LYS B 162 18.06 -10.92 28.71
C LYS B 162 18.22 -9.54 28.10
N PHE B 163 19.41 -9.26 27.59
CA PHE B 163 19.68 -8.05 26.82
C PHE B 163 19.76 -8.43 25.34
N THR B 164 18.83 -7.88 24.56
CA THR B 164 18.82 -8.03 23.11
C THR B 164 19.33 -6.74 22.48
N PRO B 165 20.38 -6.78 21.67
CA PRO B 165 20.89 -5.55 21.07
C PRO B 165 20.01 -5.07 19.92
N VAL B 166 20.13 -3.78 19.61
CA VAL B 166 19.38 -3.17 18.52
C VAL B 166 20.32 -2.35 17.65
N GLY B 167 21.06 -1.45 18.27
CA GLY B 167 21.97 -0.60 17.53
C GLY B 167 22.92 0.14 18.42
N VAL B 168 23.48 1.23 17.88
CA VAL B 168 24.45 2.06 18.58
C VAL B 168 23.87 3.44 18.78
N ILE B 169 24.33 4.11 19.84
CA ILE B 169 23.84 5.43 20.19
C ILE B 169 24.96 6.46 20.24
N THR B 175 31.33 15.09 18.47
CA THR B 175 31.81 15.12 17.09
C THR B 175 31.21 13.96 16.29
N HIS B 176 30.80 14.25 15.06
CA HIS B 176 30.12 13.26 14.25
C HIS B 176 31.05 12.09 13.91
N ARG B 177 30.50 10.87 13.96
CA ARG B 177 31.22 9.65 13.62
C ARG B 177 32.43 9.43 14.52
N ASN B 178 32.38 9.96 15.74
CA ASN B 178 33.41 9.69 16.75
C ASN B 178 33.11 8.46 17.58
N GLU B 179 31.99 7.78 17.31
CA GLU B 179 31.56 6.61 18.06
C GLU B 179 30.53 5.89 17.21
N PRO B 180 30.57 4.55 17.14
CA PRO B 180 31.52 3.64 17.77
C PRO B 180 32.77 3.38 16.93
N GLN B 181 33.90 3.13 17.59
CA GLN B 181 35.15 2.76 16.91
C GLN B 181 35.19 1.24 16.79
N GLN B 182 35.07 0.74 15.56
CA GLN B 182 34.92 -0.70 15.35
C GLN B 182 36.24 -1.44 15.40
N TRP B 183 37.38 -0.75 15.27
CA TRP B 183 38.68 -1.40 15.26
C TRP B 183 39.43 -1.23 16.57
N VAL B 184 38.74 -0.89 17.66
CA VAL B 184 39.34 -0.76 18.98
C VAL B 184 38.69 -1.79 19.89
N LEU B 185 39.49 -2.71 20.41
CA LEU B 185 38.97 -3.79 21.22
C LEU B 185 38.65 -3.31 22.63
N PRO B 186 37.62 -3.85 23.25
CA PRO B 186 37.35 -3.53 24.66
C PRO B 186 38.34 -4.21 25.58
N SER B 187 38.40 -3.71 26.81
CA SER B 187 39.22 -4.29 27.86
C SER B 187 38.32 -5.24 28.68
N TYR B 188 38.43 -6.54 28.38
CA TYR B 188 37.50 -7.52 28.93
C TYR B 188 37.62 -7.68 30.44
N SER B 189 38.78 -7.37 31.02
CA SER B 189 38.95 -7.51 32.46
C SER B 189 38.94 -6.18 33.21
N GLY B 190 38.88 -5.05 32.50
CA GLY B 190 38.90 -3.76 33.17
C GLY B 190 40.06 -2.89 32.74
N ARG B 191 40.37 -1.86 33.52
CA ARG B 191 41.37 -0.87 33.12
C ARG B 191 42.77 -1.17 33.64
N ASN B 192 42.90 -1.98 34.68
CA ASN B 192 44.22 -2.32 35.21
C ASN B 192 44.65 -3.70 34.73
N HIS B 194 45.00 -6.50 30.99
CA HIS B 194 45.27 -6.78 29.59
C HIS B 194 44.43 -7.95 29.10
N ASN B 195 44.21 -8.00 27.79
CA ASN B 195 43.43 -9.09 27.20
C ASN B 195 44.32 -10.31 26.97
N VAL B 196 43.69 -11.49 26.96
CA VAL B 196 44.38 -12.76 26.85
C VAL B 196 43.74 -13.59 25.75
N HIS B 197 44.51 -14.54 25.23
CA HIS B 197 44.02 -15.53 24.26
C HIS B 197 43.35 -14.88 23.06
N LEU B 198 43.86 -13.73 22.64
CA LEU B 198 43.23 -12.99 21.55
C LEU B 198 43.51 -13.66 20.21
N ALA B 199 42.55 -13.54 19.30
CA ALA B 199 42.77 -13.96 17.93
C ALA B 199 43.80 -13.03 17.28
N PRO B 200 44.66 -13.54 16.40
CA PRO B 200 45.71 -12.69 15.83
C PRO B 200 45.13 -11.54 15.01
N ALA B 201 45.88 -10.44 14.96
CA ALA B 201 45.53 -9.33 14.09
C ALA B 201 45.73 -9.76 12.63
N VAL B 202 45.10 -9.02 11.72
CA VAL B 202 45.03 -9.39 10.32
C VAL B 202 45.54 -8.23 9.48
N ALA B 203 46.37 -8.54 8.48
CA ALA B 203 46.90 -7.55 7.55
C ALA B 203 47.33 -8.27 6.29
N PRO B 204 47.19 -7.64 5.12
CA PRO B 204 47.64 -8.28 3.87
C PRO B 204 49.16 -8.25 3.76
N THR B 205 49.75 -9.44 3.63
CA THR B 205 51.20 -9.60 3.51
C THR B 205 51.65 -9.78 2.06
N PHE B 206 50.85 -9.26 1.12
CA PHE B 206 51.16 -9.33 -0.30
C PHE B 206 51.10 -7.92 -0.86
N PRO B 207 52.15 -7.44 -1.53
CA PRO B 207 52.14 -6.05 -2.01
C PRO B 207 51.03 -5.81 -3.03
N GLY B 208 50.39 -4.65 -2.92
CA GLY B 208 49.27 -4.32 -3.76
C GLY B 208 47.97 -5.00 -3.39
N GLU B 209 47.93 -5.68 -2.25
CA GLU B 209 46.73 -6.37 -1.78
C GLU B 209 46.18 -5.68 -0.54
N GLN B 210 44.86 -5.70 -0.41
CA GLN B 210 44.18 -5.18 0.77
C GLN B 210 43.15 -6.20 1.24
N LEU B 211 42.58 -5.92 2.41
CA LEU B 211 41.53 -6.77 2.95
C LEU B 211 40.20 -6.49 2.26
N LEU B 212 39.40 -7.53 2.10
CA LEU B 212 38.03 -7.41 1.63
C LEU B 212 37.11 -7.63 2.83
N PHE B 213 36.40 -6.58 3.21
CA PHE B 213 35.50 -6.62 4.36
C PHE B 213 34.07 -6.86 3.91
N PHE B 214 33.36 -7.70 4.64
CA PHE B 214 31.92 -7.86 4.47
C PHE B 214 31.26 -6.84 5.38
N ARG B 215 30.62 -5.83 4.78
CA ARG B 215 30.24 -4.61 5.48
C ARG B 215 28.73 -4.53 5.64
N SER B 216 28.30 -4.16 6.84
CA SER B 216 26.91 -3.89 7.15
C SER B 216 26.77 -2.50 7.75
N THR B 217 25.54 -2.01 7.76
CA THR B 217 25.22 -0.71 8.35
C THR B 217 24.41 -0.97 9.62
N MET B 218 25.02 -0.67 10.77
CA MET B 218 24.34 -0.89 12.03
C MET B 218 23.17 0.08 12.18
N PRO B 219 22.08 -0.33 12.82
CA PRO B 219 21.00 0.61 13.12
C PRO B 219 21.47 1.65 14.14
N GLY B 220 21.10 2.90 13.90
CA GLY B 220 21.44 4.01 14.77
C GLY B 220 20.23 4.47 15.55
N CYS B 221 20.44 4.83 16.82
CA CYS B 221 19.36 5.22 17.70
C CYS B 221 19.46 6.64 18.23
N SER B 222 20.60 7.32 18.05
CA SER B 222 20.75 8.71 18.48
C SER B 222 22.02 9.27 17.88
N GLY B 223 22.06 10.60 17.79
CA GLY B 223 23.25 11.33 17.39
C GLY B 223 23.69 11.01 15.97
N TYR B 224 25.00 11.05 15.77
CA TYR B 224 25.61 10.85 14.46
C TYR B 224 26.65 9.75 14.57
N PRO B 225 26.22 8.49 14.69
CA PRO B 225 27.16 7.40 14.94
C PRO B 225 27.77 6.86 13.67
N ASN B 226 28.94 6.23 13.83
CA ASN B 226 29.62 5.52 12.75
C ASN B 226 28.99 4.13 12.64
N MET B 227 28.13 3.94 11.65
CA MET B 227 27.30 2.75 11.57
C MET B 227 27.89 1.67 10.67
N ASP B 228 29.11 1.86 10.18
CA ASP B 228 29.78 0.85 9.38
C ASP B 228 30.35 -0.24 10.28
N LEU B 229 30.04 -1.50 9.97
CA LEU B 229 30.59 -2.63 10.69
C LEU B 229 31.13 -3.64 9.68
N ASP B 230 32.43 -3.87 9.71
CA ASP B 230 33.10 -4.74 8.76
C ASP B 230 33.54 -6.02 9.46
N CYS B 231 33.23 -7.17 8.85
CA CYS B 231 33.65 -8.46 9.36
C CYS B 231 34.46 -9.20 8.29
N LEU B 232 35.39 -10.03 8.75
CA LEU B 232 36.29 -10.74 7.86
C LEU B 232 35.63 -11.95 7.21
N LEU B 233 34.70 -12.60 7.90
CA LEU B 233 34.02 -13.78 7.41
C LEU B 233 32.53 -13.68 7.73
N PRO B 234 31.66 -14.04 6.80
CA PRO B 234 30.23 -14.11 7.13
C PRO B 234 29.97 -15.24 8.13
N GLN B 235 28.91 -15.06 8.92
CA GLN B 235 28.55 -16.07 9.91
C GLN B 235 28.22 -17.40 9.26
N GLU B 236 27.56 -17.36 8.09
CA GLU B 236 27.26 -18.58 7.36
C GLU B 236 28.54 -19.30 6.95
N TRP B 237 29.57 -18.54 6.56
CA TRP B 237 30.86 -19.15 6.23
C TRP B 237 31.47 -19.80 7.46
N VAL B 238 31.34 -19.18 8.63
CA VAL B 238 31.86 -19.76 9.86
C VAL B 238 31.17 -21.09 10.16
N GLN B 239 29.82 -21.09 10.09
CA GLN B 239 29.07 -22.31 10.35
C GLN B 239 29.43 -23.40 9.34
N TYR B 240 29.59 -23.04 8.07
CA TYR B 240 29.93 -24.01 7.04
C TYR B 240 31.32 -24.60 7.27
N PHE B 241 32.31 -23.74 7.50
CA PHE B 241 33.66 -24.23 7.75
C PHE B 241 33.68 -25.13 8.98
N TYR B 242 32.94 -24.77 10.03
CA TYR B 242 32.87 -25.61 11.22
C TYR B 242 32.27 -26.97 10.90
N GLN B 243 31.24 -27.00 10.05
CA GLN B 243 30.59 -28.26 9.73
C GLN B 243 31.47 -29.16 8.89
N GLU B 244 32.04 -28.61 7.81
CA GLU B 244 32.73 -29.46 6.84
C GLU B 244 34.07 -29.96 7.37
N ALA B 245 34.82 -29.10 8.06
CA ALA B 245 36.11 -29.47 8.65
C ALA B 245 37.05 -30.07 7.60
N ALA B 246 37.11 -29.41 6.45
CA ALA B 246 37.97 -29.88 5.36
C ALA B 246 39.38 -29.30 5.53
N PRO B 247 40.41 -30.13 5.47
CA PRO B 247 41.77 -29.62 5.70
C PRO B 247 42.23 -28.70 4.59
N ALA B 248 43.00 -27.69 4.98
CA ALA B 248 43.57 -26.73 4.03
C ALA B 248 44.80 -27.33 3.39
N GLN B 249 44.73 -27.62 2.09
CA GLN B 249 45.86 -28.18 1.36
C GLN B 249 46.89 -27.14 0.96
N SER B 250 46.57 -25.86 1.14
CA SER B 250 47.51 -24.78 0.84
C SER B 250 47.30 -23.67 1.85
N ASP B 251 48.18 -22.67 1.79
CA ASP B 251 48.05 -21.53 2.70
C ASP B 251 46.92 -20.59 2.27
N VAL B 252 46.55 -20.60 1.00
CA VAL B 252 45.52 -19.71 0.50
C VAL B 252 44.70 -20.42 -0.58
N ALA B 253 43.40 -20.17 -0.58
CA ALA B 253 42.46 -20.77 -1.51
C ALA B 253 41.90 -19.70 -2.42
N LEU B 254 41.97 -19.93 -3.72
CA LEU B 254 41.50 -18.97 -4.71
C LEU B 254 40.00 -19.08 -4.85
N LEU B 255 39.29 -18.02 -4.46
CA LEU B 255 37.85 -17.92 -4.67
C LEU B 255 37.58 -16.94 -5.82
N ARG B 256 36.53 -17.25 -6.58
CA ARG B 256 36.12 -16.42 -7.72
C ARG B 256 34.66 -16.03 -7.55
N PHE B 257 34.39 -14.73 -7.68
CA PHE B 257 33.03 -14.21 -7.65
C PHE B 257 32.40 -14.45 -9.02
N VAL B 258 31.38 -15.30 -9.07
CA VAL B 258 30.79 -15.73 -10.34
C VAL B 258 29.34 -15.29 -10.39
N ASN B 259 28.86 -15.04 -11.61
CA ASN B 259 27.45 -14.80 -11.85
C ASN B 259 26.77 -16.12 -12.20
N PRO B 260 25.77 -16.56 -11.44
CA PRO B 260 25.21 -17.91 -11.68
C PRO B 260 24.46 -18.02 -12.99
N ASP B 261 23.87 -16.94 -13.48
CA ASP B 261 23.11 -16.99 -14.71
C ASP B 261 24.03 -17.11 -15.92
N THR B 262 24.97 -16.16 -16.05
CA THR B 262 25.83 -16.08 -17.22
C THR B 262 27.12 -16.88 -17.07
N GLY B 263 27.57 -17.13 -15.83
CA GLY B 263 28.84 -17.78 -15.62
C GLY B 263 30.04 -16.84 -15.65
N ARG B 264 29.82 -15.55 -15.87
CA ARG B 264 30.92 -14.60 -15.96
C ARG B 264 31.56 -14.38 -14.59
N VAL B 265 32.88 -14.39 -14.55
CA VAL B 265 33.63 -14.09 -13.35
C VAL B 265 33.84 -12.59 -13.26
N LEU B 266 33.50 -12.01 -12.11
CA LEU B 266 33.68 -10.57 -11.93
C LEU B 266 35.00 -10.24 -11.26
N PHE B 267 35.38 -10.98 -10.23
CA PHE B 267 36.70 -10.83 -9.63
C PHE B 267 37.08 -12.11 -8.93
N GLU B 268 38.35 -12.21 -8.55
CA GLU B 268 38.86 -13.31 -7.76
C GLU B 268 39.54 -12.75 -6.52
N CYS B 269 39.60 -13.55 -5.47
CA CYS B 269 40.15 -13.12 -4.19
C CYS B 269 40.93 -14.27 -3.57
N LYS B 270 41.61 -13.95 -2.47
CA LYS B 270 42.43 -14.90 -1.73
C LYS B 270 41.77 -15.19 -0.39
N LEU B 271 41.41 -16.44 -0.16
CA LEU B 271 40.88 -16.88 1.13
C LEU B 271 41.99 -17.57 1.90
N HIS B 272 42.53 -16.90 2.90
CA HIS B 272 43.63 -17.44 3.67
C HIS B 272 43.15 -18.48 4.66
N LYS B 273 44.01 -19.46 4.94
CA LYS B 273 43.61 -20.57 5.81
C LYS B 273 43.30 -20.10 7.22
N SER B 274 43.85 -18.95 7.63
CA SER B 274 43.61 -18.46 8.98
C SER B 274 42.21 -17.85 9.12
N GLY B 275 41.66 -17.29 8.04
CA GLY B 275 40.29 -16.83 8.07
C GLY B 275 40.06 -15.38 7.70
N TYR B 276 40.59 -14.94 6.56
CA TYR B 276 40.31 -13.60 6.05
C TYR B 276 40.53 -13.60 4.54
N VAL B 277 40.04 -12.54 3.90
CA VAL B 277 40.01 -12.43 2.45
C VAL B 277 40.80 -11.20 2.03
N THR B 278 41.51 -11.31 0.90
CA THR B 278 42.27 -10.20 0.34
C THR B 278 42.00 -10.09 -1.16
N VAL B 279 42.11 -8.86 -1.66
CA VAL B 279 41.92 -8.55 -3.08
C VAL B 279 43.05 -7.64 -3.54
N ALA B 280 43.23 -7.58 -4.86
CA ALA B 280 44.26 -6.76 -5.48
C ALA B 280 43.62 -5.44 -5.90
N HIS B 281 43.82 -4.40 -5.09
CA HIS B 281 43.23 -3.10 -5.33
C HIS B 281 44.07 -2.06 -4.61
N THR B 282 43.81 -0.79 -4.93
CA THR B 282 44.48 0.33 -4.26
C THR B 282 43.46 1.44 -4.02
N GLY B 283 43.17 1.73 -2.77
CA GLY B 283 42.28 2.81 -2.40
C GLY B 283 40.96 2.30 -1.85
N GLN B 284 40.24 3.20 -1.19
CA GLN B 284 38.92 2.88 -0.68
C GLN B 284 37.93 2.71 -1.84
N HIS B 285 37.08 1.70 -1.74
CA HIS B 285 36.20 1.34 -2.85
C HIS B 285 35.07 0.45 -2.36
N ASP B 286 33.85 0.77 -2.75
CA ASP B 286 32.69 -0.08 -2.50
C ASP B 286 32.42 -0.89 -3.75
N LEU B 287 32.53 -2.22 -3.64
CA LEU B 287 32.43 -3.08 -4.81
C LEU B 287 31.01 -3.08 -5.36
N VAL B 288 30.89 -2.87 -6.67
CA VAL B 288 29.61 -2.95 -7.35
C VAL B 288 29.48 -4.35 -7.92
N ILE B 289 28.49 -5.10 -7.45
CA ILE B 289 28.35 -6.51 -7.79
C ILE B 289 26.89 -6.78 -8.15
N PRO B 290 26.63 -7.84 -8.91
CA PRO B 290 25.24 -8.21 -9.21
C PRO B 290 24.58 -8.76 -7.96
N PRO B 291 23.29 -8.47 -7.76
CA PRO B 291 22.61 -8.94 -6.54
C PRO B 291 22.59 -10.46 -6.40
N ASN B 292 22.78 -11.20 -7.49
CA ASN B 292 22.75 -12.66 -7.45
C ASN B 292 24.14 -13.29 -7.45
N GLY B 293 25.20 -12.49 -7.35
CA GLY B 293 26.54 -13.03 -7.38
C GLY B 293 26.89 -13.78 -6.11
N TYR B 294 27.80 -14.73 -6.23
CA TYR B 294 28.21 -15.57 -5.11
C TYR B 294 29.68 -15.94 -5.25
N PHE B 295 30.27 -16.40 -4.15
CA PHE B 295 31.66 -16.81 -4.13
C PHE B 295 31.77 -18.31 -4.43
N ARG B 296 32.71 -18.66 -5.30
CA ARG B 296 32.91 -20.04 -5.71
C ARG B 296 34.37 -20.40 -5.52
N PHE B 297 34.62 -21.55 -4.88
CA PHE B 297 35.97 -22.04 -4.68
C PHE B 297 36.43 -22.82 -5.90
N ASP B 298 37.68 -22.62 -6.29
CA ASP B 298 38.22 -23.27 -7.48
C ASP B 298 39.45 -24.12 -7.20
N SER B 299 40.45 -23.57 -6.51
CA SER B 299 41.69 -24.31 -6.30
C SER B 299 42.41 -23.76 -5.07
N TRP B 300 43.41 -24.52 -4.63
CA TRP B 300 44.34 -24.10 -3.60
C TRP B 300 45.60 -23.58 -4.29
N VAL B 301 45.94 -22.32 -4.05
CA VAL B 301 47.05 -21.71 -4.76
C VAL B 301 48.21 -21.47 -3.79
N ASN B 302 49.40 -21.31 -4.35
CA ASN B 302 50.62 -21.23 -3.56
C ASN B 302 50.78 -19.83 -2.96
N GLN B 303 51.93 -19.59 -2.35
CA GLN B 303 52.23 -18.31 -1.73
C GLN B 303 52.59 -17.22 -2.73
N PHE B 304 53.01 -17.60 -3.94
CA PHE B 304 53.42 -16.64 -4.96
C PHE B 304 52.30 -16.30 -5.94
N TYR B 305 51.06 -16.63 -5.63
CA TYR B 305 49.98 -16.44 -6.59
C TYR B 305 49.65 -14.96 -6.73
N THR B 306 49.77 -14.45 -7.95
CA THR B 306 49.41 -13.07 -8.25
C THR B 306 47.94 -13.01 -8.63
N LEU B 307 47.16 -12.26 -7.85
CA LEU B 307 45.76 -12.05 -8.19
C LEU B 307 45.63 -11.13 -9.38
N ALA B 308 44.71 -11.45 -10.27
CA ALA B 308 44.37 -10.54 -11.35
C ALA B 308 43.59 -9.36 -10.77
N PRO B 309 44.07 -8.13 -10.94
CA PRO B 309 43.43 -7.00 -10.24
C PRO B 309 42.06 -6.68 -10.83
N MET B 310 41.16 -6.21 -9.97
CA MET B 310 39.84 -5.77 -10.41
C MET B 310 39.64 -4.30 -10.07
N GLY B 311 39.09 -3.57 -11.03
CA GLY B 311 38.87 -2.15 -10.88
C GLY B 311 37.86 -1.80 -9.80
N GLN C 1 16.66 -33.97 -8.36
CA GLN C 1 15.58 -33.52 -7.51
C GLN C 1 14.28 -33.38 -8.31
N VAL C 2 14.38 -32.77 -9.47
CA VAL C 2 13.24 -32.53 -10.36
C VAL C 2 13.57 -33.13 -11.73
N LYS C 3 12.61 -33.85 -12.31
CA LYS C 3 12.79 -34.42 -13.63
C LYS C 3 11.76 -33.83 -14.60
N LEU C 4 12.19 -33.57 -15.82
CA LEU C 4 11.31 -33.03 -16.85
C LEU C 4 11.38 -33.90 -18.09
N GLN C 5 10.21 -34.21 -18.66
CA GLN C 5 10.12 -35.03 -19.87
C GLN C 5 9.25 -34.31 -20.89
N GLN C 6 9.79 -34.06 -22.08
CA GLN C 6 9.07 -33.35 -23.13
C GLN C 6 8.64 -34.31 -24.23
N SER C 7 7.74 -33.80 -25.08
CA SER C 7 7.23 -34.53 -26.24
C SER C 7 6.63 -33.53 -27.22
N GLY C 8 6.60 -33.92 -28.49
CA GLY C 8 5.82 -33.19 -29.48
C GLY C 8 6.56 -32.56 -30.64
N GLY C 9 7.82 -32.92 -30.85
CA GLY C 9 8.59 -32.33 -31.92
C GLY C 9 8.20 -32.84 -33.29
N GLY C 10 8.81 -32.23 -34.31
CA GLY C 10 8.59 -32.66 -35.68
C GLY C 10 8.91 -31.54 -36.65
N LEU C 11 8.43 -31.72 -37.87
CA LEU C 11 8.62 -30.78 -38.96
C LEU C 11 7.26 -30.33 -39.49
N VAL C 12 7.11 -29.01 -39.66
CA VAL C 12 5.96 -28.44 -40.34
C VAL C 12 6.46 -27.60 -41.51
N GLN C 13 5.50 -27.14 -42.31
CA GLN C 13 5.85 -26.19 -43.35
C GLN C 13 5.11 -24.88 -43.10
N PRO C 14 5.66 -23.76 -43.56
CA PRO C 14 5.17 -22.44 -43.11
C PRO C 14 3.65 -22.30 -43.13
N GLY C 15 3.12 -21.78 -42.03
CA GLY C 15 1.69 -21.69 -41.84
C GLY C 15 1.08 -22.82 -41.03
N GLY C 16 1.88 -23.79 -40.59
CA GLY C 16 1.38 -24.93 -39.87
C GLY C 16 1.33 -24.70 -38.37
N SER C 17 0.88 -25.73 -37.66
CA SER C 17 0.70 -25.68 -36.22
C SER C 17 1.19 -26.98 -35.59
N LEU C 18 1.71 -26.86 -34.37
CA LEU C 18 2.11 -28.04 -33.61
C LEU C 18 1.89 -27.77 -32.13
N ARG C 19 2.16 -28.80 -31.33
CA ARG C 19 1.92 -28.73 -29.88
C ARG C 19 2.97 -29.54 -29.15
N LEU C 20 3.63 -28.90 -28.19
CA LEU C 20 4.59 -29.55 -27.32
C LEU C 20 4.01 -29.73 -25.92
N SER C 21 4.47 -30.77 -25.24
CA SER C 21 4.04 -31.08 -23.88
C SER C 21 5.27 -31.35 -23.02
N CYS C 22 5.16 -31.02 -21.73
CA CYS C 22 6.24 -31.25 -20.78
C CYS C 22 5.64 -31.65 -19.43
N ALA C 23 6.01 -32.84 -18.97
CA ALA C 23 5.56 -33.37 -17.69
C ALA C 23 6.71 -33.33 -16.69
N ALA C 24 6.42 -32.85 -15.49
CA ALA C 24 7.42 -32.72 -14.44
C ALA C 24 7.20 -33.78 -13.36
N SER C 25 8.29 -34.14 -12.69
CA SER C 25 8.28 -35.13 -11.62
C SER C 25 9.04 -34.55 -10.44
N GLU C 26 8.34 -34.36 -9.33
CA GLU C 26 8.88 -33.84 -8.09
C GLU C 26 8.45 -34.74 -6.94
N SER C 27 9.34 -34.88 -5.94
CA SER C 27 8.96 -35.62 -4.74
C SER C 27 7.83 -34.94 -3.99
N THR C 28 7.79 -33.61 -4.01
CA THR C 28 6.66 -32.84 -3.50
C THR C 28 6.40 -31.71 -4.49
N ILE C 29 5.15 -31.61 -4.96
CA ILE C 29 4.81 -30.61 -5.97
C ILE C 29 4.88 -29.23 -5.34
N SER C 30 5.57 -28.32 -6.02
CA SER C 30 5.86 -27.00 -5.50
C SER C 30 5.14 -25.93 -6.29
N ILE C 31 5.11 -24.73 -5.72
CA ILE C 31 4.70 -23.53 -6.44
C ILE C 31 5.85 -23.10 -7.32
N ASN C 32 5.65 -23.17 -8.64
CA ASN C 32 6.76 -23.01 -9.57
C ASN C 32 6.28 -22.32 -10.84
N THR C 33 7.25 -22.01 -11.70
CA THR C 33 7.02 -21.50 -13.04
C THR C 33 7.48 -22.54 -14.05
N LEU C 34 6.56 -23.00 -14.89
CA LEU C 34 6.87 -23.93 -15.97
C LEU C 34 6.86 -23.14 -17.28
N GLY C 35 7.84 -23.42 -18.14
CA GLY C 35 7.95 -22.63 -19.35
C GLY C 35 8.70 -23.33 -20.45
N TRP C 36 8.73 -22.65 -21.60
CA TRP C 36 9.46 -23.08 -22.78
C TRP C 36 10.42 -21.98 -23.20
N TYR C 37 11.63 -22.40 -23.57
CA TYR C 37 12.66 -21.57 -24.20
C TYR C 37 13.03 -22.22 -25.53
N ARG C 38 13.79 -21.49 -26.34
CA ARG C 38 14.23 -22.03 -27.62
C ARG C 38 15.60 -21.46 -28.00
N GLN C 39 16.37 -22.27 -28.73
CA GLN C 39 17.67 -21.85 -29.25
C GLN C 39 17.78 -22.26 -30.71
N ALA C 40 18.11 -21.28 -31.57
CA ALA C 40 18.28 -21.49 -33.00
C ALA C 40 19.74 -21.76 -33.32
N PRO C 41 20.01 -22.39 -34.47
CA PRO C 41 21.40 -22.70 -34.83
C PRO C 41 22.28 -21.46 -34.86
N GLY C 42 23.38 -21.51 -34.13
CA GLY C 42 24.28 -20.38 -34.02
C GLY C 42 23.69 -19.18 -33.33
N ASN C 43 22.58 -19.34 -32.63
CA ASN C 43 21.89 -18.24 -31.98
C ASN C 43 21.87 -18.45 -30.47
N GLN C 44 21.57 -17.37 -29.76
CA GLN C 44 21.42 -17.42 -28.31
C GLN C 44 20.08 -18.03 -27.93
N ARG C 45 20.05 -18.67 -26.77
CA ARG C 45 18.78 -19.20 -26.25
C ARG C 45 17.91 -18.06 -25.75
N GLU C 46 16.63 -18.10 -26.12
CA GLU C 46 15.70 -17.03 -25.80
C GLU C 46 14.42 -17.62 -25.23
N LEU C 47 13.69 -16.77 -24.52
CA LEU C 47 12.42 -17.15 -23.93
C LEU C 47 11.31 -17.13 -24.98
N VAL C 48 10.40 -18.10 -24.90
CA VAL C 48 9.18 -18.06 -25.69
C VAL C 48 7.93 -17.99 -24.82
N ALA C 49 7.87 -18.76 -23.73
CA ALA C 49 6.66 -18.66 -22.92
C ALA C 49 6.92 -19.17 -21.51
N THR C 50 6.20 -18.58 -20.54
CA THR C 50 6.19 -19.07 -19.17
C THR C 50 4.79 -18.96 -18.60
N ILE C 51 4.49 -19.82 -17.62
CA ILE C 51 3.25 -19.74 -16.86
C ILE C 51 3.50 -20.29 -15.46
N THR C 52 2.88 -19.64 -14.47
CA THR C 52 2.99 -20.03 -13.07
C THR C 52 1.79 -20.87 -12.65
N THR C 53 1.88 -21.44 -11.45
CA THR C 53 0.76 -22.22 -10.92
C THR C 53 -0.48 -21.37 -10.75
N GLY C 54 -0.31 -20.08 -10.45
CA GLY C 54 -1.46 -19.20 -10.35
C GLY C 54 -2.09 -18.85 -11.69
N GLY C 55 -1.35 -19.00 -12.79
CA GLY C 55 -1.86 -18.72 -14.11
C GLY C 55 -1.23 -17.55 -14.83
N THR C 56 -0.24 -16.87 -14.25
CA THR C 56 0.38 -15.72 -14.90
C THR C 56 1.23 -16.18 -16.08
N THR C 57 0.92 -15.70 -17.28
CA THR C 57 1.66 -16.07 -18.49
C THR C 57 2.54 -14.91 -18.94
N ASN C 58 3.67 -15.26 -19.54
CA ASN C 58 4.59 -14.30 -20.13
C ASN C 58 5.03 -14.82 -21.49
N TYR C 59 4.83 -14.01 -22.53
CA TYR C 59 5.17 -14.39 -23.88
C TYR C 59 6.26 -13.47 -24.43
N ALA C 60 7.05 -14.01 -25.35
CA ALA C 60 7.98 -13.19 -26.11
C ALA C 60 7.22 -12.42 -27.18
N ASP C 61 7.64 -11.18 -27.43
CA ASP C 61 6.90 -10.31 -28.33
C ASP C 61 6.81 -10.86 -29.75
N SER C 62 7.71 -11.76 -30.13
CA SER C 62 7.67 -12.31 -31.48
C SER C 62 6.55 -13.34 -31.64
N VAL C 63 6.16 -14.00 -30.55
CA VAL C 63 5.21 -15.11 -30.62
C VAL C 63 3.84 -14.75 -30.06
N LYS C 64 3.60 -13.49 -29.70
CA LYS C 64 2.31 -13.11 -29.15
C LYS C 64 1.21 -13.28 -30.18
N GLY C 65 0.13 -13.96 -29.79
CA GLY C 65 -1.00 -14.19 -30.67
C GLY C 65 -0.93 -15.52 -31.37
N ARG C 66 0.26 -15.93 -31.77
CA ARG C 66 0.46 -17.20 -32.45
C ARG C 66 0.67 -18.35 -31.48
N PHE C 67 1.40 -18.10 -30.39
CA PHE C 67 1.73 -19.13 -29.42
C PHE C 67 0.86 -18.98 -28.19
N THR C 68 0.45 -20.11 -27.61
CA THR C 68 -0.40 -20.11 -26.43
C THR C 68 0.10 -21.15 -25.44
N ILE C 69 0.40 -20.72 -24.23
CA ILE C 69 0.85 -21.62 -23.18
C ILE C 69 -0.35 -22.01 -22.32
N SER C 70 -0.32 -23.24 -21.81
CA SER C 70 -1.39 -23.75 -20.95
C SER C 70 -0.75 -24.61 -19.87
N ARG C 71 -1.48 -24.79 -18.77
CA ARG C 71 -0.94 -25.47 -17.60
C ARG C 71 -2.01 -26.35 -16.96
N ASP C 72 -1.55 -27.42 -16.31
CA ASP C 72 -2.40 -28.30 -15.52
C ASP C 72 -1.68 -28.56 -14.21
N ASN C 73 -2.22 -28.01 -13.12
CA ASN C 73 -1.59 -28.19 -11.81
C ASN C 73 -1.74 -29.61 -11.30
N ALA C 74 -2.93 -30.20 -11.50
CA ALA C 74 -3.18 -31.55 -10.99
C ALA C 74 -2.27 -32.57 -11.66
N LYS C 75 -2.01 -32.39 -12.96
CA LYS C 75 -1.08 -33.26 -13.67
C LYS C 75 0.34 -32.70 -13.70
N ASN C 76 0.55 -31.49 -13.17
CA ASN C 76 1.86 -30.84 -13.15
C ASN C 76 2.48 -30.81 -14.54
N THR C 77 1.67 -30.49 -15.54
CA THR C 77 2.09 -30.57 -16.93
C THR C 77 1.86 -29.24 -17.63
N VAL C 78 2.80 -28.84 -18.47
CA VAL C 78 2.70 -27.60 -19.23
C VAL C 78 2.61 -27.94 -20.72
N TYR C 79 1.77 -27.22 -21.44
CA TYR C 79 1.56 -27.43 -22.86
C TYR C 79 1.83 -26.12 -23.61
N LEU C 80 2.34 -26.25 -24.83
CA LEU C 80 2.59 -25.11 -25.70
C LEU C 80 1.98 -25.38 -27.07
N GLN C 81 0.98 -24.59 -27.44
CA GLN C 81 0.32 -24.70 -28.74
C GLN C 81 0.86 -23.59 -29.63
N MET C 82 1.62 -23.96 -30.66
CA MET C 82 2.23 -23.00 -31.57
C MET C 82 1.48 -23.05 -32.90
N ASN C 83 0.82 -21.94 -33.23
CA ASN C 83 0.08 -21.81 -34.48
C ASN C 83 0.76 -20.79 -35.39
N ASN C 84 0.48 -20.91 -36.69
CA ASN C 84 1.02 -20.00 -37.71
C ASN C 84 2.55 -19.97 -37.65
N LEU C 85 3.15 -21.16 -37.77
CA LEU C 85 4.58 -21.29 -37.55
C LEU C 85 5.38 -20.68 -38.69
N GLU C 86 6.51 -20.08 -38.36
CA GLU C 86 7.41 -19.37 -39.25
C GLU C 86 8.66 -20.19 -39.53
N PRO C 87 9.29 -20.01 -40.70
CA PRO C 87 10.64 -20.57 -40.89
C PRO C 87 11.63 -20.08 -39.86
N GLY C 88 11.40 -18.90 -39.29
CA GLY C 88 12.22 -18.39 -38.21
C GLY C 88 11.95 -18.99 -36.86
N ASP C 89 11.12 -20.02 -36.78
CA ASP C 89 10.84 -20.73 -35.54
C ASP C 89 11.55 -22.07 -35.45
N THR C 90 12.39 -22.40 -36.43
CA THR C 90 13.16 -23.64 -36.40
C THR C 90 14.23 -23.56 -35.32
N ALA C 91 14.11 -24.40 -34.30
CA ALA C 91 15.01 -24.30 -33.15
C ALA C 91 14.83 -25.53 -32.25
N VAL C 92 15.71 -25.63 -31.26
CA VAL C 92 15.57 -26.61 -30.19
C VAL C 92 14.80 -25.96 -29.05
N TYR C 93 13.64 -26.51 -28.73
CA TYR C 93 12.77 -25.99 -27.67
C TYR C 93 13.02 -26.79 -26.40
N TYR C 94 13.37 -26.10 -25.32
CA TYR C 94 13.62 -26.71 -24.03
C TYR C 94 12.49 -26.37 -23.07
N CYS C 95 12.15 -27.31 -22.21
CA CYS C 95 11.19 -27.10 -21.13
C CYS C 95 11.95 -26.80 -19.84
N ASN C 96 11.41 -25.87 -19.06
CA ASN C 96 12.11 -25.32 -17.91
C ASN C 96 11.16 -25.23 -16.72
N LEU C 97 11.68 -25.55 -15.54
CA LEU C 97 10.96 -25.40 -14.29
C LEU C 97 11.80 -24.58 -13.32
N LYS C 98 11.15 -23.62 -12.65
CA LYS C 98 11.81 -22.79 -11.65
C LYS C 98 10.97 -22.78 -10.39
N ARG C 99 11.53 -23.30 -9.30
CA ARG C 99 10.90 -23.28 -7.99
C ARG C 99 11.82 -22.55 -7.00
N ARG C 100 11.40 -22.51 -5.74
CA ARG C 100 12.10 -21.74 -4.71
C ARG C 100 13.17 -22.60 -4.03
N ASP C 101 14.14 -23.02 -4.83
CA ASP C 101 15.30 -23.77 -4.36
C ASP C 101 16.57 -23.10 -4.86
N LEU C 102 17.71 -23.70 -4.52
CA LEU C 102 19.00 -23.12 -4.92
C LEU C 102 19.19 -23.20 -6.44
N GLN C 103 18.79 -24.32 -7.05
CA GLN C 103 18.96 -24.49 -8.49
C GLN C 103 18.36 -23.35 -9.29
N SER C 104 17.33 -22.70 -8.76
CA SER C 104 16.67 -21.61 -9.47
C SER C 104 17.65 -20.50 -9.85
N ARG C 105 18.73 -20.34 -9.09
CA ARG C 105 19.68 -19.27 -9.39
C ARG C 105 20.46 -19.56 -10.65
N PHE C 106 20.66 -20.85 -10.97
CA PHE C 106 21.42 -21.27 -12.13
C PHE C 106 20.54 -21.54 -13.35
N GLY C 107 19.30 -21.07 -13.33
CA GLY C 107 18.40 -21.21 -14.46
C GLY C 107 17.35 -22.27 -14.33
N GLY C 108 17.16 -22.84 -13.14
CA GLY C 108 16.13 -23.85 -12.94
C GLY C 108 16.50 -25.20 -13.52
N TYR C 109 15.47 -26.02 -13.68
CA TYR C 109 15.61 -27.38 -14.19
C TYR C 109 15.25 -27.44 -15.66
N TRP C 110 15.93 -28.31 -16.40
CA TRP C 110 15.78 -28.42 -17.83
C TRP C 110 15.37 -29.83 -18.23
N GLY C 111 14.64 -29.92 -19.35
CA GLY C 111 14.37 -31.19 -19.98
C GLY C 111 15.22 -31.38 -21.24
N GLN C 112 15.12 -32.58 -21.80
CA GLN C 112 15.84 -32.88 -23.03
C GLN C 112 15.20 -32.13 -24.19
N GLY C 113 16.00 -31.33 -24.89
CA GLY C 113 15.51 -30.49 -25.96
C GLY C 113 14.68 -31.20 -27.00
N THR C 114 13.81 -30.46 -27.68
CA THR C 114 12.91 -31.01 -28.69
C THR C 114 13.09 -30.20 -29.96
N GLN C 115 13.48 -30.86 -31.05
CA GLN C 115 13.74 -30.16 -32.30
C GLN C 115 12.43 -29.78 -32.97
N VAL C 116 12.38 -28.56 -33.48
CA VAL C 116 11.21 -28.05 -34.21
C VAL C 116 11.70 -27.47 -35.54
N THR C 117 11.24 -28.06 -36.63
CA THR C 117 11.65 -27.65 -37.97
C THR C 117 10.44 -27.25 -38.81
N GLN D 1 42.60 -33.02 9.36
CA GLN D 1 42.79 -31.64 9.82
C GLN D 1 44.00 -31.53 10.74
N VAL D 2 44.11 -32.46 11.68
CA VAL D 2 45.20 -32.48 12.65
C VAL D 2 45.83 -33.86 12.63
N LYS D 3 47.17 -33.90 12.56
CA LYS D 3 47.90 -35.16 12.62
C LYS D 3 48.73 -35.21 13.90
N LEU D 4 48.92 -36.41 14.43
CA LEU D 4 49.68 -36.60 15.66
C LEU D 4 50.67 -37.73 15.48
N GLN D 5 51.89 -37.52 15.98
CA GLN D 5 52.97 -38.49 15.84
C GLN D 5 53.55 -38.78 17.21
N GLN D 6 53.53 -40.05 17.61
CA GLN D 6 54.06 -40.47 18.89
C GLN D 6 55.42 -41.16 18.72
N SER D 7 56.19 -41.14 19.80
CA SER D 7 57.49 -41.83 19.83
C SER D 7 57.96 -41.95 21.27
N GLY D 8 58.94 -42.82 21.46
CA GLY D 8 59.62 -42.92 22.74
C GLY D 8 59.08 -43.94 23.71
N GLY D 9 58.30 -44.90 23.24
CA GLY D 9 57.76 -45.92 24.13
C GLY D 9 58.77 -46.99 24.51
N GLY D 10 58.30 -48.20 24.72
CA GLY D 10 59.14 -49.32 25.12
C GLY D 10 58.61 -49.98 26.37
N LEU D 11 59.45 -50.84 26.95
CA LEU D 11 59.10 -51.57 28.16
C LEU D 11 60.29 -51.61 29.09
N VAL D 12 60.06 -51.25 30.36
CA VAL D 12 61.07 -51.32 31.39
C VAL D 12 60.57 -52.25 32.48
N GLN D 13 61.47 -52.60 33.39
CA GLN D 13 61.13 -53.39 34.56
C GLN D 13 61.23 -52.53 35.81
N PRO D 14 60.55 -52.92 36.91
CA PRO D 14 60.47 -52.08 38.12
C PRO D 14 61.75 -51.33 38.47
N GLY D 15 61.63 -50.01 38.65
CA GLY D 15 62.75 -49.14 38.88
C GLY D 15 63.23 -48.41 37.64
N GLY D 16 62.70 -48.74 36.46
CA GLY D 16 63.12 -48.10 35.23
C GLY D 16 62.45 -46.76 35.00
N SER D 17 62.79 -46.16 33.86
CA SER D 17 62.26 -44.86 33.49
C SER D 17 62.11 -44.79 31.98
N LEU D 18 61.14 -44.00 31.54
CA LEU D 18 60.90 -43.82 30.12
C LEU D 18 60.40 -42.40 29.87
N ARG D 19 60.33 -42.03 28.60
CA ARG D 19 59.89 -40.69 28.21
C ARG D 19 59.15 -40.79 26.88
N LEU D 20 57.91 -40.30 26.86
CA LEU D 20 57.08 -40.30 25.67
C LEU D 20 57.06 -38.92 25.04
N SER D 21 57.02 -38.87 23.71
CA SER D 21 56.99 -37.62 22.96
C SER D 21 55.87 -37.67 21.94
N CYS D 22 55.19 -36.55 21.74
CA CYS D 22 54.10 -36.45 20.77
C CYS D 22 54.17 -35.11 20.08
N ALA D 23 54.37 -35.14 18.76
CA ALA D 23 54.43 -33.94 17.94
C ALA D 23 53.13 -33.80 17.16
N ALA D 24 52.57 -32.58 17.16
CA ALA D 24 51.32 -32.29 16.48
C ALA D 24 51.58 -31.52 15.19
N SER D 25 50.72 -31.76 14.20
CA SER D 25 50.78 -31.09 12.91
C SER D 25 49.39 -30.51 12.63
N GLU D 26 49.28 -29.19 12.78
CA GLU D 26 48.08 -28.43 12.44
C GLU D 26 48.42 -27.44 11.35
N SER D 27 47.43 -27.14 10.51
CA SER D 27 47.62 -26.10 9.49
C SER D 27 47.90 -24.76 10.14
N THR D 28 47.17 -24.44 11.21
CA THR D 28 47.45 -23.27 12.04
C THR D 28 47.45 -23.72 13.49
N ILE D 29 48.54 -23.42 14.20
CA ILE D 29 48.65 -23.83 15.59
C ILE D 29 47.58 -23.12 16.41
N SER D 30 46.87 -23.88 17.22
CA SER D 30 45.72 -23.40 17.97
C SER D 30 45.99 -23.47 19.47
N ILE D 31 45.09 -22.85 20.23
CA ILE D 31 45.03 -23.05 21.67
C ILE D 31 44.31 -24.37 21.92
N ASN D 32 45.00 -25.31 22.56
CA ASN D 32 44.48 -26.67 22.68
C ASN D 32 44.87 -27.26 24.03
N THR D 33 44.39 -28.48 24.26
CA THR D 33 44.82 -29.30 25.38
C THR D 33 45.48 -30.55 24.81
N LEU D 34 46.73 -30.78 25.19
CA LEU D 34 47.48 -31.95 24.76
C LEU D 34 47.76 -32.84 25.95
N GLY D 35 47.54 -34.14 25.79
CA GLY D 35 47.64 -35.02 26.93
C GLY D 35 47.96 -36.45 26.57
N TRP D 36 48.22 -37.23 27.61
CA TRP D 36 48.51 -38.65 27.53
C TRP D 36 47.48 -39.42 28.35
N TYR D 37 46.92 -40.45 27.74
CA TYR D 37 46.00 -41.40 28.36
C TYR D 37 46.57 -42.80 28.20
N ARG D 38 45.97 -43.78 28.88
CA ARG D 38 46.46 -45.15 28.77
C ARG D 38 45.31 -46.13 28.89
N GLN D 39 45.48 -47.29 28.25
CA GLN D 39 44.50 -48.36 28.27
C GLN D 39 45.19 -49.67 28.63
N ALA D 40 44.63 -50.37 29.60
CA ALA D 40 45.18 -51.60 30.15
C ALA D 40 44.40 -52.81 29.65
N PRO D 41 44.94 -54.04 29.83
CA PRO D 41 44.19 -55.25 29.43
C PRO D 41 42.79 -55.33 30.03
N GLY D 42 41.78 -55.43 29.17
CA GLY D 42 40.40 -55.60 29.61
C GLY D 42 39.86 -54.45 30.43
N ASN D 43 40.58 -53.32 30.43
CA ASN D 43 40.23 -52.15 31.21
C ASN D 43 40.14 -50.94 30.31
N GLN D 44 39.22 -50.03 30.64
CA GLN D 44 38.92 -48.89 29.78
C GLN D 44 40.01 -47.83 29.88
N ARG D 45 39.90 -46.82 29.01
CA ARG D 45 40.90 -45.78 28.95
C ARG D 45 40.82 -44.88 30.17
N GLU D 46 41.98 -44.48 30.68
CA GLU D 46 42.06 -43.62 31.85
C GLU D 46 43.11 -42.53 31.62
N LEU D 47 42.96 -41.44 32.36
CA LEU D 47 43.85 -40.28 32.18
C LEU D 47 45.21 -40.54 32.80
N VAL D 48 46.25 -40.04 32.12
CA VAL D 48 47.60 -40.00 32.68
C VAL D 48 48.00 -38.57 33.04
N ALA D 49 48.00 -37.67 32.06
CA ALA D 49 48.36 -36.28 32.34
C ALA D 49 48.03 -35.39 31.14
N THR D 50 47.48 -34.21 31.42
CA THR D 50 47.14 -33.25 30.38
C THR D 50 47.74 -31.89 30.69
N ILE D 51 48.02 -31.13 29.63
CA ILE D 51 48.62 -29.81 29.72
C ILE D 51 48.01 -28.91 28.65
N THR D 52 47.82 -27.64 28.98
CA THR D 52 47.17 -26.67 28.10
C THR D 52 48.20 -25.73 27.48
N THR D 53 47.71 -24.86 26.61
CA THR D 53 48.58 -23.85 26.00
C THR D 53 49.08 -22.86 27.04
N GLY D 54 48.20 -22.43 27.94
CA GLY D 54 48.60 -21.54 29.02
C GLY D 54 49.50 -22.19 30.05
N GLY D 55 49.42 -23.51 30.18
CA GLY D 55 50.28 -24.24 31.10
C GLY D 55 49.57 -25.03 32.18
N THR D 56 48.23 -25.04 32.21
CA THR D 56 47.52 -25.78 33.24
C THR D 56 47.69 -27.28 33.05
N THR D 57 48.15 -27.96 34.10
CA THR D 57 48.37 -29.39 34.07
C THR D 57 47.41 -30.10 35.00
N ASN D 58 46.90 -31.25 34.57
CA ASN D 58 46.10 -32.14 35.40
C ASN D 58 46.72 -33.53 35.34
N TYR D 59 47.09 -34.05 36.50
CA TYR D 59 47.68 -35.38 36.63
C TYR D 59 46.67 -36.32 37.28
N ALA D 60 46.76 -37.60 36.92
CA ALA D 60 45.95 -38.62 37.56
C ALA D 60 46.56 -39.03 38.89
N ASP D 61 45.70 -39.29 39.88
CA ASP D 61 46.15 -39.61 41.22
C ASP D 61 47.11 -40.81 41.23
N SER D 62 46.99 -41.71 40.26
CA SER D 62 47.87 -42.87 40.22
C SER D 62 49.30 -42.47 39.90
N VAL D 63 49.49 -41.50 39.00
CA VAL D 63 50.82 -41.10 38.56
C VAL D 63 51.29 -39.79 39.18
N LYS D 64 50.47 -39.17 40.02
CA LYS D 64 50.86 -37.91 40.64
C LYS D 64 52.11 -38.11 41.48
N GLY D 65 53.16 -37.35 41.15
CA GLY D 65 54.42 -37.43 41.88
C GLY D 65 55.53 -38.07 41.08
N ARG D 66 55.20 -39.13 40.34
CA ARG D 66 56.20 -39.84 39.55
C ARG D 66 56.28 -39.34 38.12
N PHE D 67 55.14 -39.10 37.48
CA PHE D 67 55.09 -38.69 36.09
C PHE D 67 55.04 -37.17 36.00
N THR D 68 55.63 -36.64 34.92
CA THR D 68 55.71 -35.20 34.71
C THR D 68 55.41 -34.89 33.26
N ILE D 69 54.41 -34.04 33.01
CA ILE D 69 54.08 -33.61 31.65
C ILE D 69 54.72 -32.26 31.39
N SER D 70 55.17 -32.06 30.16
CA SER D 70 55.79 -30.81 29.74
C SER D 70 55.36 -30.51 28.30
N ARG D 71 55.45 -29.25 27.91
CA ARG D 71 54.93 -28.82 26.63
C ARG D 71 55.83 -27.76 26.01
N ASP D 72 55.92 -27.79 24.68
CA ASP D 72 56.54 -26.73 23.88
C ASP D 72 55.48 -26.26 22.89
N ASN D 73 55.02 -25.02 23.06
CA ASN D 73 53.94 -24.49 22.23
C ASN D 73 54.43 -24.11 20.84
N ALA D 74 55.70 -23.72 20.71
CA ALA D 74 56.21 -23.35 19.39
C ALA D 74 56.26 -24.55 18.45
N LYS D 75 56.67 -25.70 18.96
CA LYS D 75 56.69 -26.93 18.18
C LYS D 75 55.41 -27.73 18.31
N ASN D 76 54.49 -27.30 19.18
CA ASN D 76 53.25 -28.05 19.45
C ASN D 76 53.56 -29.48 19.85
N THR D 77 54.52 -29.64 20.77
CA THR D 77 55.03 -30.95 21.12
C THR D 77 54.93 -31.17 22.62
N VAL D 78 54.38 -32.31 23.02
CA VAL D 78 54.17 -32.63 24.43
C VAL D 78 55.06 -33.82 24.81
N TYR D 79 55.53 -33.80 26.05
CA TYR D 79 56.41 -34.82 26.59
C TYR D 79 55.85 -35.33 27.91
N LEU D 80 56.06 -36.63 28.16
CA LEU D 80 55.64 -37.27 29.40
C LEU D 80 56.80 -38.07 29.95
N GLN D 81 57.38 -37.60 31.05
CA GLN D 81 58.49 -38.28 31.71
C GLN D 81 57.92 -39.20 32.79
N MET D 82 58.15 -40.51 32.63
CA MET D 82 57.66 -41.53 33.56
C MET D 82 58.85 -42.08 34.32
N ASN D 83 58.91 -41.78 35.61
CA ASN D 83 59.98 -42.27 36.49
C ASN D 83 59.38 -43.19 37.54
N ASN D 84 60.22 -44.10 38.04
CA ASN D 84 59.80 -45.14 38.97
C ASN D 84 58.65 -45.96 38.39
N LEU D 85 58.86 -46.46 37.18
CA LEU D 85 57.84 -47.25 36.52
C LEU D 85 57.73 -48.62 37.17
N GLU D 86 56.51 -49.02 37.50
CA GLU D 86 56.21 -50.25 38.21
C GLU D 86 55.22 -51.07 37.41
N PRO D 87 55.14 -52.39 37.65
CA PRO D 87 54.30 -53.25 36.81
C PRO D 87 52.87 -52.77 36.61
N GLY D 88 52.32 -51.97 37.53
CA GLY D 88 50.98 -51.45 37.36
C GLY D 88 50.85 -50.41 36.26
N ASP D 89 51.92 -50.10 35.54
CA ASP D 89 51.91 -49.06 34.52
C ASP D 89 51.99 -49.62 33.10
N THR D 90 52.07 -50.93 32.94
CA THR D 90 52.11 -51.52 31.60
C THR D 90 50.75 -51.35 30.94
N ALA D 91 50.72 -50.62 29.82
CA ALA D 91 49.49 -50.33 29.10
C ALA D 91 49.88 -49.74 27.75
N VAL D 92 48.86 -49.43 26.95
CA VAL D 92 49.05 -48.71 25.69
C VAL D 92 48.79 -47.24 25.95
N TYR D 93 49.75 -46.38 25.60
CA TYR D 93 49.68 -44.96 25.90
C TYR D 93 49.38 -44.16 24.63
N TYR D 94 48.33 -43.36 24.70
CA TYR D 94 47.86 -42.55 23.59
C TYR D 94 48.07 -41.06 23.87
N CYS D 95 48.37 -40.32 22.81
CA CYS D 95 48.47 -38.86 22.86
C CYS D 95 47.22 -38.26 22.23
N ASN D 96 46.73 -37.18 22.82
CA ASN D 96 45.45 -36.60 22.44
C ASN D 96 45.56 -35.08 22.36
N LEU D 97 44.94 -34.51 21.35
CA LEU D 97 44.83 -33.06 21.19
C LEU D 97 43.35 -32.71 21.11
N LYS D 98 42.95 -31.68 21.87
CA LYS D 98 41.57 -31.21 21.87
C LYS D 98 41.56 -29.70 21.69
N ARG D 99 40.92 -29.23 20.61
CA ARG D 99 40.82 -27.82 20.32
C ARG D 99 39.36 -27.43 20.08
N ARG D 100 39.13 -26.18 19.67
CA ARG D 100 37.78 -25.65 19.52
C ARG D 100 37.28 -25.88 18.09
N ASP D 101 37.01 -27.16 17.80
CA ASP D 101 36.41 -27.54 16.53
C ASP D 101 35.30 -28.55 16.76
N LEU D 102 34.76 -29.12 15.68
CA LEU D 102 33.68 -30.09 15.81
C LEU D 102 34.16 -31.37 16.50
N GLN D 103 35.34 -31.86 16.11
CA GLN D 103 35.88 -33.10 16.64
C GLN D 103 35.91 -33.13 18.17
N SER D 104 35.88 -31.95 18.82
CA SER D 104 35.88 -31.91 20.28
C SER D 104 34.74 -32.70 20.88
N ARG D 105 33.58 -32.74 20.21
CA ARG D 105 32.47 -33.51 20.76
C ARG D 105 32.80 -34.99 20.85
N PHE D 106 33.63 -35.49 19.93
CA PHE D 106 33.91 -36.92 19.81
C PHE D 106 35.23 -37.31 20.45
N GLY D 107 35.88 -36.41 21.18
CA GLY D 107 37.09 -36.72 21.92
C GLY D 107 38.36 -36.11 21.36
N GLY D 108 38.30 -35.43 20.22
CA GLY D 108 39.48 -34.84 19.63
C GLY D 108 40.23 -35.79 18.72
N TYR D 109 41.54 -35.57 18.60
CA TYR D 109 42.40 -36.38 17.74
C TYR D 109 43.30 -37.27 18.59
N TRP D 110 43.69 -38.40 18.01
CA TRP D 110 44.43 -39.42 18.74
C TRP D 110 45.66 -39.85 17.94
N GLY D 111 46.67 -40.33 18.67
CA GLY D 111 47.85 -40.89 18.05
C GLY D 111 47.75 -42.40 17.91
N GLN D 112 48.88 -43.01 17.53
CA GLN D 112 48.89 -44.45 17.29
C GLN D 112 48.76 -45.22 18.59
N GLY D 113 49.66 -44.99 19.54
CA GLY D 113 49.62 -45.70 20.80
C GLY D 113 50.84 -46.57 21.04
N THR D 114 51.32 -46.61 22.27
CA THR D 114 52.49 -47.43 22.61
C THR D 114 52.25 -48.22 23.89
N PRO E 6 -1.34 18.12 -7.14
CA PRO E 6 -1.32 19.13 -8.20
C PRO E 6 -2.67 19.83 -8.37
N PHE E 7 -2.66 21.01 -8.96
CA PHE E 7 -3.87 21.80 -9.16
C PHE E 7 -4.32 21.70 -10.61
N SER E 8 -5.63 21.84 -10.82
CA SER E 8 -6.21 21.80 -12.15
C SER E 8 -7.62 22.38 -12.09
N VAL E 9 -8.18 22.64 -13.26
CA VAL E 9 -9.56 23.07 -13.40
C VAL E 9 -10.28 22.08 -14.31
N PRO E 10 -11.57 21.83 -14.10
CA PRO E 10 -12.25 20.80 -14.90
C PRO E 10 -12.37 21.21 -16.36
N VAL E 11 -12.18 20.23 -17.25
CA VAL E 11 -12.29 20.45 -18.69
C VAL E 11 -13.77 20.52 -19.04
N LEU E 12 -14.32 21.73 -19.10
CA LEU E 12 -15.71 21.94 -19.42
C LEU E 12 -15.87 23.30 -20.09
N THR E 13 -16.80 23.39 -21.03
CA THR E 13 -17.11 24.68 -21.64
C THR E 13 -18.02 25.47 -20.72
N VAL E 14 -18.06 26.79 -20.94
CA VAL E 14 -18.85 27.68 -20.10
C VAL E 14 -20.30 27.24 -20.07
N GLU E 15 -20.86 26.88 -21.22
CA GLU E 15 -22.28 26.54 -21.31
C GLU E 15 -22.61 25.19 -20.69
N GLU E 16 -21.61 24.39 -20.35
CA GLU E 16 -21.82 23.13 -19.64
C GLU E 16 -21.83 23.32 -18.12
N MET E 17 -21.56 24.53 -17.63
CA MET E 17 -21.43 24.79 -16.21
C MET E 17 -22.63 25.60 -15.71
N THR E 18 -22.74 25.65 -14.39
CA THR E 18 -23.90 26.22 -13.71
C THR E 18 -23.50 27.47 -12.94
N ASN E 19 -24.39 28.45 -12.91
CA ASN E 19 -24.19 29.62 -12.06
C ASN E 19 -24.25 29.20 -10.60
N SER E 20 -23.35 29.76 -9.80
CA SER E 20 -23.25 29.41 -8.38
C SER E 20 -24.11 30.28 -7.50
N ARG E 21 -24.82 31.25 -8.06
CA ARG E 21 -25.70 32.13 -7.30
C ARG E 21 -27.18 31.92 -7.64
N PHE E 22 -27.48 31.08 -8.63
CA PHE E 22 -28.85 30.73 -9.01
C PHE E 22 -28.77 29.44 -9.81
N PRO E 23 -29.71 28.50 -9.62
CA PRO E 23 -29.62 27.21 -10.34
C PRO E 23 -29.97 27.31 -11.81
N ILE E 24 -29.10 27.99 -12.58
CA ILE E 24 -29.26 28.07 -14.03
C ILE E 24 -27.91 27.89 -14.69
N PRO E 25 -27.90 27.37 -15.91
CA PRO E 25 -26.63 27.22 -16.63
C PRO E 25 -26.00 28.57 -16.94
N LEU E 26 -24.68 28.58 -17.07
CA LEU E 26 -23.96 29.79 -17.44
C LEU E 26 -24.15 30.07 -18.92
N GLU E 27 -24.10 31.35 -19.27
CA GLU E 27 -24.37 31.77 -20.63
C GLU E 27 -23.19 32.45 -21.32
N LYS E 28 -22.47 33.32 -20.63
CA LYS E 28 -21.39 34.05 -21.29
C LYS E 28 -20.33 34.46 -20.27
N LEU E 29 -19.27 35.08 -20.77
CA LEU E 29 -18.22 35.67 -19.95
C LEU E 29 -18.26 37.18 -20.14
N PHE E 30 -18.22 37.91 -19.04
CA PHE E 30 -18.31 39.37 -19.07
C PHE E 30 -17.13 39.97 -18.31
N THR E 31 -16.78 41.19 -18.67
CA THR E 31 -15.75 41.91 -17.93
C THR E 31 -16.07 43.40 -17.95
N GLY E 32 -15.90 44.05 -16.80
CA GLY E 32 -16.17 45.46 -16.68
C GLY E 32 -15.59 46.05 -15.42
N PRO E 33 -15.50 47.37 -15.36
CA PRO E 33 -15.00 48.02 -14.14
C PRO E 33 -15.97 47.81 -12.97
N SER E 34 -15.41 47.80 -11.76
CA SER E 34 -16.18 47.47 -10.57
C SER E 34 -15.98 48.49 -9.45
N SER E 35 -15.60 49.72 -9.78
CA SER E 35 -15.40 50.74 -8.75
C SER E 35 -16.70 51.44 -8.36
N ALA E 36 -17.72 51.40 -9.20
CA ALA E 36 -19.00 52.04 -8.90
C ALA E 36 -19.91 51.18 -8.05
N PHE E 37 -19.47 50.00 -7.62
CA PHE E 37 -20.28 49.11 -6.80
C PHE E 37 -19.35 48.17 -6.05
N VAL E 38 -19.89 47.55 -5.00
CA VAL E 38 -19.13 46.64 -4.15
C VAL E 38 -19.47 45.21 -4.55
N VAL E 39 -18.48 44.45 -4.97
CA VAL E 39 -18.66 43.06 -5.38
C VAL E 39 -18.38 42.19 -4.17
N GLN E 40 -19.44 41.80 -3.45
CA GLN E 40 -19.31 41.01 -2.23
C GLN E 40 -20.40 39.94 -2.18
N PRO E 41 -20.42 39.02 -3.15
CA PRO E 41 -21.41 37.94 -3.10
C PRO E 41 -21.04 36.92 -2.04
N GLN E 42 -22.07 36.26 -1.50
CA GLN E 42 -21.89 35.26 -0.46
C GLN E 42 -22.13 33.84 -0.95
N ASN E 43 -22.49 33.66 -2.21
CA ASN E 43 -22.59 32.35 -2.83
C ASN E 43 -21.63 32.27 -4.00
N GLY E 44 -21.15 31.07 -4.29
CA GLY E 44 -20.08 30.92 -5.25
C GLY E 44 -18.74 31.40 -4.74
N ARG E 45 -18.54 31.37 -3.43
CA ARG E 45 -17.29 31.80 -2.81
C ARG E 45 -16.56 30.56 -2.31
N CYS E 46 -15.31 30.40 -2.77
CA CYS E 46 -14.49 29.25 -2.37
C CYS E 46 -13.04 29.49 -2.77
N THR E 47 -12.11 29.23 -1.85
CA THR E 47 -10.70 29.34 -2.18
C THR E 47 -10.29 28.21 -3.11
N THR E 48 -9.07 28.32 -3.66
CA THR E 48 -8.61 27.32 -4.61
C THR E 48 -8.29 25.99 -3.94
N ASP E 49 -7.91 26.01 -2.66
CA ASP E 49 -7.59 24.78 -1.94
C ASP E 49 -8.81 24.14 -1.27
N GLY E 50 -10.02 24.56 -1.64
CA GLY E 50 -11.22 23.87 -1.23
C GLY E 50 -11.80 24.30 0.10
N VAL E 51 -11.91 25.60 0.33
CA VAL E 51 -12.47 26.14 1.56
C VAL E 51 -13.68 27.00 1.18
N LEU E 52 -14.86 26.57 1.59
CA LEU E 52 -16.08 27.31 1.29
C LEU E 52 -16.19 28.56 2.17
N LEU E 53 -16.54 29.68 1.55
CA LEU E 53 -16.70 30.95 2.22
C LEU E 53 -18.16 31.38 2.20
N GLY E 54 -18.49 32.31 3.09
CA GLY E 54 -19.83 32.88 3.11
C GLY E 54 -20.91 31.83 3.31
N THR E 55 -22.01 31.99 2.57
CA THR E 55 -23.14 31.07 2.62
C THR E 55 -23.12 30.07 1.47
N THR E 56 -21.94 29.58 1.11
CA THR E 56 -21.75 28.75 -0.08
C THR E 56 -21.70 27.28 0.30
N GLN E 57 -22.48 26.46 -0.40
CA GLN E 57 -22.43 25.02 -0.23
C GLN E 57 -22.19 24.34 -1.57
N LEU E 58 -22.36 23.02 -1.63
CA LEU E 58 -21.92 22.23 -2.79
C LEU E 58 -23.03 21.87 -3.77
N SER E 59 -24.28 21.79 -3.32
CA SER E 59 -25.35 21.34 -4.19
C SER E 59 -25.78 22.46 -5.14
N PRO E 60 -25.76 22.25 -6.45
CA PRO E 60 -26.17 23.30 -7.39
C PRO E 60 -27.68 23.45 -7.53
N VAL E 61 -28.47 22.50 -7.04
CA VAL E 61 -29.92 22.63 -7.08
C VAL E 61 -30.46 23.29 -5.82
N ASN E 62 -29.76 23.12 -4.69
CA ASN E 62 -30.18 23.70 -3.41
C ASN E 62 -29.66 25.12 -3.22
N ILE E 63 -29.67 25.93 -4.27
CA ILE E 63 -29.32 27.35 -4.18
C ILE E 63 -30.60 28.16 -4.31
N CYS E 64 -30.81 29.09 -3.38
CA CYS E 64 -32.01 29.93 -3.32
C CYS E 64 -33.27 29.11 -3.06
N THR E 65 -33.13 27.99 -2.35
CA THR E 65 -34.27 27.19 -1.91
C THR E 65 -34.50 27.40 -0.42
N PHE E 66 -35.69 27.00 0.03
CA PHE E 66 -36.05 27.07 1.44
C PHE E 66 -36.87 25.85 1.81
N ARG E 67 -36.54 25.21 2.92
CA ARG E 67 -37.25 24.03 3.38
C ARG E 67 -37.60 24.18 4.85
N GLY E 68 -38.81 23.75 5.22
CA GLY E 68 -39.17 23.79 6.62
C GLY E 68 -40.65 23.66 6.92
N ASP E 69 -41.12 24.43 7.92
CA ASP E 69 -42.51 24.36 8.35
C ASP E 69 -43.17 25.71 8.16
N VAL E 70 -44.43 25.70 7.75
CA VAL E 70 -45.15 26.92 7.38
C VAL E 70 -46.19 27.25 8.44
N THR E 71 -46.51 28.54 8.54
CA THR E 71 -47.54 29.05 9.43
C THR E 71 -48.30 30.14 8.68
N HIS E 72 -49.62 30.06 8.67
CA HIS E 72 -50.43 31.01 7.92
C HIS E 72 -50.58 32.32 8.68
N ILE E 73 -50.44 33.43 7.96
CA ILE E 73 -50.75 34.76 8.48
C ILE E 73 -52.21 35.03 8.13
N THR E 74 -53.08 34.97 9.14
CA THR E 74 -54.52 35.08 8.90
C THR E 74 -54.88 36.47 8.39
N GLY E 75 -55.87 36.52 7.50
CA GLY E 75 -56.24 37.73 6.82
C GLY E 75 -55.42 38.04 5.58
N SER E 76 -54.47 37.17 5.22
CA SER E 76 -53.60 37.39 4.08
C SER E 76 -53.38 36.06 3.37
N ARG E 77 -52.70 36.12 2.23
CA ARG E 77 -52.21 34.94 1.54
C ARG E 77 -50.74 34.66 1.83
N ASN E 78 -50.21 35.28 2.88
CA ASN E 78 -48.80 35.16 3.23
C ASN E 78 -48.58 34.02 4.22
N TYR E 79 -47.35 33.52 4.23
CA TYR E 79 -46.97 32.44 5.13
C TYR E 79 -45.58 32.70 5.69
N THR E 80 -45.36 32.27 6.92
CA THR E 80 -44.07 32.36 7.59
C THR E 80 -43.48 30.96 7.67
N MET E 81 -42.32 30.77 7.05
CA MET E 81 -41.61 29.49 7.05
C MET E 81 -40.48 29.56 8.07
N ASN E 82 -40.51 28.64 9.03
CA ASN E 82 -39.39 28.38 9.92
C ASN E 82 -38.50 27.34 9.25
N LEU E 83 -37.21 27.65 9.17
CA LEU E 83 -36.29 26.94 8.29
C LEU E 83 -35.71 25.70 8.95
N ALA E 84 -35.48 24.68 8.13
CA ALA E 84 -34.76 23.47 8.52
C ALA E 84 -33.55 23.30 7.62
N SER E 85 -32.59 22.51 8.08
CA SER E 85 -31.36 22.28 7.33
C SER E 85 -31.61 21.37 6.13
N ASP E 90 -32.64 20.99 11.73
CA ASP E 90 -32.96 22.39 11.97
C ASP E 90 -31.82 23.29 11.50
N TYR E 91 -32.11 24.58 11.35
CA TYR E 91 -31.07 25.57 11.13
C TYR E 91 -30.53 26.03 12.48
N ASP E 92 -29.25 25.78 12.72
CA ASP E 92 -28.60 26.21 13.95
C ASP E 92 -28.02 27.60 13.73
N PRO E 93 -28.66 28.66 14.22
CA PRO E 93 -28.19 30.02 13.92
C PRO E 93 -26.92 30.40 14.66
N THR E 94 -26.42 29.56 15.56
CA THR E 94 -25.18 29.86 16.27
C THR E 94 -23.94 29.53 15.44
N GLU E 95 -24.09 28.75 14.37
CA GLU E 95 -22.94 28.43 13.54
C GLU E 95 -22.41 29.69 12.85
N GLU E 96 -21.09 29.82 12.84
CA GLU E 96 -20.44 31.03 12.34
C GLU E 96 -20.56 31.15 10.82
N ILE E 97 -21.78 31.32 10.33
CA ILE E 97 -22.02 31.61 8.92
C ILE E 97 -22.95 32.82 8.84
N PRO E 98 -22.94 33.53 7.70
CA PRO E 98 -23.83 34.69 7.57
C PRO E 98 -25.30 34.33 7.58
N ALA E 99 -25.65 33.15 7.06
CA ALA E 99 -27.04 32.73 6.88
C ALA E 99 -27.06 31.24 6.55
N PRO E 100 -28.23 30.60 6.49
CA PRO E 100 -28.27 29.21 6.04
C PRO E 100 -27.63 29.06 4.66
N LEU E 101 -26.95 27.92 4.45
CA LEU E 101 -26.24 27.69 3.21
C LEU E 101 -27.19 27.70 2.04
N GLY E 102 -26.82 28.41 0.98
CA GLY E 102 -27.67 28.55 -0.18
C GLY E 102 -28.61 29.73 -0.15
N THR E 103 -28.50 30.61 0.85
CA THR E 103 -29.39 31.76 0.94
C THR E 103 -29.16 32.69 -0.25
N PRO E 104 -30.20 33.31 -0.79
CA PRO E 104 -30.00 34.35 -1.80
C PRO E 104 -29.10 35.45 -1.25
N ASP E 105 -28.21 35.96 -2.11
CA ASP E 105 -27.25 36.98 -1.73
C ASP E 105 -27.47 38.26 -2.52
N PHE E 106 -28.73 38.62 -2.74
CA PHE E 106 -29.08 39.87 -3.40
C PHE E 106 -30.47 40.28 -2.95
N VAL E 107 -30.79 41.55 -3.19
CA VAL E 107 -32.10 42.09 -2.85
C VAL E 107 -33.01 41.99 -4.07
N GLY E 108 -34.15 41.32 -3.91
CA GLY E 108 -35.07 41.16 -5.01
C GLY E 108 -36.14 40.14 -4.66
N LYS E 109 -37.15 40.08 -5.52
CA LYS E 109 -38.27 39.17 -5.36
C LYS E 109 -38.06 37.94 -6.24
N ILE E 110 -37.98 36.78 -5.61
CA ILE E 110 -37.75 35.51 -6.29
C ILE E 110 -39.09 34.77 -6.37
N GLN E 111 -39.51 34.45 -7.59
CA GLN E 111 -40.75 33.73 -7.85
C GLN E 111 -40.47 32.27 -8.13
N GLY E 112 -41.31 31.40 -7.56
CA GLY E 112 -41.23 29.97 -7.76
C GLY E 112 -42.48 29.29 -7.24
N VAL E 113 -42.36 28.05 -6.76
CA VAL E 113 -43.51 27.28 -6.31
C VAL E 113 -43.21 26.69 -4.93
N LEU E 114 -44.14 26.90 -4.00
CA LEU E 114 -44.12 26.24 -2.70
C LEU E 114 -44.90 24.93 -2.81
N THR E 115 -44.25 23.82 -2.49
CA THR E 115 -44.88 22.51 -2.54
C THR E 115 -44.92 21.90 -1.15
N GLN E 116 -46.00 21.21 -0.84
CA GLN E 116 -46.21 20.59 0.46
C GLN E 116 -46.79 19.20 0.29
N THR E 117 -46.39 18.29 1.19
CA THR E 117 -46.89 16.92 1.22
C THR E 117 -47.35 16.60 2.63
N THR E 118 -48.56 16.05 2.74
CA THR E 118 -49.08 15.60 4.02
C THR E 118 -48.59 14.18 4.28
N ARG E 119 -48.00 13.96 5.46
CA ARG E 119 -47.27 12.72 5.70
C ARG E 119 -48.21 11.52 5.74
N THR E 120 -49.12 11.48 6.71
CA THR E 120 -49.97 10.31 6.92
C THR E 120 -50.95 10.08 5.78
N ASP E 121 -51.04 11.00 4.82
CA ASP E 121 -52.05 10.92 3.78
C ASP E 121 -51.48 10.71 2.39
N GLY E 122 -50.31 11.26 2.09
CA GLY E 122 -49.81 11.26 0.73
C GLY E 122 -50.40 12.34 -0.15
N SER E 123 -51.28 13.18 0.39
CA SER E 123 -51.82 14.29 -0.38
C SER E 123 -50.76 15.37 -0.56
N THR E 124 -50.77 15.99 -1.74
CA THR E 124 -49.77 16.99 -2.09
C THR E 124 -50.45 18.22 -2.66
N ARG E 125 -49.79 19.37 -2.49
CA ARG E 125 -50.29 20.61 -3.05
C ARG E 125 -49.12 21.48 -3.46
N GLY E 126 -49.36 22.34 -4.44
CA GLY E 126 -48.36 23.28 -4.92
C GLY E 126 -48.97 24.62 -5.27
N HIS E 127 -48.26 25.70 -4.96
CA HIS E 127 -48.82 27.03 -5.16
C HIS E 127 -47.74 28.01 -5.58
N LYS E 128 -48.11 28.93 -6.47
CA LYS E 128 -47.21 30.02 -6.84
C LYS E 128 -46.84 30.83 -5.61
N ALA E 129 -45.55 30.90 -5.32
CA ALA E 129 -45.06 31.64 -4.16
C ALA E 129 -43.89 32.51 -4.59
N THR E 130 -43.69 33.61 -3.85
CA THR E 130 -42.51 34.45 -4.04
C THR E 130 -41.97 34.87 -2.69
N VAL E 131 -40.67 35.16 -2.66
CA VAL E 131 -39.97 35.61 -1.47
C VAL E 131 -39.29 36.94 -1.78
N TYR E 132 -39.46 37.90 -0.87
CA TYR E 132 -38.84 39.21 -1.02
C TYR E 132 -37.64 39.31 -0.08
N THR E 133 -36.45 39.44 -0.65
CA THR E 133 -35.22 39.46 0.13
C THR E 133 -34.95 40.82 0.78
N GLY E 134 -35.58 41.88 0.29
CA GLY E 134 -35.50 43.18 0.93
C GLY E 134 -36.59 43.44 1.94
N SER E 135 -37.42 42.44 2.24
CA SER E 135 -38.52 42.62 3.16
C SER E 135 -38.03 42.72 4.60
N ALA E 136 -38.80 43.42 5.42
CA ALA E 136 -38.47 43.51 6.85
C ALA E 136 -38.58 42.15 7.52
N ASP E 137 -39.41 41.25 6.97
CA ASP E 137 -39.62 39.92 7.52
C ASP E 137 -38.76 38.86 6.83
N PHE E 138 -37.74 39.28 6.08
CA PHE E 138 -36.76 38.38 5.50
C PHE E 138 -35.58 38.30 6.46
N ALA E 139 -35.66 37.37 7.40
CA ALA E 139 -34.64 37.20 8.44
C ALA E 139 -34.17 35.75 8.48
N PRO E 140 -33.44 35.30 7.45
CA PRO E 140 -32.98 33.89 7.45
C PRO E 140 -32.04 33.56 8.59
N LYS E 141 -31.08 34.45 8.90
CA LYS E 141 -30.15 34.19 9.99
C LYS E 141 -30.88 33.90 11.29
N LEU E 142 -32.07 34.46 11.47
CA LEU E 142 -32.91 34.18 12.63
C LEU E 142 -33.78 32.94 12.43
N GLY E 143 -33.80 32.36 11.23
CA GLY E 143 -34.54 31.15 10.98
C GLY E 143 -35.95 31.32 10.47
N ARG E 144 -36.25 32.44 9.82
CA ARG E 144 -37.61 32.75 9.40
C ARG E 144 -37.58 33.44 8.03
N VAL E 145 -38.56 33.09 7.19
CA VAL E 145 -38.71 33.73 5.88
C VAL E 145 -40.20 33.88 5.59
N GLN E 146 -40.58 34.96 4.90
CA GLN E 146 -41.97 35.21 4.57
C GLN E 146 -42.21 35.00 3.08
N PHE E 147 -43.22 34.21 2.75
CA PHE E 147 -43.60 33.91 1.37
C PHE E 147 -44.95 34.50 1.07
N GLU E 148 -45.10 35.03 -0.15
CA GLU E 148 -46.37 35.51 -0.67
C GLU E 148 -46.92 34.49 -1.66
N THR E 149 -48.09 33.93 -1.35
CA THR E 149 -48.71 32.86 -2.11
C THR E 149 -50.04 33.33 -2.68
N ASP E 150 -50.68 32.44 -3.44
CA ASP E 150 -52.00 32.69 -4.02
C ASP E 150 -53.12 32.02 -3.24
N THR E 151 -52.82 31.44 -2.09
CA THR E 151 -53.81 30.75 -1.27
C THR E 151 -53.73 31.23 0.17
N ASP E 152 -54.80 30.94 0.91
CA ASP E 152 -54.82 31.23 2.34
C ASP E 152 -55.45 30.10 3.15
N ARG E 153 -55.54 28.89 2.59
CA ARG E 153 -56.27 27.83 3.27
C ARG E 153 -55.72 26.46 2.93
N ASP E 154 -54.88 26.36 1.89
CA ASP E 154 -54.44 25.05 1.43
C ASP E 154 -53.25 24.52 2.22
N PHE E 155 -52.25 25.35 2.50
CA PHE E 155 -51.07 24.87 3.21
C PHE E 155 -51.40 24.57 4.66
N GLU E 156 -51.08 23.36 5.10
CA GLU E 156 -51.38 22.90 6.45
C GLU E 156 -50.18 23.10 7.38
N ALA E 157 -50.43 22.92 8.67
CA ALA E 157 -49.40 23.04 9.68
C ALA E 157 -48.73 21.69 9.92
N ASN E 158 -47.50 21.74 10.46
CA ASN E 158 -46.72 20.56 10.82
C ASN E 158 -46.34 19.71 9.61
N GLN E 159 -46.40 20.25 8.41
CA GLN E 159 -46.09 19.49 7.20
C GLN E 159 -44.85 20.06 6.52
N ASN E 160 -44.01 19.17 6.00
CA ASN E 160 -42.78 19.58 5.33
C ASN E 160 -43.11 20.40 4.08
N THR E 161 -42.45 21.56 3.94
CA THR E 161 -42.69 22.43 2.80
C THR E 161 -41.36 22.76 2.14
N LYS E 162 -41.39 22.78 0.80
CA LYS E 162 -40.23 23.11 -0.03
C LYS E 162 -40.58 24.31 -0.91
N PHE E 163 -39.59 25.17 -1.14
CA PHE E 163 -39.71 26.28 -2.09
C PHE E 163 -38.71 26.07 -3.20
N THR E 164 -39.19 26.06 -4.44
CA THR E 164 -38.34 25.87 -5.61
C THR E 164 -38.25 27.18 -6.39
N PRO E 165 -37.07 27.75 -6.56
CA PRO E 165 -36.96 29.01 -7.30
C PRO E 165 -37.15 28.82 -8.79
N VAL E 166 -37.63 29.88 -9.44
CA VAL E 166 -37.87 29.86 -10.87
C VAL E 166 -37.23 31.10 -11.51
N GLY E 167 -37.49 32.27 -10.94
CA GLY E 167 -36.92 33.47 -11.52
C GLY E 167 -37.12 34.67 -10.62
N VAL E 168 -37.06 35.85 -11.23
CA VAL E 168 -37.30 37.11 -10.54
C VAL E 168 -38.36 37.90 -11.29
N ILE E 169 -39.08 38.76 -10.56
CA ILE E 169 -40.12 39.59 -11.14
C ILE E 169 -39.90 41.03 -10.69
N GLN E 170 -40.63 41.95 -11.32
CA GLN E 170 -40.49 43.37 -11.04
C GLN E 170 -41.80 44.11 -11.29
N PRO E 180 -33.84 44.16 -9.57
CA PRO E 180 -32.94 43.29 -8.81
C PRO E 180 -31.51 43.84 -8.72
N GLN E 181 -31.12 44.26 -7.52
CA GLN E 181 -29.77 44.77 -7.27
C GLN E 181 -28.88 43.58 -6.94
N GLN E 182 -28.15 43.09 -7.94
CA GLN E 182 -27.39 41.86 -7.77
C GLN E 182 -26.17 42.02 -6.88
N TRP E 183 -25.70 43.26 -6.68
CA TRP E 183 -24.49 43.50 -5.89
C TRP E 183 -24.79 44.14 -4.54
N VAL E 184 -26.02 44.00 -4.05
CA VAL E 184 -26.42 44.51 -2.74
C VAL E 184 -26.96 43.35 -1.93
N LEU E 185 -26.34 43.09 -0.78
CA LEU E 185 -26.69 41.94 0.04
C LEU E 185 -27.91 42.24 0.91
N PRO E 186 -28.74 41.23 1.18
CA PRO E 186 -29.89 41.44 2.08
C PRO E 186 -29.44 41.55 3.52
N SER E 187 -30.39 41.97 4.37
CA SER E 187 -30.16 42.06 5.81
C SER E 187 -30.52 40.71 6.41
N TYR E 188 -29.51 39.87 6.59
CA TYR E 188 -29.74 38.45 6.87
C TYR E 188 -30.51 38.24 8.17
N SER E 189 -30.21 39.02 9.19
CA SER E 189 -30.91 38.92 10.47
C SER E 189 -31.84 40.08 10.74
N GLY E 190 -32.00 41.00 9.78
CA GLY E 190 -32.69 42.24 10.00
C GLY E 190 -31.82 43.37 10.52
N THR E 193 -30.61 43.04 10.98
CA THR E 193 -29.65 44.06 11.41
C THR E 193 -28.35 43.92 10.62
N HIS E 194 -27.21 44.15 11.26
CA HIS E 194 -25.94 44.08 10.55
C HIS E 194 -25.56 42.63 10.26
N ASN E 195 -24.81 42.45 9.18
CA ASN E 195 -24.40 41.12 8.73
C ASN E 195 -23.08 40.73 9.37
N VAL E 196 -22.84 39.41 9.47
CA VAL E 196 -21.67 38.89 10.14
C VAL E 196 -21.02 37.81 9.28
N HIS E 197 -19.72 37.63 9.47
CA HIS E 197 -18.95 36.53 8.86
C HIS E 197 -19.06 36.52 7.34
N LEU E 198 -19.10 37.72 6.74
CA LEU E 198 -19.24 37.83 5.31
C LEU E 198 -17.95 37.46 4.59
N ALA E 199 -18.09 36.79 3.45
CA ALA E 199 -16.95 36.61 2.57
C ALA E 199 -16.51 37.97 2.03
N PRO E 200 -15.21 38.24 1.96
CA PRO E 200 -14.75 39.59 1.65
C PRO E 200 -15.10 40.00 0.22
N ALA E 201 -15.20 41.30 0.03
CA ALA E 201 -15.37 41.84 -1.31
C ALA E 201 -14.06 41.74 -2.08
N VAL E 202 -14.16 41.54 -3.39
CA VAL E 202 -12.99 41.40 -4.25
C VAL E 202 -12.94 42.58 -5.21
N ALA E 203 -11.73 42.89 -5.65
CA ALA E 203 -11.49 44.00 -6.57
C ALA E 203 -10.11 43.82 -7.18
N PRO E 204 -9.92 44.25 -8.43
CA PRO E 204 -8.59 44.13 -9.05
C PRO E 204 -7.61 45.11 -8.43
N THR E 205 -6.47 44.59 -7.98
CA THR E 205 -5.42 45.39 -7.37
C THR E 205 -4.22 45.61 -8.27
N PHE E 206 -4.24 45.08 -9.49
CA PHE E 206 -3.17 45.24 -10.46
C PHE E 206 -3.60 46.20 -11.56
N PRO E 207 -2.72 47.11 -11.98
CA PRO E 207 -3.11 48.12 -12.97
C PRO E 207 -3.49 47.47 -14.31
N GLY E 208 -4.53 48.02 -14.93
CA GLY E 208 -5.01 47.52 -16.21
C GLY E 208 -5.82 46.25 -16.13
N GLU E 209 -6.19 45.80 -14.93
CA GLU E 209 -6.93 44.56 -14.76
C GLU E 209 -8.37 44.84 -14.37
N GLN E 210 -9.24 43.91 -14.74
CA GLN E 210 -10.65 43.96 -14.39
C GLN E 210 -11.08 42.56 -13.94
N LEU E 211 -12.20 42.51 -13.24
CA LEU E 211 -12.77 41.23 -12.85
C LEU E 211 -13.38 40.54 -14.07
N LEU E 212 -13.36 39.21 -14.05
CA LEU E 212 -13.98 38.39 -15.07
C LEU E 212 -15.17 37.66 -14.45
N PHE E 213 -16.37 37.97 -14.93
CA PHE E 213 -17.59 37.42 -14.38
C PHE E 213 -18.13 36.31 -15.28
N PHE E 214 -18.66 35.27 -14.66
CA PHE E 214 -19.41 34.24 -15.36
C PHE E 214 -20.88 34.63 -15.30
N ARG E 215 -21.47 34.94 -16.45
CA ARG E 215 -22.72 35.67 -16.53
C ARG E 215 -23.84 34.80 -17.06
N SER E 216 -24.99 34.87 -16.37
CA SER E 216 -26.21 34.20 -16.79
C SER E 216 -27.35 35.21 -16.81
N THR E 217 -28.43 34.84 -17.48
CA THR E 217 -29.67 35.62 -17.51
C THR E 217 -30.73 34.88 -16.69
N MET E 218 -31.20 35.52 -15.62
CA MET E 218 -32.21 34.91 -14.79
C MET E 218 -33.55 34.92 -15.51
N PRO E 219 -34.39 33.91 -15.28
CA PRO E 219 -35.76 33.96 -15.82
C PRO E 219 -36.57 35.06 -15.16
N GLY E 220 -37.44 35.66 -15.95
CA GLY E 220 -38.35 36.68 -15.45
C GLY E 220 -39.79 36.23 -15.62
N CYS E 221 -40.61 36.51 -14.62
CA CYS E 221 -42.00 36.10 -14.64
C CYS E 221 -42.99 37.26 -14.69
N SER E 222 -42.52 38.49 -14.52
CA SER E 222 -43.38 39.67 -14.62
C SER E 222 -42.50 40.91 -14.64
N GLY E 223 -43.04 41.97 -15.22
CA GLY E 223 -42.35 43.25 -15.25
C GLY E 223 -41.11 43.24 -16.13
N TYR E 224 -40.20 44.16 -15.81
CA TYR E 224 -38.95 44.36 -16.55
C TYR E 224 -37.77 44.27 -15.58
N PRO E 225 -37.51 43.09 -15.02
CA PRO E 225 -36.43 42.97 -14.03
C PRO E 225 -35.07 42.88 -14.69
N ASN E 226 -34.05 43.31 -13.95
CA ASN E 226 -32.66 43.14 -14.38
C ASN E 226 -32.25 41.70 -14.11
N MET E 227 -32.12 40.91 -15.17
CA MET E 227 -31.91 39.47 -15.05
C MET E 227 -30.46 39.07 -15.23
N ASP E 228 -29.54 40.02 -15.25
CA ASP E 228 -28.12 39.71 -15.32
C ASP E 228 -27.63 39.24 -13.97
N LEU E 229 -26.95 38.09 -13.94
CA LEU E 229 -26.39 37.55 -12.71
C LEU E 229 -24.97 37.08 -12.97
N ASP E 230 -24.01 37.70 -12.31
CA ASP E 230 -22.59 37.40 -12.47
C ASP E 230 -22.08 36.68 -11.24
N CYS E 231 -21.32 35.60 -11.44
CA CYS E 231 -20.68 34.88 -10.35
C CYS E 231 -19.18 34.81 -10.60
N LEU E 232 -18.42 34.78 -9.50
CA LEU E 232 -16.96 34.82 -9.57
C LEU E 232 -16.38 33.44 -9.89
N LEU E 233 -17.05 32.36 -9.50
CA LEU E 233 -16.60 31.02 -9.79
C LEU E 233 -17.82 30.19 -10.18
N PRO E 234 -17.75 29.42 -11.26
CA PRO E 234 -18.84 28.48 -11.55
C PRO E 234 -18.91 27.39 -10.50
N GLN E 235 -20.13 26.88 -10.28
CA GLN E 235 -20.35 25.88 -9.24
C GLN E 235 -19.51 24.64 -9.45
N GLU E 236 -19.26 24.26 -10.71
CA GLU E 236 -18.39 23.13 -11.00
C GLU E 236 -16.98 23.39 -10.47
N TRP E 237 -16.47 24.61 -10.63
CA TRP E 237 -15.17 24.95 -10.07
C TRP E 237 -15.18 24.86 -8.55
N VAL E 238 -16.29 25.27 -7.91
CA VAL E 238 -16.39 25.17 -6.46
C VAL E 238 -16.29 23.72 -6.03
N GLN E 239 -17.11 22.86 -6.62
CA GLN E 239 -17.08 21.43 -6.29
C GLN E 239 -15.69 20.84 -6.53
N TYR E 240 -15.05 21.23 -7.63
CA TYR E 240 -13.75 20.67 -7.97
C TYR E 240 -12.67 21.08 -6.97
N PHE E 241 -12.59 22.39 -6.69
CA PHE E 241 -11.64 22.86 -5.69
C PHE E 241 -11.87 22.18 -4.35
N TYR E 242 -13.14 22.01 -3.97
CA TYR E 242 -13.45 21.38 -2.70
C TYR E 242 -13.02 19.92 -2.68
N GLN E 243 -13.19 19.21 -3.78
CA GLN E 243 -12.85 17.79 -3.81
C GLN E 243 -11.34 17.58 -3.85
N GLU E 244 -10.61 18.41 -4.61
CA GLU E 244 -9.18 18.15 -4.80
C GLU E 244 -8.34 18.60 -3.62
N ALA E 245 -8.72 19.69 -2.95
CA ALA E 245 -8.01 20.21 -1.78
C ALA E 245 -6.52 20.40 -2.09
N ALA E 246 -6.24 21.10 -3.18
CA ALA E 246 -4.88 21.30 -3.64
C ALA E 246 -4.33 22.60 -3.06
N PRO E 247 -3.22 22.58 -2.33
CA PRO E 247 -2.71 23.80 -1.70
C PRO E 247 -2.20 24.78 -2.74
N ALA E 248 -2.51 26.06 -2.53
CA ALA E 248 -2.09 27.12 -3.43
C ALA E 248 -0.61 27.44 -3.21
N GLN E 249 0.20 27.25 -4.23
CA GLN E 249 1.64 27.47 -4.12
C GLN E 249 2.06 28.90 -4.45
N SER E 250 1.11 29.77 -4.77
CA SER E 250 1.41 31.19 -5.03
C SER E 250 0.11 31.96 -4.88
N ASP E 251 0.21 33.29 -5.00
CA ASP E 251 -0.98 34.13 -4.90
C ASP E 251 -1.84 34.06 -6.15
N VAL E 252 -1.27 33.74 -7.31
CA VAL E 252 -2.02 33.71 -8.55
C VAL E 252 -1.81 32.37 -9.25
N ALA E 253 -2.89 31.84 -9.82
CA ALA E 253 -2.83 30.65 -10.67
C ALA E 253 -3.10 31.08 -12.11
N LEU E 254 -2.13 30.91 -12.99
CA LEU E 254 -2.24 31.36 -14.37
C LEU E 254 -3.08 30.35 -15.16
N LEU E 255 -4.25 30.80 -15.63
CA LEU E 255 -5.09 30.00 -16.50
C LEU E 255 -4.98 30.49 -17.94
N ARG E 256 -5.25 29.59 -18.88
CA ARG E 256 -5.29 29.93 -20.29
C ARG E 256 -6.56 29.37 -20.91
N PHE E 257 -7.29 30.21 -21.63
CA PHE E 257 -8.46 29.78 -22.38
C PHE E 257 -8.00 29.21 -23.71
N VAL E 258 -8.36 27.96 -23.98
CA VAL E 258 -7.78 27.20 -25.09
C VAL E 258 -8.90 26.64 -25.97
N ASN E 259 -8.67 26.65 -27.28
CA ASN E 259 -9.53 25.96 -28.23
C ASN E 259 -9.04 24.53 -28.41
N PRO E 260 -9.86 23.52 -28.09
CA PRO E 260 -9.39 22.13 -28.24
C PRO E 260 -9.15 21.71 -29.69
N ASP E 261 -9.75 22.40 -30.65
CA ASP E 261 -9.46 22.16 -32.07
C ASP E 261 -7.97 22.34 -32.34
N THR E 262 -7.51 23.58 -32.21
CA THR E 262 -6.20 23.99 -32.66
C THR E 262 -5.15 24.03 -31.55
N GLY E 263 -5.58 23.97 -30.28
CA GLY E 263 -4.69 24.27 -29.20
C GLY E 263 -4.36 25.74 -29.06
N ARG E 264 -5.04 26.60 -29.81
CA ARG E 264 -4.73 28.03 -29.80
C ARG E 264 -5.25 28.67 -28.52
N VAL E 265 -4.42 29.51 -27.91
CA VAL E 265 -4.81 30.26 -26.72
C VAL E 265 -5.55 31.52 -27.16
N LEU E 266 -6.74 31.74 -26.59
CA LEU E 266 -7.49 32.97 -26.85
C LEU E 266 -7.07 34.10 -25.92
N PHE E 267 -6.97 33.82 -24.63
CA PHE E 267 -6.53 34.81 -23.65
C PHE E 267 -6.00 34.08 -22.43
N GLU E 268 -5.39 34.84 -21.54
CA GLU E 268 -4.96 34.34 -20.24
C GLU E 268 -5.58 35.18 -19.14
N CYS E 269 -5.81 34.56 -17.99
CA CYS E 269 -6.46 35.22 -16.87
C CYS E 269 -5.82 34.75 -15.57
N LYS E 270 -6.14 35.46 -14.49
CA LYS E 270 -5.56 35.23 -13.18
C LYS E 270 -6.62 34.69 -12.24
N LEU E 271 -6.40 33.48 -11.73
CA LEU E 271 -7.25 32.89 -10.69
C LEU E 271 -6.54 33.08 -9.36
N HIS E 272 -7.02 34.01 -8.55
CA HIS E 272 -6.42 34.29 -7.26
C HIS E 272 -6.85 33.24 -6.24
N LYS E 273 -5.95 32.94 -5.30
CA LYS E 273 -6.21 31.93 -4.28
C LYS E 273 -7.44 32.25 -3.45
N SER E 274 -7.82 33.53 -3.36
CA SER E 274 -9.04 33.89 -2.65
C SER E 274 -10.28 33.33 -3.33
N GLY E 275 -10.28 33.33 -4.67
CA GLY E 275 -11.37 32.73 -5.41
C GLY E 275 -12.05 33.65 -6.41
N TYR E 276 -11.26 34.35 -7.23
CA TYR E 276 -11.81 35.22 -8.25
C TYR E 276 -10.83 35.33 -9.40
N VAL E 277 -11.32 35.78 -10.55
CA VAL E 277 -10.56 35.81 -11.79
C VAL E 277 -10.47 37.24 -12.30
N THR E 278 -9.28 37.60 -12.79
CA THR E 278 -9.06 38.90 -13.41
C THR E 278 -8.49 38.71 -14.82
N VAL E 279 -8.75 39.71 -15.67
CA VAL E 279 -8.22 39.77 -17.02
C VAL E 279 -7.64 41.16 -17.26
N ALA E 280 -6.86 41.28 -18.34
CA ALA E 280 -6.26 42.54 -18.73
C ALA E 280 -7.15 43.18 -19.79
N HIS E 281 -8.03 44.09 -19.35
CA HIS E 281 -8.98 44.72 -20.25
C HIS E 281 -9.33 46.11 -19.70
N THR E 282 -9.91 46.93 -20.56
CA THR E 282 -10.34 48.29 -20.18
C THR E 282 -11.71 48.54 -20.80
N GLY E 283 -12.74 48.53 -19.97
CA GLY E 283 -14.08 48.82 -20.42
C GLY E 283 -14.96 47.57 -20.42
N GLN E 284 -16.27 47.81 -20.51
CA GLN E 284 -17.23 46.72 -20.55
C GLN E 284 -17.11 45.95 -21.86
N HIS E 285 -17.21 44.63 -21.77
CA HIS E 285 -17.06 43.78 -22.95
C HIS E 285 -17.62 42.40 -22.66
N ASP E 286 -18.44 41.89 -23.57
CA ASP E 286 -18.90 40.51 -23.54
C ASP E 286 -17.93 39.68 -24.36
N LEU E 287 -17.20 38.77 -23.70
CA LEU E 287 -16.14 38.02 -24.37
C LEU E 287 -16.70 37.17 -25.50
N VAL E 288 -16.14 37.35 -26.69
CA VAL E 288 -16.46 36.51 -27.84
C VAL E 288 -15.51 35.33 -27.83
N ILE E 289 -16.04 34.14 -27.55
CA ILE E 289 -15.22 32.95 -27.33
C ILE E 289 -15.67 31.82 -28.24
N PRO E 290 -14.79 30.89 -28.58
CA PRO E 290 -15.22 29.68 -29.28
C PRO E 290 -16.12 28.84 -28.38
N PRO E 291 -17.15 28.20 -28.94
CA PRO E 291 -18.08 27.44 -28.10
C PRO E 291 -17.45 26.27 -27.37
N ASN E 292 -16.38 25.70 -27.90
CA ASN E 292 -15.74 24.54 -27.30
C ASN E 292 -14.58 24.89 -26.38
N GLY E 293 -14.32 26.17 -26.16
CA GLY E 293 -13.17 26.56 -25.36
C GLY E 293 -13.34 26.21 -23.90
N TYR E 294 -12.22 26.01 -23.22
CA TYR E 294 -12.20 25.68 -21.81
C TYR E 294 -11.00 26.33 -21.14
N PHE E 295 -11.04 26.38 -19.81
CA PHE E 295 -9.96 26.93 -19.01
C PHE E 295 -8.96 25.84 -18.65
N ARG E 296 -7.68 26.16 -18.76
CA ARG E 296 -6.59 25.23 -18.47
C ARG E 296 -5.64 25.86 -17.47
N PHE E 297 -5.24 25.08 -16.47
CA PHE E 297 -4.25 25.53 -15.50
C PHE E 297 -2.86 25.15 -15.98
N ASP E 298 -1.93 26.09 -15.91
CA ASP E 298 -0.59 25.87 -16.44
C ASP E 298 0.50 26.05 -15.40
N SER E 299 0.47 27.11 -14.60
CA SER E 299 1.49 27.31 -13.59
C SER E 299 0.96 28.26 -12.51
N TRP E 300 1.75 28.40 -11.45
CA TRP E 300 1.49 29.35 -10.39
C TRP E 300 2.41 30.56 -10.59
N VAL E 301 1.81 31.75 -10.64
CA VAL E 301 2.57 32.97 -10.80
C VAL E 301 2.24 33.92 -9.65
N ASN E 302 3.14 34.90 -9.46
CA ASN E 302 3.00 35.89 -8.41
C ASN E 302 1.92 36.90 -8.79
N GLN E 303 1.71 37.87 -7.90
CA GLN E 303 0.67 38.86 -8.10
C GLN E 303 1.06 39.93 -9.12
N PHE E 304 2.36 40.15 -9.31
CA PHE E 304 2.85 41.17 -10.23
C PHE E 304 3.27 40.53 -11.56
N TYR E 305 2.28 39.96 -12.23
CA TYR E 305 2.44 39.26 -13.50
C TYR E 305 1.55 39.94 -14.52
N THR E 306 2.15 40.46 -15.58
CA THR E 306 1.39 41.21 -16.59
C THR E 306 0.80 40.25 -17.60
N LEU E 307 -0.53 40.19 -17.66
CA LEU E 307 -1.22 39.38 -18.65
C LEU E 307 -1.17 40.06 -20.01
N ALA E 308 -1.13 39.26 -21.06
CA ALA E 308 -1.23 39.81 -22.40
C ALA E 308 -2.67 40.23 -22.67
N PRO E 309 -2.90 41.43 -23.20
CA PRO E 309 -4.29 41.86 -23.44
C PRO E 309 -4.91 41.13 -24.62
N MET E 310 -6.19 40.81 -24.48
CA MET E 310 -6.96 40.19 -25.55
C MET E 310 -7.88 41.22 -26.17
N GLY E 311 -8.03 41.15 -27.49
CA GLY E 311 -8.85 42.10 -28.22
C GLY E 311 -10.20 41.55 -28.64
N SER F 2 0.95 5.05 -20.88
CA SER F 2 -0.06 3.98 -20.85
C SER F 2 -0.22 3.41 -19.45
N ARG F 3 0.29 4.13 -18.45
CA ARG F 3 0.10 3.72 -17.05
C ARG F 3 -1.28 4.15 -16.57
N THR F 4 -2.02 3.20 -16.02
CA THR F 4 -3.44 3.41 -15.77
C THR F 4 -3.67 4.44 -14.66
N LYS F 5 -4.58 5.37 -14.91
CA LYS F 5 -4.94 6.36 -13.90
C LYS F 5 -5.81 5.71 -12.84
N PRO F 6 -5.51 5.92 -11.55
CA PRO F 6 -6.36 5.33 -10.49
C PRO F 6 -7.81 5.77 -10.61
N PHE F 7 -8.69 4.93 -10.09
CA PHE F 7 -10.12 5.18 -10.05
C PHE F 7 -10.52 5.75 -8.69
N SER F 8 -11.49 6.65 -8.69
CA SER F 8 -11.93 7.28 -7.46
C SER F 8 -13.39 7.72 -7.60
N VAL F 9 -14.09 7.78 -6.48
CA VAL F 9 -15.45 8.30 -6.42
C VAL F 9 -15.42 9.54 -5.54
N PRO F 10 -16.31 10.51 -5.74
CA PRO F 10 -16.24 11.76 -4.96
C PRO F 10 -16.52 11.50 -3.49
N VAL F 11 -15.76 12.16 -2.62
CA VAL F 11 -15.99 12.11 -1.19
C VAL F 11 -17.16 13.00 -0.86
N LEU F 12 -18.37 12.45 -0.90
CA LEU F 12 -19.58 13.21 -0.66
C LEU F 12 -20.59 12.34 0.08
N THR F 13 -21.33 12.94 1.00
CA THR F 13 -22.40 12.23 1.68
C THR F 13 -23.61 12.08 0.75
N VAL F 14 -24.55 11.24 1.17
CA VAL F 14 -25.76 11.02 0.38
C VAL F 14 -26.54 12.33 0.22
N GLU F 15 -26.66 13.09 1.31
CA GLU F 15 -27.41 14.34 1.27
C GLU F 15 -26.68 15.46 0.54
N GLU F 16 -25.43 15.26 0.16
CA GLU F 16 -24.67 16.29 -0.56
C GLU F 16 -24.74 16.14 -2.07
N MET F 17 -25.28 15.03 -2.57
CA MET F 17 -25.31 14.77 -4.00
C MET F 17 -26.72 15.03 -4.56
N THR F 18 -26.83 14.93 -5.88
CA THR F 18 -28.03 15.28 -6.62
C THR F 18 -28.58 14.07 -7.36
N ASN F 19 -29.90 14.00 -7.46
CA ASN F 19 -30.53 12.99 -8.29
C ASN F 19 -30.26 13.28 -9.75
N SER F 20 -29.91 12.24 -10.50
CA SER F 20 -29.56 12.38 -11.90
C SER F 20 -30.75 12.23 -12.84
N ARG F 21 -31.94 11.94 -12.31
CA ARG F 21 -33.14 11.82 -13.13
C ARG F 21 -34.12 12.97 -12.92
N PHE F 22 -33.95 13.75 -11.86
CA PHE F 22 -34.74 14.95 -11.60
C PHE F 22 -33.83 15.91 -10.85
N PRO F 23 -33.92 17.21 -11.12
CA PRO F 23 -33.04 18.17 -10.44
C PRO F 23 -33.39 18.38 -8.98
N ILE F 24 -33.18 17.36 -8.15
CA ILE F 24 -33.36 17.46 -6.70
C ILE F 24 -32.22 16.74 -6.00
N PRO F 25 -31.91 17.14 -4.77
CA PRO F 25 -30.88 16.43 -4.01
C PRO F 25 -31.32 15.02 -3.65
N LEU F 26 -30.34 14.15 -3.46
CA LEU F 26 -30.62 12.79 -3.02
C LEU F 26 -30.92 12.76 -1.53
N GLU F 27 -31.76 11.81 -1.13
CA GLU F 27 -32.21 11.73 0.25
C GLU F 27 -31.83 10.44 0.95
N LYS F 28 -31.88 9.30 0.27
CA LYS F 28 -31.65 8.03 0.97
C LYS F 28 -31.09 6.99 0.01
N LEU F 29 -30.72 5.86 0.58
CA LEU F 29 -30.32 4.67 -0.18
C LEU F 29 -31.36 3.60 0.00
N PHE F 30 -31.79 2.98 -1.10
CA PHE F 30 -32.79 1.93 -1.05
C PHE F 30 -32.24 0.67 -1.71
N THR F 31 -32.74 -0.48 -1.28
CA THR F 31 -32.47 -1.74 -1.95
C THR F 31 -33.77 -2.53 -2.03
N GLY F 32 -34.00 -3.16 -3.17
CA GLY F 32 -35.27 -3.79 -3.49
C GLY F 32 -35.15 -4.70 -4.69
N PRO F 33 -35.94 -5.78 -4.74
CA PRO F 33 -35.93 -6.63 -5.93
C PRO F 33 -36.35 -5.83 -7.15
N SER F 34 -35.74 -6.16 -8.29
CA SER F 34 -36.05 -5.51 -9.56
C SER F 34 -36.52 -6.51 -10.61
N SER F 35 -37.07 -7.65 -10.18
CA SER F 35 -37.46 -8.70 -11.11
C SER F 35 -38.81 -8.42 -11.77
N ALA F 36 -39.70 -7.73 -11.07
CA ALA F 36 -41.05 -7.50 -11.59
C ALA F 36 -41.13 -6.32 -12.57
N PHE F 37 -40.05 -5.57 -12.73
CA PHE F 37 -40.06 -4.41 -13.61
C PHE F 37 -38.70 -4.28 -14.28
N VAL F 38 -38.67 -3.51 -15.36
CA VAL F 38 -37.46 -3.28 -16.14
C VAL F 38 -36.81 -1.98 -15.68
N VAL F 39 -35.53 -2.04 -15.35
CA VAL F 39 -34.78 -0.88 -14.87
C VAL F 39 -33.95 -0.40 -16.06
N GLN F 40 -34.53 0.53 -16.82
CA GLN F 40 -33.89 1.06 -18.03
C GLN F 40 -33.95 2.58 -18.06
N PRO F 41 -33.28 3.26 -17.12
CA PRO F 41 -33.20 4.72 -17.19
C PRO F 41 -32.30 5.15 -18.33
N GLN F 42 -32.64 6.30 -18.92
CA GLN F 42 -31.80 6.92 -19.94
C GLN F 42 -31.08 8.15 -19.43
N ASN F 43 -31.32 8.55 -18.19
CA ASN F 43 -30.62 9.64 -17.54
C ASN F 43 -29.80 9.10 -16.38
N GLY F 44 -28.68 9.76 -16.10
CA GLY F 44 -27.77 9.26 -15.08
C GLY F 44 -27.13 7.94 -15.45
N ARG F 45 -26.81 7.75 -16.73
CA ARG F 45 -26.17 6.53 -17.22
C ARG F 45 -24.80 6.88 -17.76
N CYS F 46 -23.77 6.32 -17.16
CA CYS F 46 -22.39 6.60 -17.56
C CYS F 46 -21.52 5.47 -17.07
N THR F 47 -20.58 5.03 -17.91
CA THR F 47 -19.67 3.97 -17.53
C THR F 47 -18.63 4.49 -16.54
N THR F 48 -17.82 3.56 -16.02
CA THR F 48 -16.85 3.94 -15.00
C THR F 48 -15.70 4.76 -15.55
N ASP F 49 -15.41 4.65 -16.85
CA ASP F 49 -14.34 5.43 -17.46
C ASP F 49 -14.84 6.70 -18.12
N GLY F 50 -16.10 7.06 -17.91
CA GLY F 50 -16.62 8.34 -18.35
C GLY F 50 -17.18 8.36 -19.75
N VAL F 51 -18.12 7.46 -20.05
CA VAL F 51 -18.77 7.38 -21.34
C VAL F 51 -20.26 7.47 -21.12
N LEU F 52 -20.86 8.57 -21.58
CA LEU F 52 -22.27 8.84 -21.30
C LEU F 52 -23.17 7.99 -22.19
N LEU F 53 -24.21 7.44 -21.59
CA LEU F 53 -25.19 6.61 -22.28
C LEU F 53 -26.55 7.30 -22.26
N GLY F 54 -27.44 6.83 -23.14
CA GLY F 54 -28.80 7.34 -23.15
C GLY F 54 -28.86 8.83 -23.43
N THR F 55 -29.68 9.52 -22.65
CA THR F 55 -29.82 10.97 -22.74
C THR F 55 -29.06 11.70 -21.62
N THR F 56 -27.96 11.12 -21.15
CA THR F 56 -27.24 11.63 -20.00
C THR F 56 -26.25 12.71 -20.42
N GLN F 57 -26.34 13.87 -19.78
CA GLN F 57 -25.37 14.94 -19.96
C GLN F 57 -24.78 15.35 -18.62
N LEU F 58 -24.08 16.48 -18.58
CA LEU F 58 -23.29 16.85 -17.40
C LEU F 58 -23.97 17.86 -16.50
N SER F 59 -24.76 18.78 -17.04
CA SER F 59 -25.37 19.83 -16.24
C SER F 59 -26.49 19.27 -15.38
N PRO F 60 -26.45 19.42 -14.05
CA PRO F 60 -27.51 18.87 -13.21
C PRO F 60 -28.77 19.73 -13.16
N VAL F 61 -28.70 20.99 -13.61
CA VAL F 61 -29.88 21.85 -13.62
C VAL F 61 -30.73 21.62 -14.87
N ASN F 62 -30.13 21.16 -15.96
CA ASN F 62 -30.83 20.96 -17.23
C ASN F 62 -31.40 19.55 -17.37
N ILE F 63 -31.92 18.99 -16.28
CA ILE F 63 -32.61 17.71 -16.31
C ILE F 63 -34.11 17.98 -16.25
N CYS F 64 -34.84 17.40 -17.21
CA CYS F 64 -36.29 17.59 -17.35
C CYS F 64 -36.67 19.03 -17.65
N THR F 65 -35.72 19.83 -18.14
CA THR F 65 -36.01 21.18 -18.60
C THR F 65 -36.41 21.15 -20.07
N PHE F 66 -37.02 22.25 -20.54
CA PHE F 66 -37.44 22.30 -21.95
C PHE F 66 -37.21 23.70 -22.50
N ARG F 67 -36.42 23.83 -23.56
CA ARG F 67 -36.12 25.13 -24.14
C ARG F 67 -36.60 25.20 -25.58
N GLY F 68 -37.17 26.33 -25.96
CA GLY F 68 -37.55 26.50 -27.35
C GLY F 68 -38.58 27.61 -27.50
N ASP F 69 -39.25 27.60 -28.65
CA ASP F 69 -40.30 28.58 -28.90
C ASP F 69 -41.64 27.89 -28.95
N VAL F 70 -42.71 28.66 -28.83
CA VAL F 70 -44.01 28.07 -28.54
C VAL F 70 -45.07 28.66 -29.46
N THR F 71 -46.04 27.84 -29.84
CA THR F 71 -47.21 28.23 -30.61
C THR F 71 -48.47 27.81 -29.86
N HIS F 72 -49.52 28.61 -29.97
CA HIS F 72 -50.77 28.34 -29.28
C HIS F 72 -51.65 27.43 -30.12
N ILE F 73 -52.18 26.38 -29.50
CA ILE F 73 -53.27 25.61 -30.08
C ILE F 73 -54.56 26.32 -29.70
N THR F 74 -55.18 26.98 -30.67
CA THR F 74 -56.34 27.83 -30.39
C THR F 74 -57.51 27.00 -29.90
N GLY F 75 -58.31 27.60 -29.01
CA GLY F 75 -59.44 26.92 -28.40
C GLY F 75 -59.13 26.19 -27.12
N SER F 76 -57.84 26.07 -26.76
CA SER F 76 -57.42 25.40 -25.54
C SER F 76 -56.26 26.14 -24.90
N ARG F 77 -56.14 25.97 -23.58
CA ARG F 77 -55.06 26.59 -22.82
C ARG F 77 -53.74 25.85 -22.98
N ASN F 78 -53.63 24.94 -23.95
CA ASN F 78 -52.38 24.23 -24.17
C ASN F 78 -51.50 24.99 -25.16
N TYR F 79 -50.24 24.59 -25.22
CA TYR F 79 -49.25 25.26 -26.06
C TYR F 79 -48.24 24.21 -26.53
N THR F 80 -47.77 24.37 -27.76
CA THR F 80 -46.83 23.42 -28.35
C THR F 80 -45.47 24.09 -28.49
N MET F 81 -44.46 23.52 -27.85
CA MET F 81 -43.10 24.04 -27.88
C MET F 81 -42.27 23.25 -28.87
N ASN F 82 -41.72 23.95 -29.87
CA ASN F 82 -40.68 23.42 -30.74
C ASN F 82 -39.33 23.68 -30.09
N LEU F 83 -38.49 22.65 -30.04
CA LEU F 83 -37.32 22.62 -29.19
C LEU F 83 -36.07 23.03 -29.95
N ALA F 84 -35.16 23.69 -29.22
CA ALA F 84 -33.82 24.02 -29.71
C ALA F 84 -32.79 23.34 -28.81
N SER F 85 -31.55 23.31 -29.28
CA SER F 85 -30.49 22.61 -28.56
C SER F 85 -30.22 23.29 -27.21
N GLN F 86 -29.69 22.51 -26.27
CA GLN F 86 -29.37 23.01 -24.95
C GLN F 86 -27.86 23.25 -24.81
N ASP F 90 -30.38 24.56 -31.81
CA ASP F 90 -31.33 23.80 -32.61
C ASP F 90 -31.15 22.30 -32.40
N TYR F 91 -32.27 21.60 -32.22
CA TYR F 91 -32.24 20.17 -31.95
C TYR F 91 -31.99 19.39 -33.25
N ASP F 92 -30.99 18.52 -33.23
CA ASP F 92 -30.69 17.65 -34.35
C ASP F 92 -31.12 16.24 -34.01
N PRO F 93 -32.23 15.74 -34.57
CA PRO F 93 -32.65 14.36 -34.26
C PRO F 93 -31.83 13.30 -34.97
N THR F 94 -30.78 13.67 -35.70
CA THR F 94 -29.95 12.68 -36.38
C THR F 94 -28.91 12.05 -35.46
N GLU F 95 -28.65 12.63 -34.29
CA GLU F 95 -27.67 12.06 -33.38
C GLU F 95 -28.12 10.67 -32.92
N GLU F 96 -27.14 9.84 -32.56
CA GLU F 96 -27.38 8.45 -32.21
C GLU F 96 -27.79 8.32 -30.75
N ILE F 97 -28.83 9.06 -30.35
CA ILE F 97 -29.29 9.07 -28.97
C ILE F 97 -30.81 8.85 -28.98
N PRO F 98 -31.36 8.33 -27.88
CA PRO F 98 -32.79 8.01 -27.86
C PRO F 98 -33.69 9.24 -27.94
N ALA F 99 -33.24 10.38 -27.44
CA ALA F 99 -34.04 11.60 -27.37
C ALA F 99 -33.11 12.77 -27.09
N PRO F 100 -33.61 14.02 -27.12
CA PRO F 100 -32.76 15.15 -26.72
C PRO F 100 -32.14 14.94 -25.34
N LEU F 101 -30.93 15.46 -25.17
CA LEU F 101 -30.21 15.30 -23.91
C LEU F 101 -30.96 16.00 -22.79
N GLY F 102 -31.20 15.27 -21.70
CA GLY F 102 -31.97 15.79 -20.59
C GLY F 102 -33.46 15.53 -20.68
N THR F 103 -33.90 14.68 -21.58
CA THR F 103 -35.31 14.38 -21.71
C THR F 103 -35.76 13.49 -20.54
N PRO F 104 -36.95 13.74 -19.98
CA PRO F 104 -37.47 12.84 -18.94
C PRO F 104 -37.51 11.40 -19.42
N ASP F 105 -37.10 10.48 -18.53
CA ASP F 105 -37.04 9.06 -18.85
C ASP F 105 -38.05 8.24 -18.05
N PHE F 106 -39.20 8.84 -17.72
CA PHE F 106 -40.27 8.14 -17.03
C PHE F 106 -41.60 8.68 -17.50
N VAL F 107 -42.65 7.88 -17.31
CA VAL F 107 -44.00 8.24 -17.71
C VAL F 107 -44.71 8.91 -16.53
N GLY F 108 -45.22 10.11 -16.75
CA GLY F 108 -45.91 10.84 -15.71
C GLY F 108 -46.20 12.26 -16.14
N LYS F 109 -46.86 12.99 -15.24
CA LYS F 109 -47.26 14.37 -15.47
C LYS F 109 -46.42 15.27 -14.56
N ILE F 110 -45.55 16.07 -15.16
CA ILE F 110 -44.59 16.90 -14.44
C ILE F 110 -45.07 18.34 -14.49
N GLN F 111 -45.28 18.93 -13.31
CA GLN F 111 -45.69 20.32 -13.18
C GLN F 111 -44.47 21.20 -12.92
N GLY F 112 -44.43 22.33 -13.63
CA GLY F 112 -43.38 23.31 -13.46
C GLY F 112 -43.88 24.68 -13.90
N VAL F 113 -42.93 25.54 -14.24
CA VAL F 113 -43.23 26.92 -14.62
C VAL F 113 -42.64 27.19 -16.00
N LEU F 114 -43.44 27.78 -16.88
CA LEU F 114 -43.01 28.19 -18.21
C LEU F 114 -42.75 29.69 -18.19
N THR F 115 -41.52 30.09 -18.50
CA THR F 115 -41.11 31.49 -18.49
C THR F 115 -40.72 31.92 -19.89
N GLN F 116 -41.20 33.08 -20.30
CA GLN F 116 -40.94 33.62 -21.64
C GLN F 116 -40.47 35.05 -21.54
N THR F 117 -39.55 35.42 -22.44
CA THR F 117 -39.00 36.77 -22.51
C THR F 117 -39.09 37.27 -23.95
N THR F 118 -39.49 38.53 -24.11
CA THR F 118 -39.54 39.18 -25.41
C THR F 118 -38.27 39.99 -25.62
N ARG F 119 -37.58 39.73 -26.74
CA ARG F 119 -36.29 40.36 -26.98
C ARG F 119 -36.41 41.86 -27.23
N THR F 120 -37.57 42.31 -27.70
CA THR F 120 -37.69 43.70 -28.15
C THR F 120 -37.55 44.68 -27.00
N ASP F 121 -38.25 44.45 -25.89
CA ASP F 121 -38.29 45.39 -24.78
C ASP F 121 -37.82 44.82 -23.46
N GLY F 122 -37.61 43.52 -23.35
CA GLY F 122 -37.25 42.90 -22.09
C GLY F 122 -38.41 42.52 -21.20
N SER F 123 -39.64 42.58 -21.71
CA SER F 123 -40.80 42.16 -20.93
C SER F 123 -40.76 40.65 -20.74
N THR F 124 -41.14 40.20 -19.54
CA THR F 124 -41.10 38.80 -19.17
C THR F 124 -42.44 38.36 -18.61
N ARG F 125 -42.76 37.09 -18.80
CA ARG F 125 -43.98 36.52 -18.25
C ARG F 125 -43.71 35.08 -17.81
N GLY F 126 -44.54 34.61 -16.88
CA GLY F 126 -44.43 33.27 -16.36
C GLY F 126 -45.79 32.66 -16.06
N HIS F 127 -45.95 31.36 -16.32
CA HIS F 127 -47.23 30.71 -16.12
C HIS F 127 -47.01 29.28 -15.66
N LYS F 128 -47.94 28.78 -14.84
CA LYS F 128 -47.91 27.39 -14.42
C LYS F 128 -48.13 26.48 -15.62
N ALA F 129 -47.23 25.51 -15.81
CA ALA F 129 -47.29 24.61 -16.94
C ALA F 129 -47.18 23.16 -16.47
N THR F 130 -47.69 22.26 -17.29
CA THR F 130 -47.61 20.83 -17.05
C THR F 130 -47.21 20.14 -18.34
N VAL F 131 -46.41 19.08 -18.23
CA VAL F 131 -46.01 18.28 -19.38
C VAL F 131 -46.30 16.82 -19.07
N TYR F 132 -46.90 16.12 -20.03
CA TYR F 132 -47.21 14.70 -19.89
C TYR F 132 -46.24 13.92 -20.76
N THR F 133 -45.41 13.10 -20.12
CA THR F 133 -44.43 12.31 -20.86
C THR F 133 -45.08 11.15 -21.58
N GLY F 134 -46.23 10.69 -21.11
CA GLY F 134 -46.97 9.62 -21.75
C GLY F 134 -48.05 10.09 -22.69
N SER F 135 -48.06 11.38 -23.04
CA SER F 135 -49.05 11.91 -23.95
C SER F 135 -48.72 11.57 -25.40
N ALA F 136 -49.76 11.49 -26.23
CA ALA F 136 -49.55 11.21 -27.64
C ALA F 136 -48.80 12.35 -28.33
N ASP F 137 -48.92 13.57 -27.80
CA ASP F 137 -48.24 14.73 -28.35
C ASP F 137 -46.87 14.97 -27.72
N PHE F 138 -46.34 14.00 -27.00
CA PHE F 138 -45.00 14.09 -26.41
C PHE F 138 -44.03 13.42 -27.37
N ALA F 139 -43.48 14.21 -28.30
CA ALA F 139 -42.57 13.73 -29.32
C ALA F 139 -41.26 14.52 -29.28
N PRO F 140 -40.46 14.34 -28.22
CA PRO F 140 -39.19 15.09 -28.15
C PRO F 140 -38.19 14.65 -29.20
N LYS F 141 -38.15 13.36 -29.53
CA LYS F 141 -37.24 12.88 -30.56
C LYS F 141 -37.53 13.53 -31.91
N LEU F 142 -38.75 14.00 -32.14
CA LEU F 142 -39.13 14.68 -33.36
C LEU F 142 -39.13 16.20 -33.22
N GLY F 143 -38.84 16.71 -32.03
CA GLY F 143 -38.62 18.14 -31.85
C GLY F 143 -39.80 18.95 -31.37
N ARG F 144 -40.86 18.33 -30.87
CA ARG F 144 -42.04 19.05 -30.43
C ARG F 144 -42.60 18.41 -29.17
N VAL F 145 -43.04 19.24 -28.23
CA VAL F 145 -43.70 18.77 -27.02
C VAL F 145 -44.88 19.70 -26.71
N GLN F 146 -45.74 19.27 -25.80
CA GLN F 146 -46.95 20.00 -25.47
C GLN F 146 -47.01 20.28 -23.97
N PHE F 147 -47.53 21.45 -23.62
CA PHE F 147 -47.66 21.89 -22.23
C PHE F 147 -49.09 22.36 -21.99
N GLU F 148 -49.67 21.90 -20.89
CA GLU F 148 -50.94 22.41 -20.39
C GLU F 148 -50.67 23.66 -19.56
N THR F 149 -51.29 24.77 -19.93
CA THR F 149 -50.98 26.09 -19.41
C THR F 149 -52.30 26.73 -18.93
N ASP F 150 -52.19 27.81 -18.16
CA ASP F 150 -53.36 28.53 -17.66
C ASP F 150 -53.70 29.77 -18.47
N THR F 151 -53.05 29.98 -19.62
CA THR F 151 -53.31 31.17 -20.43
C THR F 151 -53.53 30.77 -21.90
N ASP F 152 -54.11 31.72 -22.64
CA ASP F 152 -54.50 31.51 -24.03
C ASP F 152 -53.96 32.57 -24.98
N ARG F 153 -53.27 33.58 -24.48
CA ARG F 153 -52.85 34.71 -25.28
C ARG F 153 -51.48 35.26 -24.88
N ASP F 154 -51.08 35.12 -23.61
CA ASP F 154 -49.90 35.83 -23.12
C ASP F 154 -48.63 35.37 -23.80
N PHE F 155 -48.46 34.06 -24.00
CA PHE F 155 -47.26 33.56 -24.66
C PHE F 155 -47.25 33.99 -26.12
N GLU F 156 -46.17 34.64 -26.53
CA GLU F 156 -46.04 35.17 -27.88
C GLU F 156 -45.29 34.19 -28.77
N ALA F 157 -45.41 34.40 -30.08
CA ALA F 157 -44.75 33.53 -31.04
C ALA F 157 -43.31 33.97 -31.25
N ASN F 158 -42.49 33.01 -31.73
CA ASN F 158 -41.05 33.15 -31.94
C ASN F 158 -40.35 33.93 -30.84
N GLN F 159 -40.80 33.76 -29.60
CA GLN F 159 -40.15 34.35 -28.44
C GLN F 159 -39.60 33.25 -27.55
N ASN F 160 -38.41 33.48 -26.99
CA ASN F 160 -37.70 32.46 -26.23
C ASN F 160 -38.51 32.04 -25.01
N THR F 161 -38.75 30.73 -24.90
CA THR F 161 -39.55 30.17 -23.82
C THR F 161 -38.82 29.00 -23.18
N LYS F 162 -39.06 28.84 -21.88
CA LYS F 162 -38.20 28.08 -20.97
C LYS F 162 -39.09 27.37 -19.96
N PHE F 163 -38.92 26.05 -19.82
CA PHE F 163 -39.70 25.26 -18.87
C PHE F 163 -38.77 24.69 -17.81
N THR F 164 -38.99 25.12 -16.56
CA THR F 164 -38.29 24.62 -15.39
C THR F 164 -39.22 23.72 -14.59
N PRO F 165 -38.83 22.49 -14.28
CA PRO F 165 -39.73 21.59 -13.56
C PRO F 165 -39.74 21.86 -12.07
N VAL F 166 -40.81 21.37 -11.42
CA VAL F 166 -40.94 21.49 -9.98
C VAL F 166 -41.26 20.12 -9.38
N GLY F 167 -42.36 19.52 -9.81
CA GLY F 167 -42.78 18.27 -9.22
C GLY F 167 -43.64 17.44 -10.15
N VAL F 168 -44.39 16.52 -9.55
CA VAL F 168 -45.29 15.63 -10.30
C VAL F 168 -46.71 15.84 -9.78
N ILE F 169 -47.67 15.77 -10.70
CA ILE F 169 -49.09 15.88 -10.38
C ILE F 169 -49.77 14.59 -10.81
N GLN F 170 -50.63 14.05 -9.94
CA GLN F 170 -51.25 12.76 -10.22
C GLN F 170 -52.52 12.54 -9.40
N ASP F 171 -52.71 11.32 -8.91
CA ASP F 171 -53.89 10.96 -8.17
C ASP F 171 -53.61 9.82 -7.20
N THR F 174 -57.78 7.61 -10.13
CA THR F 174 -57.90 8.15 -8.79
C THR F 174 -57.17 7.25 -7.78
N THR F 175 -56.82 6.04 -8.23
CA THR F 175 -56.06 5.12 -7.40
C THR F 175 -54.76 5.77 -6.95
N HIS F 176 -54.53 5.84 -5.65
CA HIS F 176 -53.33 6.46 -5.13
C HIS F 176 -52.10 5.69 -5.60
N ARG F 177 -51.09 6.43 -6.08
CA ARG F 177 -49.81 5.94 -6.59
C ARG F 177 -49.92 5.32 -7.97
N ASN F 178 -51.07 5.43 -8.65
CA ASN F 178 -51.20 4.92 -10.01
C ASN F 178 -50.44 5.75 -11.03
N GLU F 179 -49.70 6.77 -10.57
CA GLU F 179 -49.00 7.73 -11.43
C GLU F 179 -48.08 8.56 -10.53
N PRO F 180 -46.84 8.84 -10.95
CA PRO F 180 -46.21 8.48 -12.22
C PRO F 180 -45.50 7.13 -12.19
N GLN F 181 -45.35 6.50 -13.36
CA GLN F 181 -44.67 5.22 -13.48
C GLN F 181 -43.20 5.48 -13.78
N GLN F 182 -42.35 5.34 -12.76
CA GLN F 182 -40.94 5.72 -12.89
C GLN F 182 -40.11 4.71 -13.68
N TRP F 183 -40.58 3.47 -13.82
CA TRP F 183 -39.82 2.44 -14.52
C TRP F 183 -40.41 2.12 -15.89
N VAL F 184 -41.19 3.04 -16.45
CA VAL F 184 -41.76 2.89 -17.79
C VAL F 184 -41.24 4.04 -18.64
N LEU F 185 -40.55 3.72 -19.72
CA LEU F 185 -39.96 4.74 -20.58
C LEU F 185 -41.04 5.39 -21.45
N PRO F 186 -40.92 6.68 -21.70
CA PRO F 186 -41.84 7.34 -22.64
C PRO F 186 -41.50 6.97 -24.07
N SER F 187 -42.49 7.17 -24.94
CA SER F 187 -42.33 6.94 -26.37
C SER F 187 -41.83 8.24 -27.00
N TYR F 188 -40.51 8.33 -27.20
CA TYR F 188 -39.89 9.60 -27.58
C TYR F 188 -40.37 10.07 -28.95
N SER F 189 -40.82 9.18 -29.81
CA SER F 189 -41.30 9.56 -31.12
C SER F 189 -42.79 9.34 -31.31
N GLY F 190 -43.50 8.91 -30.29
CA GLY F 190 -44.93 8.74 -30.35
C GLY F 190 -45.34 7.29 -30.25
N ARG F 191 -46.65 7.07 -30.42
CA ARG F 191 -47.21 5.74 -30.27
C ARG F 191 -46.76 4.82 -31.40
N ASN F 192 -46.90 5.27 -32.65
CA ASN F 192 -46.57 4.45 -33.81
C ASN F 192 -45.07 4.43 -34.12
N THR F 193 -44.24 4.42 -33.09
CA THR F 193 -42.80 4.38 -33.23
C THR F 193 -42.22 3.55 -32.09
N HIS F 194 -40.91 3.32 -32.17
CA HIS F 194 -40.16 2.66 -31.11
C HIS F 194 -38.89 3.44 -30.82
N ASN F 195 -38.32 3.20 -29.66
CA ASN F 195 -37.13 3.91 -29.23
C ASN F 195 -35.87 3.30 -29.81
N VAL F 196 -34.85 4.13 -29.98
CA VAL F 196 -33.59 3.73 -30.59
C VAL F 196 -32.44 4.19 -29.72
N HIS F 197 -31.29 3.52 -29.90
CA HIS F 197 -30.05 3.86 -29.20
C HIS F 197 -30.24 3.91 -27.68
N LEU F 198 -31.05 2.98 -27.16
CA LEU F 198 -31.38 2.98 -25.75
C LEU F 198 -30.21 2.46 -24.92
N ALA F 199 -30.05 3.02 -23.72
CA ALA F 199 -29.13 2.45 -22.76
C ALA F 199 -29.67 1.11 -22.26
N PRO F 200 -28.82 0.10 -22.08
CA PRO F 200 -29.32 -1.23 -21.74
C PRO F 200 -29.97 -1.26 -20.37
N ALA F 201 -30.92 -2.18 -20.23
CA ALA F 201 -31.56 -2.41 -18.93
C ALA F 201 -30.56 -3.06 -17.97
N VAL F 202 -30.76 -2.82 -16.68
CA VAL F 202 -29.88 -3.34 -15.65
C VAL F 202 -30.66 -4.28 -14.75
N ALA F 203 -29.95 -5.27 -14.20
CA ALA F 203 -30.51 -6.27 -13.29
C ALA F 203 -29.36 -7.03 -12.65
N PRO F 204 -29.50 -7.42 -11.38
CA PRO F 204 -28.43 -8.21 -10.73
C PRO F 204 -28.42 -9.64 -11.23
N THR F 205 -27.28 -10.04 -11.80
CA THR F 205 -27.11 -11.42 -12.25
C THR F 205 -26.50 -12.29 -11.15
N PHE F 206 -25.73 -11.71 -10.25
CA PHE F 206 -25.18 -12.42 -9.11
C PHE F 206 -26.30 -12.83 -8.16
N PRO F 207 -26.45 -14.12 -7.84
CA PRO F 207 -27.53 -14.53 -6.93
C PRO F 207 -27.35 -13.93 -5.55
N GLY F 208 -28.47 -13.57 -4.93
CA GLY F 208 -28.44 -12.94 -3.62
C GLY F 208 -28.12 -11.46 -3.65
N GLU F 209 -28.01 -10.86 -4.82
CA GLU F 209 -27.70 -9.45 -4.97
C GLU F 209 -28.90 -8.71 -5.55
N GLN F 210 -29.07 -7.46 -5.11
CA GLN F 210 -30.08 -6.59 -5.69
C GLN F 210 -29.46 -5.23 -5.99
N LEU F 211 -30.18 -4.44 -6.76
CA LEU F 211 -29.70 -3.10 -7.10
C LEU F 211 -29.77 -2.19 -5.89
N LEU F 212 -28.80 -1.28 -5.81
CA LEU F 212 -28.81 -0.22 -4.81
C LEU F 212 -29.20 1.08 -5.51
N PHE F 213 -30.35 1.63 -5.12
CA PHE F 213 -30.89 2.84 -5.73
C PHE F 213 -30.58 4.05 -4.85
N PHE F 214 -30.13 5.13 -5.50
CA PHE F 214 -30.04 6.43 -4.84
C PHE F 214 -31.40 7.10 -5.00
N ARG F 215 -32.10 7.29 -3.89
CA ARG F 215 -33.53 7.58 -3.89
C ARG F 215 -33.82 8.97 -3.36
N SER F 216 -34.71 9.68 -4.06
CA SER F 216 -35.23 10.97 -3.62
C SER F 216 -36.76 10.91 -3.64
N THR F 217 -37.37 11.87 -2.96
CA THR F 217 -38.82 12.04 -2.98
C THR F 217 -39.12 13.31 -3.77
N MET F 218 -39.74 13.15 -4.92
CA MET F 218 -40.05 14.29 -5.77
C MET F 218 -41.12 15.17 -5.10
N PRO F 219 -41.05 16.49 -5.27
CA PRO F 219 -42.12 17.34 -4.77
C PRO F 219 -43.44 17.01 -5.46
N GLY F 220 -44.53 17.08 -4.70
CA GLY F 220 -45.87 16.82 -5.20
C GLY F 220 -46.67 18.10 -5.24
N CYS F 221 -47.43 18.29 -6.31
CA CYS F 221 -48.21 19.51 -6.50
C CYS F 221 -49.71 19.30 -6.48
N SER F 222 -50.19 18.05 -6.55
CA SER F 222 -51.62 17.76 -6.45
C SER F 222 -51.80 16.24 -6.42
N GLY F 223 -52.93 15.81 -5.86
CA GLY F 223 -53.29 14.40 -5.89
C GLY F 223 -52.46 13.56 -4.94
N TYR F 224 -52.33 12.29 -5.28
CA TYR F 224 -51.59 11.30 -4.49
C TYR F 224 -50.56 10.62 -5.37
N PRO F 225 -49.51 11.34 -5.78
CA PRO F 225 -48.53 10.76 -6.70
C PRO F 225 -47.50 9.89 -5.98
N ASN F 226 -46.89 8.99 -6.76
CA ASN F 226 -45.74 8.24 -6.31
C ASN F 226 -44.52 9.12 -6.47
N MET F 227 -43.99 9.64 -5.36
CA MET F 227 -42.91 10.62 -5.40
C MET F 227 -41.53 9.98 -5.30
N ASP F 228 -41.45 8.66 -5.21
CA ASP F 228 -40.16 7.98 -5.13
C ASP F 228 -39.48 7.97 -6.50
N LEU F 229 -38.26 8.48 -6.55
CA LEU F 229 -37.46 8.49 -7.78
C LEU F 229 -36.09 7.94 -7.47
N ASP F 230 -35.72 6.85 -8.13
CA ASP F 230 -34.47 6.14 -7.88
C ASP F 230 -33.57 6.25 -9.11
N CYS F 231 -32.29 6.55 -8.88
CA CYS F 231 -31.30 6.56 -9.93
C CYS F 231 -30.15 5.62 -9.57
N LEU F 232 -29.48 5.12 -10.62
CA LEU F 232 -28.39 4.17 -10.43
C LEU F 232 -27.07 4.84 -10.12
N LEU F 233 -26.92 6.12 -10.47
CA LEU F 233 -25.68 6.86 -10.25
C LEU F 233 -26.03 8.28 -9.83
N PRO F 234 -25.35 8.83 -8.83
CA PRO F 234 -25.49 10.26 -8.56
C PRO F 234 -24.92 11.07 -9.71
N GLN F 235 -25.49 12.27 -9.90
CA GLN F 235 -24.99 13.15 -10.95
C GLN F 235 -23.54 13.55 -10.68
N GLU F 236 -23.18 13.74 -9.42
CA GLU F 236 -21.79 14.05 -9.09
C GLU F 236 -20.87 12.91 -9.49
N TRP F 237 -21.30 11.67 -9.28
CA TRP F 237 -20.51 10.53 -9.73
C TRP F 237 -20.36 10.53 -11.25
N VAL F 238 -21.40 10.94 -11.97
CA VAL F 238 -21.34 10.97 -13.43
C VAL F 238 -20.32 12.02 -13.89
N GLN F 239 -20.40 13.22 -13.32
CA GLN F 239 -19.44 14.26 -13.67
C GLN F 239 -18.02 13.83 -13.32
N TYR F 240 -17.85 13.17 -12.17
CA TYR F 240 -16.52 12.71 -11.75
C TYR F 240 -15.96 11.68 -12.72
N PHE F 241 -16.77 10.67 -13.06
CA PHE F 241 -16.32 9.65 -14.00
C PHE F 241 -15.98 10.25 -15.35
N TYR F 242 -16.81 11.19 -15.81
CA TYR F 242 -16.56 11.82 -17.11
C TYR F 242 -15.27 12.62 -17.11
N GLN F 243 -14.97 13.30 -16.00
CA GLN F 243 -13.77 14.12 -15.93
C GLN F 243 -12.52 13.25 -15.79
N GLU F 244 -12.52 12.33 -14.83
CA GLU F 244 -11.30 11.60 -14.50
C GLU F 244 -10.90 10.64 -15.62
N ALA F 245 -11.87 10.02 -16.28
CA ALA F 245 -11.61 9.04 -17.33
C ALA F 245 -10.58 8.01 -16.87
N ALA F 246 -10.94 7.26 -15.86
CA ALA F 246 -10.00 6.25 -15.39
C ALA F 246 -10.36 4.90 -16.00
N PRO F 247 -9.41 4.20 -16.61
CA PRO F 247 -9.75 2.91 -17.24
C PRO F 247 -10.13 1.87 -16.19
N ALA F 248 -11.22 1.17 -16.46
CA ALA F 248 -11.68 0.11 -15.58
C ALA F 248 -10.80 -1.12 -15.80
N GLN F 249 -10.02 -1.48 -14.77
CA GLN F 249 -9.15 -2.64 -14.86
C GLN F 249 -9.87 -3.95 -14.58
N SER F 250 -11.14 -3.89 -14.18
CA SER F 250 -11.93 -5.08 -13.91
C SER F 250 -13.38 -4.80 -14.28
N ASP F 251 -14.19 -5.85 -14.26
CA ASP F 251 -15.62 -5.69 -14.52
C ASP F 251 -16.36 -5.08 -13.34
N VAL F 252 -15.81 -5.18 -12.13
CA VAL F 252 -16.48 -4.66 -10.94
C VAL F 252 -15.44 -4.12 -9.96
N ALA F 253 -15.75 -2.96 -9.38
CA ALA F 253 -14.91 -2.30 -8.39
C ALA F 253 -15.60 -2.38 -7.03
N LEU F 254 -14.87 -2.83 -6.02
CA LEU F 254 -15.41 -2.98 -4.68
C LEU F 254 -15.40 -1.63 -3.98
N LEU F 255 -16.59 -1.11 -3.68
CA LEU F 255 -16.74 0.10 -2.90
C LEU F 255 -17.11 -0.26 -1.46
N ARG F 256 -16.66 0.56 -0.52
CA ARG F 256 -16.96 0.38 0.89
C ARG F 256 -17.56 1.65 1.45
N PHE F 257 -18.70 1.54 2.12
CA PHE F 257 -19.30 2.66 2.81
C PHE F 257 -18.60 2.84 4.15
N VAL F 258 -17.93 3.97 4.33
CA VAL F 258 -17.06 4.20 5.48
C VAL F 258 -17.57 5.39 6.27
N ASN F 259 -17.32 5.36 7.58
CA ASN F 259 -17.55 6.51 8.46
C ASN F 259 -16.24 7.27 8.58
N PRO F 260 -16.16 8.53 8.11
CA PRO F 260 -14.84 9.19 8.06
C PRO F 260 -14.28 9.54 9.43
N ASP F 261 -15.12 9.70 10.45
CA ASP F 261 -14.61 10.07 11.77
C ASP F 261 -13.96 8.87 12.46
N THR F 262 -14.67 7.74 12.50
CA THR F 262 -14.16 6.56 13.20
C THR F 262 -13.45 5.57 12.29
N GLY F 263 -13.70 5.61 10.99
CA GLY F 263 -13.09 4.69 10.06
C GLY F 263 -13.80 3.36 9.92
N ARG F 264 -14.88 3.14 10.65
CA ARG F 264 -15.57 1.86 10.63
C ARG F 264 -16.39 1.70 9.35
N VAL F 265 -16.29 0.51 8.75
CA VAL F 265 -17.01 0.19 7.53
C VAL F 265 -18.40 -0.32 7.89
N LEU F 266 -19.41 0.16 7.16
CA LEU F 266 -20.78 -0.29 7.38
C LEU F 266 -21.14 -1.44 6.46
N PHE F 267 -20.91 -1.28 5.15
CA PHE F 267 -21.20 -2.34 4.18
C PHE F 267 -20.32 -2.12 2.96
N GLU F 268 -20.38 -3.07 2.04
CA GLU F 268 -19.69 -2.98 0.77
C GLU F 268 -20.68 -3.21 -0.37
N CYS F 269 -20.33 -2.71 -1.55
CA CYS F 269 -21.20 -2.79 -2.70
C CYS F 269 -20.37 -2.97 -3.96
N LYS F 270 -21.06 -3.29 -5.06
CA LYS F 270 -20.43 -3.58 -6.34
C LYS F 270 -20.73 -2.45 -7.32
N LEU F 271 -19.68 -1.76 -7.76
CA LEU F 271 -19.80 -0.74 -8.80
C LEU F 271 -19.36 -1.37 -10.12
N HIS F 272 -20.33 -1.67 -10.97
CA HIS F 272 -20.04 -2.32 -12.24
C HIS F 272 -19.52 -1.32 -13.26
N LYS F 273 -18.73 -1.81 -14.21
CA LYS F 273 -18.17 -0.96 -15.24
C LYS F 273 -19.25 -0.34 -16.13
N SER F 274 -20.42 -0.98 -16.22
CA SER F 274 -21.50 -0.42 -17.03
C SER F 274 -22.13 0.79 -16.36
N GLY F 275 -22.21 0.80 -15.03
CA GLY F 275 -22.67 1.98 -14.31
C GLY F 275 -23.87 1.75 -13.42
N TYR F 276 -23.79 0.78 -12.52
CA TYR F 276 -24.83 0.57 -11.52
C TYR F 276 -24.22 -0.08 -10.29
N VAL F 277 -24.98 -0.05 -9.19
CA VAL F 277 -24.52 -0.53 -7.90
C VAL F 277 -25.43 -1.65 -7.43
N THR F 278 -24.83 -2.69 -6.83
CA THR F 278 -25.57 -3.80 -6.25
C THR F 278 -25.04 -4.10 -4.85
N VAL F 279 -25.89 -4.73 -4.05
CA VAL F 279 -25.55 -5.14 -2.69
C VAL F 279 -26.09 -6.54 -2.45
N ALA F 280 -25.49 -7.22 -1.47
CA ALA F 280 -25.92 -8.56 -1.08
C ALA F 280 -27.00 -8.43 -0.01
N HIS F 281 -28.26 -8.51 -0.43
CA HIS F 281 -29.40 -8.38 0.47
C HIS F 281 -30.57 -9.14 -0.14
N THR F 282 -31.65 -9.27 0.65
CA THR F 282 -32.89 -9.83 0.14
C THR F 282 -34.06 -9.11 0.79
N GLY F 283 -34.85 -8.39 -0.01
CA GLY F 283 -36.06 -7.74 0.43
C GLY F 283 -35.95 -6.22 0.38
N GLN F 284 -37.11 -5.57 0.42
CA GLN F 284 -37.17 -4.11 0.42
C GLN F 284 -36.67 -3.56 1.75
N HIS F 285 -35.83 -2.52 1.68
CA HIS F 285 -35.14 -2.02 2.86
C HIS F 285 -34.59 -0.63 2.59
N ASP F 286 -34.92 0.32 3.48
CA ASP F 286 -34.32 1.65 3.44
C ASP F 286 -33.11 1.69 4.36
N LEU F 287 -31.94 1.92 3.79
CA LEU F 287 -30.70 1.78 4.53
C LEU F 287 -30.60 2.82 5.63
N VAL F 288 -30.25 2.37 6.83
CA VAL F 288 -29.94 3.28 7.94
C VAL F 288 -28.45 3.53 7.94
N ILE F 289 -28.06 4.80 7.80
CA ILE F 289 -26.67 5.17 7.58
C ILE F 289 -26.34 6.41 8.39
N PRO F 290 -25.07 6.61 8.71
CA PRO F 290 -24.66 7.84 9.37
C PRO F 290 -24.74 9.02 8.42
N PRO F 291 -25.13 10.20 8.91
CA PRO F 291 -25.26 11.36 8.02
C PRO F 291 -23.95 11.78 7.36
N ASN F 292 -22.81 11.37 7.91
CA ASN F 292 -21.51 11.75 7.37
C ASN F 292 -20.87 10.65 6.53
N GLY F 293 -21.56 9.54 6.30
CA GLY F 293 -20.98 8.44 5.57
C GLY F 293 -20.80 8.74 4.09
N TYR F 294 -19.84 8.04 3.49
CA TYR F 294 -19.52 8.20 2.08
C TYR F 294 -19.00 6.89 1.53
N PHE F 295 -18.95 6.79 0.20
CA PHE F 295 -18.46 5.60 -0.49
C PHE F 295 -16.98 5.77 -0.79
N ARG F 296 -16.20 4.72 -0.51
CA ARG F 296 -14.77 4.70 -0.79
C ARG F 296 -14.43 3.49 -1.64
N PHE F 297 -13.61 3.72 -2.67
CA PHE F 297 -13.14 2.65 -3.53
C PHE F 297 -11.89 2.02 -2.93
N ASP F 298 -11.83 0.69 -2.95
CA ASP F 298 -10.73 -0.05 -2.35
C ASP F 298 -9.91 -0.82 -3.37
N SER F 299 -10.55 -1.63 -4.21
CA SER F 299 -9.82 -2.42 -5.21
C SER F 299 -10.78 -2.83 -6.32
N TRP F 300 -10.21 -3.41 -7.37
CA TRP F 300 -10.96 -4.00 -8.46
C TRP F 300 -11.06 -5.50 -8.20
N VAL F 301 -12.28 -6.01 -8.06
CA VAL F 301 -12.49 -7.39 -7.70
C VAL F 301 -13.01 -8.16 -8.92
N ASN F 302 -12.95 -9.48 -8.84
CA ASN F 302 -13.42 -10.32 -9.93
C ASN F 302 -14.94 -10.44 -9.88
N GLN F 303 -15.49 -11.11 -10.89
CA GLN F 303 -16.93 -11.35 -10.93
C GLN F 303 -17.36 -12.38 -9.88
N PHE F 304 -16.45 -13.24 -9.42
CA PHE F 304 -16.78 -14.22 -8.41
C PHE F 304 -16.93 -13.62 -7.02
N TYR F 305 -16.56 -12.35 -6.84
CA TYR F 305 -16.50 -11.74 -5.51
C TYR F 305 -17.87 -11.74 -4.84
N THR F 306 -18.02 -12.57 -3.81
CA THR F 306 -19.24 -12.59 -3.02
C THR F 306 -19.19 -11.46 -2.00
N LEU F 307 -20.14 -10.53 -2.11
CA LEU F 307 -20.20 -9.42 -1.18
C LEU F 307 -20.55 -9.91 0.22
N ALA F 308 -19.92 -9.32 1.23
CA ALA F 308 -20.29 -9.59 2.61
C ALA F 308 -21.72 -9.14 2.84
N PRO F 309 -22.57 -9.96 3.45
CA PRO F 309 -23.98 -9.59 3.59
C PRO F 309 -24.14 -8.30 4.39
N MET F 310 -25.21 -7.57 4.09
CA MET F 310 -25.46 -6.28 4.73
C MET F 310 -26.71 -6.33 5.60
N GLN G 1 -2.31 22.02 3.24
CA GLN G 1 -3.21 23.17 3.13
C GLN G 1 -3.14 24.03 4.37
N VAL G 2 -3.31 23.41 5.54
CA VAL G 2 -3.23 24.09 6.82
C VAL G 2 -2.25 23.33 7.70
N LYS G 3 -1.37 24.06 8.37
CA LYS G 3 -0.38 23.45 9.26
C LYS G 3 -0.50 24.04 10.66
N LEU G 4 -0.29 23.19 11.67
CA LEU G 4 -0.38 23.60 13.06
C LEU G 4 0.93 23.27 13.76
N GLN G 5 1.49 24.26 14.47
CA GLN G 5 2.74 24.11 15.20
C GLN G 5 2.48 24.49 16.65
N GLN G 6 2.60 23.52 17.56
CA GLN G 6 2.35 23.77 18.96
C GLN G 6 3.65 23.82 19.75
N SER G 7 3.53 24.27 21.00
CA SER G 7 4.68 24.57 21.83
C SER G 7 4.24 24.66 23.28
N GLY G 8 5.17 24.35 24.19
CA GLY G 8 4.93 24.59 25.61
C GLY G 8 4.72 23.36 26.47
N GLY G 9 5.27 22.22 26.07
CA GLY G 9 5.21 21.03 26.89
C GLY G 9 6.21 21.08 28.03
N GLY G 10 6.21 20.02 28.84
CA GLY G 10 7.18 19.92 29.91
C GLY G 10 6.70 18.99 31.01
N LEU G 11 7.35 19.11 32.17
CA LEU G 11 7.10 18.27 33.33
C LEU G 11 6.76 19.16 34.51
N VAL G 12 5.70 18.81 35.24
CA VAL G 12 5.16 19.63 36.31
C VAL G 12 4.90 18.74 37.53
N GLN G 13 4.88 19.38 38.74
CA GLN G 13 4.52 18.71 39.97
C GLN G 13 3.02 18.84 40.23
N PRO G 14 2.42 17.86 40.91
CA PRO G 14 0.97 17.89 41.15
C PRO G 14 0.52 19.18 41.81
N GLY G 15 -0.54 19.78 41.26
CA GLY G 15 -1.01 21.07 41.71
C GLY G 15 -0.40 22.25 40.96
N GLY G 16 0.47 22.00 39.99
CA GLY G 16 1.11 23.05 39.23
C GLY G 16 0.31 23.45 38.00
N SER G 17 0.91 24.34 37.22
CA SER G 17 0.26 24.90 36.04
C SER G 17 1.21 24.87 34.85
N LEU G 18 0.62 24.85 33.65
CA LEU G 18 1.37 24.89 32.41
C LEU G 18 0.56 25.66 31.38
N ARG G 19 1.20 25.98 30.26
CA ARG G 19 0.57 26.74 29.19
C ARG G 19 1.09 26.26 27.85
N LEU G 20 0.18 25.85 26.97
CA LEU G 20 0.53 25.50 25.60
C LEU G 20 0.03 26.57 24.63
N SER G 21 0.73 26.68 23.51
CA SER G 21 0.36 27.55 22.41
C SER G 21 0.35 26.75 21.11
N CYS G 22 -0.46 27.18 20.16
CA CYS G 22 -0.53 26.55 18.85
C CYS G 22 -0.75 27.63 17.79
N ALA G 23 0.20 27.77 16.89
CA ALA G 23 0.13 28.72 15.79
C ALA G 23 -0.26 27.98 14.52
N ALA G 24 -1.22 28.55 13.78
CA ALA G 24 -1.71 27.97 12.54
C ALA G 24 -1.18 28.74 11.35
N SER G 25 -0.90 28.02 10.28
CA SER G 25 -0.45 28.57 9.01
C SER G 25 -1.40 28.09 7.92
N GLU G 26 -2.18 29.02 7.38
CA GLU G 26 -3.10 28.74 6.29
C GLU G 26 -2.76 29.67 5.12
N SER G 27 -2.94 29.17 3.89
CA SER G 27 -2.77 30.01 2.72
C SER G 27 -3.72 31.19 2.76
N THR G 28 -4.96 30.95 3.18
CA THR G 28 -5.94 32.01 3.38
C THR G 28 -6.62 31.78 4.72
N ILE G 29 -6.61 32.80 5.57
CA ILE G 29 -7.12 32.68 6.93
C ILE G 29 -8.62 32.48 6.89
N SER G 30 -9.12 31.54 7.70
CA SER G 30 -10.51 31.11 7.63
C SER G 30 -11.19 31.23 8.98
N ILE G 31 -12.53 31.26 8.93
CA ILE G 31 -13.33 31.09 10.13
C ILE G 31 -13.28 29.61 10.52
N ASN G 32 -12.78 29.33 11.72
CA ASN G 32 -12.52 27.95 12.09
C ASN G 32 -12.69 27.77 13.59
N THR G 33 -12.59 26.51 14.01
CA THR G 33 -12.57 26.13 15.42
C THR G 33 -11.19 25.59 15.75
N LEU G 34 -10.49 26.25 16.66
CA LEU G 34 -9.19 25.80 17.13
C LEU G 34 -9.32 25.19 18.51
N GLY G 35 -8.66 24.08 18.75
CA GLY G 35 -8.84 23.41 20.01
C GLY G 35 -7.69 22.49 20.38
N TRP G 36 -7.84 21.89 21.56
CA TRP G 36 -6.88 20.96 22.13
C TRP G 36 -7.62 19.69 22.53
N TYR G 37 -7.02 18.56 22.17
CA TYR G 37 -7.44 17.22 22.55
C TYR G 37 -6.28 16.55 23.29
N ARG G 38 -6.56 15.42 23.93
CA ARG G 38 -5.51 14.72 24.65
C ARG G 38 -5.76 13.22 24.60
N GLN G 39 -4.67 12.45 24.66
CA GLN G 39 -4.73 11.00 24.73
C GLN G 39 -3.77 10.50 25.80
N ALA G 40 -4.29 9.68 26.72
CA ALA G 40 -3.56 9.06 27.82
C ALA G 40 -2.99 7.72 27.37
N PRO G 41 -1.99 7.18 28.09
CA PRO G 41 -1.41 5.88 27.69
C PRO G 41 -2.45 4.78 27.66
N GLY G 42 -2.56 4.12 26.51
CA GLY G 42 -3.55 3.08 26.33
C GLY G 42 -4.98 3.55 26.38
N ASN G 43 -5.22 4.84 26.18
CA ASN G 43 -6.55 5.43 26.29
C ASN G 43 -6.97 6.02 24.97
N GLN G 44 -8.25 6.38 24.88
CA GLN G 44 -8.80 6.98 23.67
C GLN G 44 -8.55 8.48 23.65
N ARG G 45 -8.56 9.03 22.44
CA ARG G 45 -8.45 10.48 22.28
C ARG G 45 -9.74 11.15 22.72
N GLU G 46 -9.62 12.24 23.46
CA GLU G 46 -10.77 12.97 23.98
C GLU G 46 -10.53 14.46 23.87
N LEU G 47 -11.62 15.21 23.71
CA LEU G 47 -11.55 16.66 23.65
C LEU G 47 -11.28 17.23 25.04
N VAL G 48 -10.52 18.32 25.10
CA VAL G 48 -10.35 19.08 26.33
C VAL G 48 -10.86 20.51 26.20
N ALA G 49 -10.62 21.17 25.06
CA ALA G 49 -11.12 22.54 24.97
C ALA G 49 -11.07 23.05 23.55
N THR G 50 -12.14 23.73 23.12
CA THR G 50 -12.19 24.36 21.80
C THR G 50 -12.69 25.78 21.90
N ILE G 51 -12.28 26.60 20.94
CA ILE G 51 -12.70 27.99 20.82
C ILE G 51 -12.87 28.34 19.36
N THR G 52 -13.89 29.14 19.07
CA THR G 52 -14.22 29.55 17.71
C THR G 52 -13.74 30.97 17.44
N THR G 53 -13.86 31.38 16.18
CA THR G 53 -13.45 32.74 15.79
C THR G 53 -14.23 33.79 16.57
N GLY G 54 -15.53 33.56 16.80
CA GLY G 54 -16.31 34.51 17.56
C GLY G 54 -15.99 34.51 19.04
N GLY G 55 -15.47 33.40 19.55
CA GLY G 55 -15.08 33.31 20.94
C GLY G 55 -15.81 32.27 21.74
N THR G 56 -16.64 31.46 21.09
CA THR G 56 -17.39 30.42 21.79
C THR G 56 -16.45 29.35 22.34
N THR G 57 -16.55 29.07 23.63
CA THR G 57 -15.70 28.09 24.29
C THR G 57 -16.48 26.81 24.58
N ASN G 58 -15.80 25.68 24.46
CA ASN G 58 -16.38 24.38 24.79
C ASN G 58 -15.35 23.59 25.56
N TYR G 59 -15.70 23.15 26.77
CA TYR G 59 -14.79 22.43 27.64
C TYR G 59 -15.33 21.03 27.92
N ALA G 60 -14.42 20.11 28.18
CA ALA G 60 -14.78 18.81 28.75
C ALA G 60 -15.10 18.99 30.23
N ASP G 61 -16.10 18.27 30.71
CA ASP G 61 -16.61 18.49 32.06
C ASP G 61 -15.55 18.27 33.14
N SER G 62 -14.47 17.55 32.83
CA SER G 62 -13.45 17.28 33.84
C SER G 62 -12.52 18.47 34.07
N VAL G 63 -12.38 19.36 33.08
CA VAL G 63 -11.39 20.42 33.14
C VAL G 63 -12.02 21.80 33.29
N LYS G 64 -13.34 21.87 33.47
CA LYS G 64 -14.01 23.16 33.60
C LYS G 64 -13.57 23.87 34.88
N GLY G 65 -13.19 25.14 34.74
CA GLY G 65 -12.75 25.92 35.88
C GLY G 65 -11.25 25.99 36.02
N ARG G 66 -10.60 24.84 35.86
CA ARG G 66 -9.13 24.79 35.98
C ARG G 66 -8.45 25.16 34.68
N PHE G 67 -8.96 24.69 33.55
CA PHE G 67 -8.38 24.94 32.24
C PHE G 67 -9.06 26.13 31.59
N THR G 68 -8.28 26.95 30.90
CA THR G 68 -8.80 28.15 30.25
C THR G 68 -8.23 28.26 28.85
N ILE G 69 -9.10 28.30 27.85
CA ILE G 69 -8.70 28.42 26.46
C ILE G 69 -8.80 29.89 26.05
N SER G 70 -7.82 30.35 25.27
CA SER G 70 -7.78 31.71 24.77
C SER G 70 -7.42 31.68 23.29
N ARG G 71 -7.76 32.77 22.60
CA ARG G 71 -7.59 32.80 21.15
C ARG G 71 -7.18 34.20 20.70
N ASP G 72 -6.39 34.23 19.63
CA ASP G 72 -6.03 35.47 18.95
C ASP G 72 -6.37 35.28 17.47
N ASN G 73 -7.40 36.00 17.02
CA ASN G 73 -7.86 35.88 15.64
C ASN G 73 -6.86 36.52 14.67
N ALA G 74 -6.31 37.67 15.04
CA ALA G 74 -5.36 38.36 14.15
C ALA G 74 -4.08 37.57 13.98
N LYS G 75 -3.60 36.93 15.05
CA LYS G 75 -2.41 36.09 14.99
C LYS G 75 -2.73 34.64 14.65
N ASN G 76 -4.02 34.28 14.61
CA ASN G 76 -4.45 32.91 14.31
C ASN G 76 -3.81 31.90 15.26
N THR G 77 -3.79 32.25 16.56
CA THR G 77 -3.07 31.45 17.54
C THR G 77 -3.99 31.09 18.70
N VAL G 78 -3.93 29.83 19.13
CA VAL G 78 -4.73 29.37 20.26
C VAL G 78 -3.80 29.10 21.44
N TYR G 79 -4.32 29.34 22.64
CA TYR G 79 -3.57 29.14 23.87
C TYR G 79 -4.42 28.33 24.84
N LEU G 80 -3.76 27.47 25.62
CA LEU G 80 -4.44 26.68 26.65
C LEU G 80 -3.65 26.78 27.93
N GLN G 81 -4.27 27.34 28.97
CA GLN G 81 -3.65 27.49 30.28
C GLN G 81 -4.28 26.47 31.23
N MET G 82 -3.49 25.48 31.64
CA MET G 82 -3.94 24.49 32.59
C MET G 82 -3.44 24.86 33.99
N ASN G 83 -4.37 25.08 34.91
CA ASN G 83 -4.04 25.32 36.30
C ASN G 83 -4.59 24.18 37.16
N ASN G 84 -3.98 23.99 38.33
CA ASN G 84 -4.36 22.93 39.26
C ASN G 84 -4.30 21.57 38.59
N LEU G 85 -3.13 21.26 38.03
CA LEU G 85 -2.95 20.03 37.28
C LEU G 85 -2.98 18.82 38.20
N GLU G 86 -3.66 17.76 37.75
CA GLU G 86 -3.83 16.53 38.49
C GLU G 86 -3.03 15.40 37.86
N PRO G 87 -2.65 14.38 38.63
CA PRO G 87 -1.95 13.22 38.04
C PRO G 87 -2.73 12.55 36.91
N GLY G 88 -4.06 12.68 36.89
CA GLY G 88 -4.84 12.13 35.80
C GLY G 88 -4.80 12.91 34.51
N ASP G 89 -4.02 13.99 34.45
CA ASP G 89 -3.90 14.79 33.25
C ASP G 89 -2.65 14.47 32.43
N THR G 90 -1.86 13.48 32.85
CA THR G 90 -0.67 13.07 32.12
C THR G 90 -1.08 12.45 30.79
N ALA G 91 -0.71 13.10 29.69
CA ALA G 91 -1.16 12.66 28.37
C ALA G 91 -0.40 13.42 27.29
N VAL G 92 -0.65 13.02 26.04
CA VAL G 92 -0.16 13.74 24.87
C VAL G 92 -1.29 14.65 24.38
N TYR G 93 -1.01 15.94 24.30
CA TYR G 93 -1.98 16.93 23.90
C TYR G 93 -1.74 17.33 22.44
N TYR G 94 -2.80 17.31 21.65
CA TYR G 94 -2.76 17.63 20.23
C TYR G 94 -3.56 18.89 19.97
N CYS G 95 -3.07 19.70 19.03
CA CYS G 95 -3.76 20.91 18.59
C CYS G 95 -4.52 20.61 17.30
N ASN G 96 -5.76 21.09 17.21
CA ASN G 96 -6.66 20.76 16.12
C ASN G 96 -7.29 22.02 15.56
N LEU G 97 -7.44 22.05 14.23
CA LEU G 97 -8.16 23.11 13.55
C LEU G 97 -9.21 22.49 12.65
N LYS G 98 -10.43 23.04 12.68
CA LYS G 98 -11.51 22.56 11.83
C LYS G 98 -12.14 23.76 11.13
N ARG G 99 -12.10 23.74 9.80
CA ARG G 99 -12.72 24.75 8.96
C ARG G 99 -13.69 24.08 8.00
N ARG G 100 -14.30 24.89 7.12
CA ARG G 100 -15.34 24.40 6.22
C ARG G 100 -14.71 23.87 4.94
N ASP G 101 -13.95 22.79 5.10
CA ASP G 101 -13.34 22.08 3.98
C ASP G 101 -13.62 20.58 4.12
N LEU G 102 -13.08 19.81 3.18
CA LEU G 102 -13.31 18.37 3.19
C LEU G 102 -12.64 17.69 4.38
N GLN G 103 -11.42 18.13 4.71
CA GLN G 103 -10.67 17.54 5.82
C GLN G 103 -11.46 17.53 7.12
N SER G 104 -12.41 18.46 7.28
CA SER G 104 -13.18 18.52 8.52
C SER G 104 -13.94 17.23 8.78
N ARG G 105 -14.30 16.48 7.73
CA ARG G 105 -14.98 15.21 7.93
C ARG G 105 -14.08 14.23 8.68
N PHE G 106 -12.78 14.26 8.40
CA PHE G 106 -11.84 13.29 8.94
C PHE G 106 -11.16 13.77 10.22
N GLY G 107 -11.74 14.77 10.89
CA GLY G 107 -11.18 15.30 12.11
C GLY G 107 -10.36 16.56 11.99
N GLY G 108 -10.36 17.20 10.82
CA GLY G 108 -9.61 18.42 10.65
C GLY G 108 -8.11 18.20 10.60
N TYR G 109 -7.38 19.29 10.87
CA TYR G 109 -5.93 19.30 10.84
C TYR G 109 -5.38 19.15 12.24
N TRP G 110 -4.19 18.55 12.35
CA TRP G 110 -3.61 18.20 13.64
C TRP G 110 -2.22 18.79 13.78
N GLY G 111 -1.84 19.08 15.02
CA GLY G 111 -0.50 19.49 15.35
C GLY G 111 0.40 18.30 15.61
N GLN G 112 1.66 18.61 15.94
CA GLN G 112 2.65 17.56 16.18
C GLN G 112 2.33 16.77 17.44
N GLY G 113 1.96 17.46 18.51
CA GLY G 113 1.70 16.82 19.80
C GLY G 113 2.75 17.21 20.82
N THR G 114 2.32 17.37 22.07
CA THR G 114 3.21 17.70 23.17
C THR G 114 2.90 16.81 24.36
N GLN G 115 3.93 16.28 25.00
CA GLN G 115 3.74 15.45 26.19
C GLN G 115 3.58 16.32 27.43
N VAL G 116 2.72 15.88 28.34
CA VAL G 116 2.53 16.54 29.62
C VAL G 116 2.48 15.47 30.71
N THR G 117 3.33 15.64 31.72
CA THR G 117 3.48 14.64 32.78
C THR G 117 3.29 15.29 34.15
N VAL G 118 2.54 14.62 35.00
CA VAL G 118 2.31 15.10 36.36
C VAL G 118 2.74 14.03 37.37
N GLN H 1 -8.54 4.33 -22.21
CA GLN H 1 -9.93 3.88 -22.18
C GLN H 1 -10.20 2.94 -23.34
N VAL H 2 -9.82 3.40 -24.53
CA VAL H 2 -10.03 2.65 -25.78
C VAL H 2 -8.68 2.43 -26.43
N LYS H 3 -8.45 1.20 -26.89
CA LYS H 3 -7.25 0.87 -27.65
C LYS H 3 -7.65 0.51 -29.08
N LEU H 4 -6.81 0.87 -30.04
CA LEU H 4 -7.08 0.60 -31.45
C LEU H 4 -5.87 -0.08 -32.07
N GLN H 5 -6.10 -1.17 -32.79
CA GLN H 5 -5.03 -1.92 -33.45
C GLN H 5 -5.30 -1.93 -34.95
N GLN H 6 -4.35 -1.42 -35.73
CA GLN H 6 -4.48 -1.35 -37.17
C GLN H 6 -3.67 -2.46 -37.85
N SER H 7 -4.06 -2.78 -39.07
CA SER H 7 -3.30 -3.73 -39.88
C SER H 7 -3.69 -3.56 -41.34
N GLY H 8 -2.78 -3.94 -42.23
CA GLY H 8 -3.05 -3.97 -43.65
C GLY H 8 -2.32 -2.94 -44.49
N GLY H 9 -1.33 -2.25 -43.95
CA GLY H 9 -0.59 -1.27 -44.74
C GLY H 9 0.50 -1.94 -45.55
N GLY H 10 0.59 -1.58 -46.83
CA GLY H 10 1.57 -2.18 -47.70
C GLY H 10 1.88 -1.31 -48.90
N LEU H 11 2.42 -1.94 -49.94
CA LEU H 11 2.80 -1.28 -51.17
C LEU H 11 2.00 -1.88 -52.33
N VAL H 12 1.56 -1.02 -53.24
CA VAL H 12 0.76 -1.43 -54.38
C VAL H 12 1.45 -1.00 -55.66
N GLN H 13 0.90 -1.46 -56.78
CA GLN H 13 1.18 -1.00 -58.12
C GLN H 13 0.01 -0.15 -58.60
N PRO H 14 0.27 0.91 -59.34
CA PRO H 14 -0.83 1.77 -59.81
C PRO H 14 -1.94 0.97 -60.47
N GLY H 15 -3.17 1.17 -59.97
CA GLY H 15 -4.29 0.34 -60.34
C GLY H 15 -4.50 -0.87 -59.46
N GLY H 16 -3.74 -1.01 -58.37
CA GLY H 16 -3.85 -2.13 -57.48
C GLY H 16 -4.92 -1.92 -56.41
N SER H 17 -4.95 -2.85 -55.45
CA SER H 17 -5.95 -2.84 -54.41
C SER H 17 -5.30 -3.11 -53.06
N LEU H 18 -5.96 -2.63 -52.00
CA LEU H 18 -5.50 -2.84 -50.64
C LEU H 18 -6.71 -2.91 -49.71
N ARG H 19 -6.48 -3.46 -48.51
CA ARG H 19 -7.52 -3.53 -47.47
C ARG H 19 -6.90 -3.26 -46.12
N LEU H 20 -7.43 -2.26 -45.42
CA LEU H 20 -7.02 -1.92 -44.07
C LEU H 20 -8.09 -2.39 -43.09
N SER H 21 -7.65 -2.80 -41.90
CA SER H 21 -8.55 -3.32 -40.88
C SER H 21 -8.14 -2.80 -39.52
N CYS H 22 -9.13 -2.36 -38.75
CA CYS H 22 -8.89 -1.70 -37.46
C CYS H 22 -9.82 -2.32 -36.42
N ALA H 23 -9.23 -2.88 -35.36
CA ALA H 23 -9.97 -3.49 -34.28
C ALA H 23 -9.92 -2.59 -33.05
N ALA H 24 -11.07 -2.40 -32.42
CA ALA H 24 -11.18 -1.54 -31.24
C ALA H 24 -11.40 -2.38 -30.00
N SER H 25 -10.88 -1.89 -28.87
CA SER H 25 -10.99 -2.56 -27.58
C SER H 25 -11.42 -1.52 -26.55
N GLU H 26 -12.67 -1.63 -26.09
CA GLU H 26 -13.18 -0.88 -24.96
C GLU H 26 -13.69 -1.87 -23.92
N SER H 27 -13.67 -1.45 -22.65
CA SER H 27 -14.21 -2.29 -21.58
C SER H 27 -15.71 -2.52 -21.79
N THR H 28 -16.41 -1.51 -22.28
CA THR H 28 -17.82 -1.62 -22.64
C THR H 28 -18.01 -1.03 -24.03
N ILE H 29 -18.52 -1.85 -24.95
CA ILE H 29 -18.71 -1.39 -26.32
C ILE H 29 -19.77 -0.31 -26.35
N SER H 30 -19.48 0.80 -27.03
CA SER H 30 -20.32 1.98 -27.04
C SER H 30 -20.81 2.28 -28.45
N ILE H 31 -21.75 3.20 -28.54
CA ILE H 31 -22.17 3.76 -29.83
C ILE H 31 -21.16 4.85 -30.20
N ASN H 32 -20.48 4.65 -31.33
CA ASN H 32 -19.37 5.53 -31.68
C ASN H 32 -19.24 5.60 -33.20
N THR H 33 -18.31 6.45 -33.64
CA THR H 33 -17.95 6.57 -35.05
C THR H 33 -16.53 6.06 -35.22
N LEU H 34 -16.36 5.07 -36.09
CA LEU H 34 -15.03 4.57 -36.45
C LEU H 34 -14.73 4.99 -37.88
N GLY H 35 -13.50 5.44 -38.12
CA GLY H 35 -13.19 6.01 -39.41
C GLY H 35 -11.71 5.92 -39.76
N TRP H 36 -11.44 6.30 -41.01
CA TRP H 36 -10.11 6.29 -41.60
C TRP H 36 -9.80 7.68 -42.12
N TYR H 37 -8.61 8.17 -41.78
CA TYR H 37 -8.06 9.42 -42.29
C TYR H 37 -6.69 9.13 -42.90
N ARG H 38 -6.15 10.10 -43.62
CA ARG H 38 -4.83 9.95 -44.21
C ARG H 38 -4.08 11.27 -44.16
N GLN H 39 -2.76 11.17 -44.19
CA GLN H 39 -1.89 12.34 -44.22
C GLN H 39 -0.76 12.10 -45.21
N ALA H 40 -0.58 13.04 -46.13
CA ALA H 40 0.35 12.99 -47.24
C ALA H 40 1.55 13.88 -46.98
N PRO H 41 2.66 13.70 -47.72
CA PRO H 41 3.82 14.57 -47.53
C PRO H 41 3.50 16.02 -47.84
N GLY H 42 3.93 16.91 -46.94
CA GLY H 42 3.75 18.34 -47.14
C GLY H 42 2.30 18.76 -47.07
N ASN H 43 1.42 17.83 -46.72
CA ASN H 43 -0.01 18.07 -46.64
C ASN H 43 -0.51 17.71 -45.25
N GLN H 44 -1.65 18.28 -44.88
CA GLN H 44 -2.22 18.09 -43.56
C GLN H 44 -3.09 16.84 -43.53
N ARG H 45 -3.70 16.59 -42.36
CA ARG H 45 -4.56 15.43 -42.19
C ARG H 45 -5.88 15.65 -42.91
N GLU H 46 -6.33 14.64 -43.65
CA GLU H 46 -7.57 14.73 -44.41
C GLU H 46 -8.39 13.46 -44.22
N LEU H 47 -9.68 13.57 -44.49
CA LEU H 47 -10.60 12.47 -44.28
C LEU H 47 -10.52 11.46 -45.42
N VAL H 48 -10.67 10.18 -45.07
CA VAL H 48 -10.88 9.11 -46.05
C VAL H 48 -12.33 8.63 -46.03
N ALA H 49 -12.76 8.05 -44.91
CA ALA H 49 -14.14 7.56 -44.82
C ALA H 49 -14.45 7.15 -43.39
N THR H 50 -15.64 7.51 -42.91
CA THR H 50 -16.07 7.15 -41.57
C THR H 50 -17.43 6.44 -41.63
N ILE H 51 -17.71 5.65 -40.59
CA ILE H 51 -18.97 4.94 -40.46
C ILE H 51 -19.33 4.86 -38.98
N THR H 52 -20.63 4.99 -38.69
CA THR H 52 -21.14 4.99 -37.33
C THR H 52 -21.70 3.61 -36.97
N THR H 53 -22.16 3.48 -35.72
CA THR H 53 -22.75 2.23 -35.27
C THR H 53 -24.03 1.92 -36.03
N GLY H 54 -24.87 2.94 -36.25
CA GLY H 54 -26.12 2.72 -36.95
C GLY H 54 -25.94 2.31 -38.41
N GLY H 55 -24.86 2.77 -39.04
CA GLY H 55 -24.60 2.42 -40.43
C GLY H 55 -24.42 3.62 -41.33
N THR H 56 -24.42 4.82 -40.77
CA THR H 56 -24.21 6.03 -41.57
C THR H 56 -22.78 6.09 -42.08
N THR H 57 -22.62 6.31 -43.38
CA THR H 57 -21.31 6.39 -44.01
C THR H 57 -21.05 7.81 -44.48
N ASN H 58 -19.77 8.19 -44.48
CA ASN H 58 -19.34 9.47 -45.04
C ASN H 58 -18.00 9.26 -45.73
N TYR H 59 -17.95 9.58 -47.02
CA TYR H 59 -16.76 9.39 -47.82
C TYR H 59 -16.18 10.74 -48.23
N ALA H 60 -14.88 10.77 -48.48
CA ALA H 60 -14.23 11.95 -49.02
C ALA H 60 -14.38 11.97 -50.53
N ASP H 61 -14.57 13.17 -51.08
CA ASP H 61 -14.80 13.31 -52.51
C ASP H 61 -13.66 12.73 -53.34
N SER H 62 -12.43 12.79 -52.80
CA SER H 62 -11.29 12.28 -53.54
C SER H 62 -11.36 10.77 -53.74
N VAL H 63 -12.09 10.07 -52.88
CA VAL H 63 -12.05 8.62 -52.85
C VAL H 63 -13.42 8.00 -53.05
N LYS H 64 -14.42 8.80 -53.40
CA LYS H 64 -15.77 8.28 -53.62
C LYS H 64 -15.78 7.34 -54.82
N GLY H 65 -16.45 6.21 -54.66
CA GLY H 65 -16.57 5.21 -55.71
C GLY H 65 -15.49 4.16 -55.71
N ARG H 66 -14.24 4.57 -55.46
CA ARG H 66 -13.12 3.64 -55.42
C ARG H 66 -12.94 2.99 -54.06
N PHE H 67 -13.13 3.74 -52.97
CA PHE H 67 -12.95 3.23 -51.63
C PHE H 67 -14.29 2.89 -51.02
N THR H 68 -14.29 1.85 -50.17
CA THR H 68 -15.53 1.38 -49.53
C THR H 68 -15.22 1.05 -48.08
N ILE H 69 -15.96 1.66 -47.16
CA ILE H 69 -15.81 1.39 -45.74
C ILE H 69 -16.91 0.46 -45.28
N SER H 70 -16.58 -0.42 -44.33
CA SER H 70 -17.52 -1.37 -43.77
C SER H 70 -17.21 -1.52 -42.29
N ARG H 71 -18.15 -2.11 -41.55
CA ARG H 71 -18.05 -2.16 -40.10
C ARG H 71 -18.78 -3.37 -39.57
N ASP H 72 -18.28 -3.89 -38.45
CA ASP H 72 -18.93 -4.98 -37.71
C ASP H 72 -18.98 -4.59 -36.24
N ASN H 73 -20.20 -4.42 -35.73
CA ASN H 73 -20.38 -4.05 -34.32
C ASN H 73 -20.04 -5.20 -33.39
N ALA H 74 -20.31 -6.43 -33.81
CA ALA H 74 -20.11 -7.59 -32.93
C ALA H 74 -18.65 -7.71 -32.51
N LYS H 75 -17.73 -7.56 -33.44
CA LYS H 75 -16.31 -7.53 -33.12
C LYS H 75 -15.78 -6.11 -32.94
N ASN H 76 -16.61 -5.10 -33.21
CA ASN H 76 -16.23 -3.68 -33.06
C ASN H 76 -15.04 -3.35 -33.95
N THR H 77 -15.08 -3.79 -35.20
CA THR H 77 -13.98 -3.59 -36.13
C THR H 77 -14.46 -2.91 -37.40
N VAL H 78 -13.58 -2.09 -37.98
CA VAL H 78 -13.86 -1.42 -39.24
C VAL H 78 -12.89 -1.91 -40.30
N TYR H 79 -13.35 -1.87 -41.55
CA TYR H 79 -12.57 -2.29 -42.71
C TYR H 79 -12.68 -1.22 -43.78
N LEU H 80 -11.58 -1.06 -44.53
CA LEU H 80 -11.50 -0.09 -45.62
C LEU H 80 -10.89 -0.78 -46.82
N GLN H 81 -11.71 -0.97 -47.87
CA GLN H 81 -11.27 -1.57 -49.11
C GLN H 81 -10.97 -0.46 -50.10
N MET H 82 -9.70 -0.32 -50.48
CA MET H 82 -9.25 0.72 -51.40
C MET H 82 -8.93 0.06 -52.72
N ASN H 83 -9.75 0.33 -53.74
CA ASN H 83 -9.59 -0.26 -55.06
C ASN H 83 -9.15 0.81 -56.05
N ASN H 84 -8.48 0.36 -57.11
CA ASN H 84 -7.96 1.23 -58.17
C ASN H 84 -7.03 2.30 -57.57
N LEU H 85 -6.01 1.83 -56.86
CA LEU H 85 -5.09 2.73 -56.17
C LEU H 85 -4.20 3.44 -57.19
N GLU H 86 -3.77 4.64 -56.83
CA GLU H 86 -3.03 5.51 -57.73
C GLU H 86 -2.03 6.31 -56.90
N PRO H 87 -1.04 6.94 -57.55
CA PRO H 87 -0.04 7.72 -56.79
C PRO H 87 -0.62 8.73 -55.82
N GLY H 88 -1.82 9.25 -56.09
CA GLY H 88 -2.44 10.21 -55.18
C GLY H 88 -2.92 9.64 -53.86
N ASP H 89 -2.78 8.34 -53.65
CA ASP H 89 -3.27 7.67 -52.45
C ASP H 89 -2.17 7.22 -51.50
N THR H 90 -0.91 7.51 -51.82
CA THR H 90 0.20 7.14 -50.94
C THR H 90 0.26 8.11 -49.76
N ALA H 91 0.01 7.60 -48.56
CA ALA H 91 -0.07 8.43 -47.37
C ALA H 91 -0.05 7.54 -46.14
N VAL H 92 0.02 8.17 -44.97
CA VAL H 92 -0.11 7.48 -43.70
C VAL H 92 -1.57 7.44 -43.32
N TYR H 93 -2.12 6.24 -43.15
CA TYR H 93 -3.54 6.05 -42.88
C TYR H 93 -3.76 5.78 -41.41
N TYR H 94 -4.60 6.58 -40.78
CA TYR H 94 -4.89 6.49 -39.35
C TYR H 94 -6.33 6.05 -39.13
N CYS H 95 -6.53 5.23 -38.10
CA CYS H 95 -7.85 4.79 -37.67
C CYS H 95 -8.27 5.59 -36.44
N ASN H 96 -9.55 5.96 -36.40
CA ASN H 96 -10.05 6.85 -35.36
C ASN H 96 -11.37 6.34 -34.81
N LEU H 97 -11.55 6.46 -33.49
CA LEU H 97 -12.80 6.14 -32.82
C LEU H 97 -13.24 7.34 -32.01
N LYS H 98 -14.51 7.72 -32.13
CA LYS H 98 -15.07 8.85 -31.41
C LYS H 98 -16.38 8.44 -30.76
N ARG H 99 -16.41 8.48 -29.43
CA ARG H 99 -17.60 8.19 -28.65
C ARG H 99 -17.93 9.40 -27.77
N ARG H 100 -18.90 9.23 -26.88
CA ARG H 100 -19.38 10.34 -26.05
C ARG H 100 -18.63 10.37 -24.72
N ASP H 101 -17.36 10.77 -24.81
CA ASP H 101 -16.51 10.96 -23.64
C ASP H 101 -15.78 12.29 -23.78
N LEU H 102 -14.89 12.56 -22.82
CA LEU H 102 -14.12 13.81 -22.85
C LEU H 102 -13.20 13.85 -24.05
N GLN H 103 -12.54 12.73 -24.36
CA GLN H 103 -11.57 12.66 -25.44
C GLN H 103 -12.11 13.18 -26.77
N SER H 104 -13.44 13.17 -26.94
CA SER H 104 -14.02 13.61 -28.21
C SER H 104 -13.71 15.07 -28.50
N ARG H 105 -13.54 15.90 -27.47
CA ARG H 105 -13.16 17.29 -27.72
C ARG H 105 -11.79 17.38 -28.38
N PHE H 106 -10.91 16.43 -28.09
CA PHE H 106 -9.54 16.47 -28.57
C PHE H 106 -9.31 15.59 -29.79
N GLY H 107 -10.37 15.05 -30.38
CA GLY H 107 -10.29 14.27 -31.60
C GLY H 107 -10.55 12.79 -31.45
N GLY H 108 -10.73 12.29 -30.24
CA GLY H 108 -10.97 10.87 -30.03
C GLY H 108 -9.67 10.10 -29.88
N TYR H 109 -9.78 8.80 -30.10
CA TYR H 109 -8.66 7.89 -29.99
C TYR H 109 -8.11 7.53 -31.37
N TRP H 110 -6.81 7.30 -31.43
CA TRP H 110 -6.12 7.03 -32.69
C TRP H 110 -5.34 5.73 -32.60
N GLY H 111 -5.13 5.12 -33.76
CA GLY H 111 -4.22 3.99 -33.89
C GLY H 111 -2.91 4.40 -34.53
N GLN H 112 -2.03 3.42 -34.68
CA GLN H 112 -0.74 3.68 -35.32
C GLN H 112 -0.93 3.85 -36.82
N GLY H 113 -0.43 4.97 -37.36
CA GLY H 113 -0.50 5.17 -38.79
C GLY H 113 0.23 4.08 -39.55
N THR H 114 -0.26 3.79 -40.75
CA THR H 114 0.25 2.69 -41.55
C THR H 114 0.66 3.17 -42.92
N GLN H 115 1.64 2.48 -43.51
CA GLN H 115 2.10 2.73 -44.87
C GLN H 115 2.58 4.17 -45.06
#